data_6TTI
#
_entry.id   6TTI
#
_cell.length_a   1.00
_cell.length_b   1.00
_cell.length_c   1.00
_cell.angle_alpha   90.00
_cell.angle_beta   90.00
_cell.angle_gamma   90.00
#
_symmetry.space_group_name_H-M   'P 1'
#
loop_
_entity.id
_entity.type
_entity.pdbx_description
1 polymer 'Pyruvate kinase PKM'
2 non-polymer ~{N}-[3-(trifluoromethyl)-1,2-oxazol-5-yl]ethanamide
3 non-polymer 1,6-di-O-phosphono-beta-D-fructofuranose
4 non-polymer 'DIMETHYL SULFOXIDE'
5 water water
#
_entity_poly.entity_id   1
_entity_poly.type   'polypeptide(L)'
_entity_poly.pdbx_seq_one_letter_code
;MGSSHHHHHHSSGLVPRGSKPHSEAGTAFIQTQQLHAAMADTFLEHMCRLDIDSPPITARNTGIICTIGPASRSVETLKE
MIKSGMNVARLNFSHGTHEYHAETIKNVRTATESFASDPILYRPVAVALDTKGPEIRTGLIKGSGTAEVELKKGATLKIT
LDNAYMEKCDENILWLDYKNICKVVEVGSKIYVDDGLISLQVKQKGADFLVTEVENGGSLGSKKGVNLPGAAVDLPAVSE
KDIQDLKFGVEQDVDMVFASFIRKASDVHEVRKVLGEKGKNIKIISKIENHEGVRRFDEILEASDGIMVARGDLGIEIPA
EKVFLAQKMMIGRCNRAGKPVICATQMLESMIKKPRPTRAEGSDVANAVLDGADCIMLSGETAKGDYPLEAVRMQHLIAR
EAEAAIYHLQLFEELRRLAPITSDPTEATAVGAVEASFKCCSGAIIVLTKSGRSAHQVARYRPRAPIIAVTRNPQTARQA
HLYRGIFPVLCKDPVQEAWAEDVDLRVNFAMNVGKARGFFKKGDVVIVLTGWRPGSGFTNTMRVVPVP
;
_entity_poly.pdbx_strand_id   A,B,C,D
#
# COMPACT_ATOMS: atom_id res chain seq x y z
N HIS A 36 -21.60 -1.44 11.40
CA HIS A 36 -20.99 -1.41 10.04
C HIS A 36 -19.48 -1.70 10.13
N ALA A 37 -19.06 -2.85 9.62
CA ALA A 37 -17.64 -3.28 9.64
C ALA A 37 -16.85 -2.66 8.48
N ALA A 38 -15.57 -2.40 8.73
CA ALA A 38 -14.62 -1.83 7.74
C ALA A 38 -14.39 -2.80 6.58
N MET A 39 -14.02 -2.24 5.43
CA MET A 39 -13.63 -2.99 4.23
C MET A 39 -12.30 -3.71 4.49
N ALA A 40 -12.13 -4.85 3.82
CA ALA A 40 -10.91 -5.67 3.86
C ALA A 40 -9.67 -4.85 3.49
N ASP A 41 -8.51 -5.25 4.03
CA ASP A 41 -7.21 -4.59 3.80
C ASP A 41 -6.50 -4.91 2.48
N THR A 42 -6.87 -6.00 1.83
CA THR A 42 -6.30 -6.37 0.52
C THR A 42 -7.45 -6.67 -0.46
N PHE A 43 -7.13 -6.61 -1.75
CA PHE A 43 -8.04 -6.97 -2.84
C PHE A 43 -8.46 -8.45 -2.77
N LEU A 44 -7.54 -9.35 -2.44
CA LEU A 44 -7.87 -10.78 -2.35
C LEU A 44 -8.84 -11.03 -1.18
N GLU A 45 -8.65 -10.36 -0.06
CA GLU A 45 -9.52 -10.54 1.09
C GLU A 45 -10.93 -9.99 0.81
N HIS A 46 -11.03 -8.89 0.04
CA HIS A 46 -12.28 -8.27 -0.39
C HIS A 46 -13.11 -9.26 -1.21
N MET A 47 -12.53 -9.85 -2.27
CA MET A 47 -13.15 -10.91 -3.09
C MET A 47 -13.71 -12.02 -2.18
N CYS A 48 -12.89 -12.60 -1.28
CA CYS A 48 -13.27 -13.76 -0.44
C CYS A 48 -14.50 -13.44 0.43
N ARG A 49 -14.81 -12.16 0.62
CA ARG A 49 -15.86 -11.76 1.56
C ARG A 49 -17.18 -11.42 0.86
N LEU A 50 -17.24 -11.46 -0.47
CA LEU A 50 -18.51 -11.16 -1.19
C LEU A 50 -19.58 -12.16 -0.76
N ASP A 51 -20.83 -11.69 -0.71
CA ASP A 51 -21.94 -12.48 -0.18
C ASP A 51 -23.23 -12.39 -1.01
N ILE A 52 -23.78 -13.54 -1.39
CA ILE A 52 -25.02 -13.61 -2.18
C ILE A 52 -26.27 -13.41 -1.30
N ASP A 53 -26.09 -13.35 0.02
CA ASP A 53 -27.20 -13.10 0.97
C ASP A 53 -27.05 -11.71 1.60
N SER A 54 -27.05 -10.69 0.76
CA SER A 54 -26.77 -9.32 1.18
C SER A 54 -27.46 -8.36 0.21
N PRO A 55 -28.63 -7.79 0.60
CA PRO A 55 -29.44 -6.99 -0.34
C PRO A 55 -28.73 -5.69 -0.73
N PRO A 56 -28.73 -5.34 -2.04
CA PRO A 56 -28.18 -4.04 -2.52
C PRO A 56 -29.05 -2.84 -2.08
N ILE A 57 -28.51 -1.62 -2.21
CA ILE A 57 -29.30 -0.40 -1.97
C ILE A 57 -30.20 -0.12 -3.18
N THR A 58 -31.27 0.65 -2.95
CA THR A 58 -32.37 0.90 -3.89
C THR A 58 -31.90 1.68 -5.13
N ALA A 59 -30.90 2.55 -4.96
CA ALA A 59 -30.41 3.37 -6.04
C ALA A 59 -29.58 2.54 -7.02
N ARG A 60 -29.57 2.96 -8.29
CA ARG A 60 -28.78 2.36 -9.33
C ARG A 60 -27.97 3.47 -10.02
N ASN A 61 -26.66 3.42 -9.84
CA ASN A 61 -25.75 4.49 -10.25
C ASN A 61 -25.51 4.51 -11.78
N THR A 62 -25.41 3.39 -12.46
CA THR A 62 -25.02 3.36 -13.89
C THR A 62 -26.22 3.70 -14.79
N GLY A 63 -26.03 4.52 -15.83
CA GLY A 63 -27.15 4.91 -16.73
C GLY A 63 -27.43 3.88 -17.82
N ILE A 64 -28.68 3.79 -18.30
CA ILE A 64 -29.13 2.84 -19.34
C ILE A 64 -29.55 3.61 -20.61
N ILE A 65 -28.87 3.30 -21.74
CA ILE A 65 -29.14 3.87 -23.09
C ILE A 65 -29.81 2.81 -23.97
N CYS A 66 -31.00 3.10 -24.53
CA CYS A 66 -31.74 2.13 -25.41
C CYS A 66 -31.86 2.69 -26.83
N THR A 67 -31.66 1.82 -27.82
CA THR A 67 -31.94 2.15 -29.23
C THR A 67 -33.44 2.02 -29.47
N ILE A 68 -34.00 3.00 -30.15
CA ILE A 68 -35.42 2.99 -30.52
C ILE A 68 -35.52 2.55 -31.99
N GLY A 69 -36.44 1.63 -32.25
CA GLY A 69 -36.70 1.07 -33.58
C GLY A 69 -38.10 0.44 -33.62
N PRO A 70 -38.39 -0.36 -34.67
CA PRO A 70 -39.75 -0.91 -34.90
C PRO A 70 -40.44 -1.52 -33.66
N ALA A 71 -39.67 -2.14 -32.75
CA ALA A 71 -40.24 -2.92 -31.61
C ALA A 71 -40.58 -2.04 -30.40
N SER A 72 -40.26 -0.74 -30.43
CA SER A 72 -40.36 0.13 -29.24
C SER A 72 -40.57 1.60 -29.64
N ARG A 73 -41.29 1.88 -30.72
CA ARG A 73 -41.52 3.25 -31.20
C ARG A 73 -42.84 3.82 -30.65
N SER A 74 -43.73 2.95 -30.18
CA SER A 74 -45.08 3.35 -29.82
C SER A 74 -45.07 4.09 -28.48
N VAL A 75 -46.05 4.96 -28.25
CA VAL A 75 -46.14 5.73 -27.00
C VAL A 75 -46.36 4.77 -25.81
N GLU A 76 -47.16 3.72 -26.02
CA GLU A 76 -47.54 2.79 -24.94
C GLU A 76 -46.31 2.00 -24.45
N THR A 77 -45.47 1.53 -25.38
CA THR A 77 -44.26 0.72 -25.06
C THR A 77 -43.18 1.61 -24.41
N LEU A 78 -42.99 2.82 -24.94
CA LEU A 78 -42.04 3.80 -24.39
C LEU A 78 -42.39 4.16 -22.94
N LYS A 79 -43.67 4.31 -22.58
CA LYS A 79 -44.05 4.55 -21.17
C LYS A 79 -43.55 3.40 -20.29
N GLU A 80 -43.56 2.18 -20.80
CA GLU A 80 -43.14 1.02 -20.03
C GLU A 80 -41.62 0.99 -19.89
N MET A 81 -40.89 1.32 -20.96
CA MET A 81 -39.42 1.41 -20.92
C MET A 81 -38.98 2.47 -19.90
N ILE A 82 -39.68 3.61 -19.84
CA ILE A 82 -39.32 4.65 -18.88
C ILE A 82 -39.47 4.13 -17.44
N LYS A 83 -40.57 3.46 -17.13
CA LYS A 83 -40.79 2.94 -15.76
C LYS A 83 -39.81 1.80 -15.42
N SER A 84 -39.29 1.11 -16.43
CA SER A 84 -38.35 -0.01 -16.28
C SER A 84 -36.91 0.47 -15.98
N GLY A 85 -36.52 1.65 -16.49
CA GLY A 85 -35.27 2.30 -16.09
C GLY A 85 -34.48 2.96 -17.21
N MET A 86 -35.08 3.24 -18.35
CA MET A 86 -34.38 3.87 -19.47
C MET A 86 -34.16 5.37 -19.17
N ASN A 87 -32.95 5.87 -19.43
CA ASN A 87 -32.57 7.25 -19.14
C ASN A 87 -32.36 8.02 -20.44
N VAL A 88 -31.94 7.34 -21.51
CA VAL A 88 -31.53 7.98 -22.78
C VAL A 88 -32.15 7.19 -23.93
N ALA A 89 -32.62 7.89 -24.98
CA ALA A 89 -33.18 7.24 -26.18
C ALA A 89 -32.28 7.51 -27.38
N ARG A 90 -31.64 6.50 -27.95
CA ARG A 90 -30.73 6.72 -29.08
C ARG A 90 -31.46 6.47 -30.41
N LEU A 91 -31.34 7.41 -31.34
CA LEU A 91 -31.85 7.29 -32.72
C LEU A 91 -30.68 7.02 -33.67
N ASN A 92 -30.83 5.99 -34.51
CA ASN A 92 -29.76 5.54 -35.39
C ASN A 92 -30.04 6.03 -36.83
N PHE A 93 -29.25 7.00 -37.29
CA PHE A 93 -29.45 7.68 -38.60
C PHE A 93 -28.71 6.95 -39.73
N SER A 94 -28.56 5.63 -39.60
CA SER A 94 -28.07 4.80 -40.70
C SER A 94 -29.21 4.54 -41.69
N HIS A 95 -30.42 4.43 -41.15
CA HIS A 95 -31.64 4.13 -41.93
C HIS A 95 -32.68 5.23 -41.69
N GLY A 96 -33.79 5.17 -42.43
CA GLY A 96 -34.97 6.02 -42.20
C GLY A 96 -34.78 7.45 -42.73
N THR A 97 -35.91 8.08 -43.05
CA THR A 97 -35.94 9.49 -43.52
C THR A 97 -36.00 10.44 -42.32
N HIS A 98 -35.77 11.73 -42.55
CA HIS A 98 -35.92 12.79 -41.52
C HIS A 98 -37.33 12.78 -40.92
N GLU A 99 -38.31 12.47 -41.76
CA GLU A 99 -39.72 12.57 -41.39
C GLU A 99 -40.10 11.39 -40.47
N TYR A 100 -39.53 10.21 -40.71
CA TYR A 100 -39.74 9.05 -39.82
C TYR A 100 -39.09 9.33 -38.46
N HIS A 101 -37.86 9.86 -38.44
CA HIS A 101 -37.12 10.16 -37.21
C HIS A 101 -37.83 11.23 -36.36
N ALA A 102 -38.41 12.27 -36.99
CA ALA A 102 -39.09 13.36 -36.28
C ALA A 102 -40.35 12.85 -35.57
N GLU A 103 -40.93 11.77 -36.07
CA GLU A 103 -42.09 11.17 -35.42
C GLU A 103 -41.65 10.26 -34.27
N THR A 104 -40.40 9.80 -34.26
CA THR A 104 -39.89 9.09 -33.09
C THR A 104 -39.66 10.09 -31.94
N ILE A 105 -39.03 11.23 -32.23
CA ILE A 105 -38.70 12.24 -31.21
C ILE A 105 -40.01 12.73 -30.54
N LYS A 106 -41.05 12.97 -31.34
CA LYS A 106 -42.40 13.34 -30.82
C LYS A 106 -42.99 12.27 -29.88
N ASN A 107 -42.85 10.97 -30.19
CA ASN A 107 -43.42 9.92 -29.28
C ASN A 107 -42.63 9.81 -27.98
N VAL A 108 -41.30 9.93 -28.03
CA VAL A 108 -40.46 9.88 -26.80
C VAL A 108 -40.87 11.03 -25.86
N ARG A 109 -41.00 12.24 -26.43
CA ARG A 109 -41.38 13.45 -25.66
C ARG A 109 -42.81 13.33 -25.09
N THR A 110 -43.75 12.73 -25.84
CA THR A 110 -45.12 12.55 -25.34
C THR A 110 -45.07 11.62 -24.13
N ALA A 111 -44.49 10.44 -24.34
CA ALA A 111 -44.26 9.44 -23.28
C ALA A 111 -43.65 10.08 -22.03
N THR A 112 -42.61 10.90 -22.22
CA THR A 112 -41.88 11.58 -21.11
C THR A 112 -42.83 12.54 -20.36
N GLU A 113 -43.62 13.35 -21.07
CA GLU A 113 -44.42 14.42 -20.41
C GLU A 113 -45.68 13.86 -19.75
N SER A 114 -46.02 12.62 -20.06
CA SER A 114 -47.17 11.94 -19.48
C SER A 114 -47.01 11.79 -17.96
N PHE A 115 -45.77 11.95 -17.46
CA PHE A 115 -45.45 11.76 -16.03
C PHE A 115 -45.25 13.11 -15.32
N ALA A 116 -45.39 14.22 -16.03
CA ALA A 116 -45.02 15.56 -15.52
C ALA A 116 -46.04 16.09 -14.49
N SER A 117 -47.20 15.45 -14.38
CA SER A 117 -48.30 15.87 -13.49
C SER A 117 -47.87 15.89 -12.01
N ASP A 118 -47.07 14.89 -11.61
CA ASP A 118 -46.51 14.78 -10.25
C ASP A 118 -44.98 15.07 -10.21
N PRO A 119 -44.58 16.31 -9.86
CA PRO A 119 -43.17 16.78 -9.91
C PRO A 119 -42.18 15.95 -9.07
N ILE A 120 -42.68 15.25 -8.05
CA ILE A 120 -41.83 14.43 -7.17
C ILE A 120 -41.40 13.14 -7.88
N LEU A 121 -42.23 12.61 -8.79
CA LEU A 121 -41.93 11.30 -9.43
C LEU A 121 -41.52 11.42 -10.92
N TYR A 122 -41.37 12.65 -11.44
CA TYR A 122 -41.01 12.88 -12.84
C TYR A 122 -39.53 12.50 -13.09
N ARG A 123 -39.23 11.79 -14.18
CA ARG A 123 -37.84 11.45 -14.59
C ARG A 123 -37.52 12.13 -15.93
N PRO A 124 -36.49 12.99 -16.00
CA PRO A 124 -36.04 13.53 -17.33
C PRO A 124 -35.47 12.42 -18.22
N VAL A 125 -35.66 12.51 -19.53
CA VAL A 125 -35.16 11.48 -20.46
C VAL A 125 -34.41 12.19 -21.61
N ALA A 126 -33.15 11.89 -21.84
CA ALA A 126 -32.39 12.56 -22.91
C ALA A 126 -32.65 11.89 -24.28
N VAL A 127 -32.40 12.63 -25.36
CA VAL A 127 -32.46 12.11 -26.74
C VAL A 127 -31.06 12.19 -27.37
N ALA A 128 -30.59 11.14 -28.04
CA ALA A 128 -29.23 11.14 -28.64
C ALA A 128 -29.29 10.75 -30.12
N LEU A 129 -28.51 11.45 -30.93
CA LEU A 129 -28.50 11.31 -32.37
C LEU A 129 -27.17 10.64 -32.78
N ASP A 130 -27.27 9.44 -33.35
CA ASP A 130 -26.09 8.69 -33.82
C ASP A 130 -25.92 8.88 -35.31
N THR A 131 -24.76 9.39 -35.74
CA THR A 131 -24.52 9.69 -37.17
C THR A 131 -24.27 8.39 -37.95
N LYS A 132 -24.25 8.49 -39.29
CA LYS A 132 -23.94 7.33 -40.16
C LYS A 132 -22.42 7.14 -40.23
N GLY A 133 -21.71 8.23 -40.52
CA GLY A 133 -20.25 8.21 -40.66
C GLY A 133 -19.79 7.76 -42.04
N PRO A 134 -18.46 7.84 -42.31
CA PRO A 134 -17.82 7.34 -43.55
C PRO A 134 -17.90 5.81 -43.70
N GLU A 135 -18.97 5.33 -44.33
CA GLU A 135 -19.33 3.90 -44.31
C GLU A 135 -19.47 3.36 -45.73
N ILE A 136 -19.02 2.12 -45.93
CA ILE A 136 -19.14 1.40 -47.23
C ILE A 136 -20.18 0.27 -47.07
N ARG A 137 -21.13 0.21 -47.99
CA ARG A 137 -22.23 -0.78 -47.92
C ARG A 137 -22.36 -1.54 -49.26
N LEU A 235 -11.53 8.90 -46.64
CA LEU A 235 -12.84 9.53 -46.59
C LEU A 235 -12.88 10.58 -45.47
N PRO A 236 -13.61 11.73 -45.69
CA PRO A 236 -13.65 12.86 -44.72
C PRO A 236 -14.45 12.55 -43.43
N ALA A 237 -14.22 13.37 -42.39
CA ALA A 237 -14.83 13.23 -41.05
C ALA A 237 -16.36 13.25 -41.11
N VAL A 238 -16.88 14.30 -41.75
CA VAL A 238 -18.30 14.58 -41.83
C VAL A 238 -18.69 14.57 -43.31
N SER A 239 -19.46 13.56 -43.72
CA SER A 239 -19.98 13.46 -45.10
C SER A 239 -21.08 14.50 -45.35
N GLU A 240 -21.55 14.59 -46.59
CA GLU A 240 -22.56 15.57 -46.99
C GLU A 240 -23.91 15.24 -46.31
N LYS A 241 -24.21 13.94 -46.19
CA LYS A 241 -25.42 13.44 -45.52
C LYS A 241 -25.38 13.79 -44.02
N ASP A 242 -24.19 13.69 -43.41
CA ASP A 242 -24.01 14.01 -41.99
C ASP A 242 -24.20 15.48 -41.60
N ILE A 243 -23.81 16.40 -42.48
CA ILE A 243 -24.16 17.83 -42.38
C ILE A 243 -25.68 17.98 -42.19
N GLN A 244 -26.47 17.30 -43.04
CA GLN A 244 -27.92 17.45 -43.05
C GLN A 244 -28.50 16.90 -41.74
N ASP A 245 -27.95 15.78 -41.29
CA ASP A 245 -28.33 15.12 -40.04
C ASP A 245 -28.00 15.95 -38.80
N LEU A 246 -26.76 16.48 -38.74
CA LEU A 246 -26.36 17.31 -37.61
C LEU A 246 -27.24 18.56 -37.52
N LYS A 247 -27.44 19.22 -38.66
CA LYS A 247 -28.24 20.45 -38.78
C LYS A 247 -29.71 20.17 -38.42
N PHE A 248 -30.18 18.95 -38.69
CA PHE A 248 -31.54 18.51 -38.33
C PHE A 248 -31.68 18.35 -36.80
N GLY A 249 -30.60 17.90 -36.14
CA GLY A 249 -30.59 17.64 -34.69
C GLY A 249 -30.53 18.93 -33.86
N VAL A 250 -29.98 20.01 -34.42
CA VAL A 250 -29.99 21.34 -33.77
C VAL A 250 -31.43 21.89 -33.73
N GLU A 251 -32.20 21.65 -34.81
CA GLU A 251 -33.59 22.15 -34.94
C GLU A 251 -34.54 21.37 -34.01
N GLN A 252 -34.25 20.08 -33.79
CA GLN A 252 -35.12 19.18 -32.99
C GLN A 252 -34.73 19.22 -31.50
N ASP A 253 -33.68 19.98 -31.16
CA ASP A 253 -33.22 20.20 -29.77
C ASP A 253 -32.74 18.92 -29.04
N VAL A 254 -31.80 18.19 -29.66
CA VAL A 254 -31.27 16.96 -29.04
C VAL A 254 -30.26 17.32 -27.93
N ASP A 255 -29.86 16.35 -27.13
CA ASP A 255 -28.94 16.63 -26.02
C ASP A 255 -27.52 16.25 -26.30
N MET A 256 -27.32 15.24 -27.14
CA MET A 256 -25.98 14.78 -27.42
C MET A 256 -25.92 14.18 -28.83
N VAL A 257 -24.71 14.08 -29.35
CA VAL A 257 -24.43 13.53 -30.65
C VAL A 257 -23.38 12.41 -30.48
N PHE A 258 -23.62 11.22 -31.04
CA PHE A 258 -22.57 10.16 -31.04
C PHE A 258 -21.89 10.14 -32.41
N ALA A 259 -20.67 10.68 -32.52
CA ALA A 259 -20.03 10.86 -33.85
C ALA A 259 -19.28 9.58 -34.22
N SER A 260 -19.65 8.95 -35.34
CA SER A 260 -19.07 7.67 -35.77
C SER A 260 -17.67 7.86 -36.39
N PHE A 261 -16.79 6.88 -36.18
CA PHE A 261 -15.47 6.70 -36.86
C PHE A 261 -14.58 7.94 -36.68
N ILE A 262 -14.27 8.28 -35.44
CA ILE A 262 -13.34 9.38 -35.15
C ILE A 262 -11.91 8.83 -35.19
N ARG A 263 -11.01 9.49 -35.93
CA ARG A 263 -9.61 9.00 -36.10
C ARG A 263 -8.58 9.96 -35.49
N LYS A 264 -8.90 11.26 -35.37
CA LYS A 264 -7.92 12.29 -34.92
C LYS A 264 -8.65 13.50 -34.32
N ALA A 265 -7.96 14.35 -33.55
CA ALA A 265 -8.61 15.48 -32.83
C ALA A 265 -9.27 16.48 -33.80
N SER A 266 -8.77 16.56 -35.04
CA SER A 266 -9.30 17.51 -36.04
C SER A 266 -10.65 17.04 -36.59
N ASP A 267 -11.05 15.79 -36.36
CA ASP A 267 -12.40 15.29 -36.72
C ASP A 267 -13.47 15.80 -35.77
N VAL A 268 -13.10 15.93 -34.49
CA VAL A 268 -14.01 16.40 -33.43
C VAL A 268 -14.26 17.89 -33.66
N HIS A 269 -13.19 18.66 -33.93
CA HIS A 269 -13.26 20.11 -34.25
C HIS A 269 -14.14 20.40 -35.47
N GLU A 270 -14.13 19.50 -36.46
CA GLU A 270 -15.03 19.57 -37.62
C GLU A 270 -16.51 19.47 -37.19
N VAL A 271 -16.85 18.53 -36.30
CA VAL A 271 -18.26 18.30 -35.86
C VAL A 271 -18.75 19.50 -35.02
N ARG A 272 -17.89 20.02 -34.15
CA ARG A 272 -18.16 21.19 -33.30
C ARG A 272 -18.49 22.43 -34.14
N LYS A 273 -17.96 22.50 -35.36
CA LYS A 273 -18.08 23.66 -36.25
C LYS A 273 -19.42 23.64 -37.01
N VAL A 274 -19.87 22.44 -37.38
CA VAL A 274 -21.16 22.25 -38.06
C VAL A 274 -22.33 22.52 -37.11
N LEU A 275 -22.18 22.23 -35.81
CA LEU A 275 -23.27 22.52 -34.85
C LEU A 275 -23.39 24.04 -34.64
N GLY A 276 -22.27 24.75 -34.75
CA GLY A 276 -22.27 26.21 -34.83
C GLY A 276 -22.37 26.86 -33.46
N GLU A 277 -23.10 27.98 -33.40
CA GLU A 277 -23.34 28.72 -32.14
C GLU A 277 -24.67 28.27 -31.51
N LYS A 278 -25.65 27.93 -32.34
CA LYS A 278 -26.97 27.48 -31.90
C LYS A 278 -26.87 26.20 -31.06
N GLY A 279 -25.98 25.28 -31.45
CA GLY A 279 -25.85 24.02 -30.72
C GLY A 279 -24.55 23.93 -29.95
N LYS A 280 -24.14 25.02 -29.29
CA LYS A 280 -22.88 25.04 -28.55
C LYS A 280 -23.00 24.31 -27.21
N ASN A 281 -24.22 24.00 -26.75
CA ASN A 281 -24.40 23.24 -25.50
C ASN A 281 -24.61 21.75 -25.78
N ILE A 282 -24.78 21.32 -27.03
CA ILE A 282 -24.88 19.89 -27.34
C ILE A 282 -23.52 19.20 -27.09
N LYS A 283 -23.52 18.10 -26.32
CA LYS A 283 -22.29 17.32 -25.96
C LYS A 283 -21.88 16.42 -27.13
N ILE A 284 -20.58 16.34 -27.44
CA ILE A 284 -20.09 15.39 -28.45
C ILE A 284 -19.41 14.19 -27.76
N ILE A 285 -19.96 12.98 -28.00
CA ILE A 285 -19.39 11.70 -27.55
C ILE A 285 -18.70 11.06 -28.78
N SER A 286 -17.40 10.82 -28.75
CA SER A 286 -16.62 10.27 -29.91
C SER A 286 -16.62 8.73 -29.90
N LYS A 287 -17.02 8.10 -31.01
CA LYS A 287 -17.01 6.65 -31.18
C LYS A 287 -15.62 6.15 -31.65
N ILE A 288 -14.96 5.33 -30.83
CA ILE A 288 -13.65 4.77 -31.18
C ILE A 288 -13.89 3.40 -31.85
N GLU A 289 -13.51 3.23 -33.12
CA GLU A 289 -13.85 1.97 -33.82
C GLU A 289 -12.79 1.51 -34.83
N ASN A 290 -11.53 1.89 -34.69
CA ASN A 290 -10.46 1.29 -35.52
C ASN A 290 -9.10 1.49 -34.87
N HIS A 291 -8.07 1.01 -35.56
CA HIS A 291 -6.72 0.95 -35.02
C HIS A 291 -6.18 2.37 -34.82
N GLU A 292 -6.44 3.27 -35.78
CA GLU A 292 -5.95 4.67 -35.74
C GLU A 292 -6.53 5.42 -34.54
N GLY A 293 -7.86 5.26 -34.35
CA GLY A 293 -8.58 5.74 -33.15
C GLY A 293 -7.87 5.35 -31.87
N VAL A 294 -7.62 4.05 -31.65
CA VAL A 294 -6.92 3.55 -30.43
C VAL A 294 -5.51 4.18 -30.29
N ARG A 295 -4.74 4.26 -31.38
CA ARG A 295 -3.36 4.82 -31.32
C ARG A 295 -3.37 6.31 -30.96
N ARG A 296 -4.33 7.08 -31.48
CA ARG A 296 -4.32 8.54 -31.26
C ARG A 296 -5.30 8.93 -30.14
N PHE A 297 -5.57 7.99 -29.20
CA PHE A 297 -6.67 8.10 -28.24
C PHE A 297 -6.55 9.35 -27.36
N ASP A 298 -5.33 9.68 -26.90
CA ASP A 298 -5.18 10.73 -25.87
C ASP A 298 -5.58 12.11 -26.35
N GLU A 299 -5.32 12.40 -27.63
CA GLU A 299 -5.65 13.69 -28.23
C GLU A 299 -7.16 13.76 -28.55
N ILE A 300 -7.78 12.63 -28.91
CA ILE A 300 -9.24 12.55 -29.13
C ILE A 300 -9.99 12.81 -27.80
N LEU A 301 -9.45 12.31 -26.70
CA LEU A 301 -10.11 12.45 -25.40
C LEU A 301 -10.05 13.92 -24.94
N GLU A 302 -8.96 14.61 -25.22
CA GLU A 302 -8.84 16.02 -24.80
C GLU A 302 -9.84 16.91 -25.57
N ALA A 303 -10.18 16.53 -26.80
CA ALA A 303 -11.07 17.32 -27.66
C ALA A 303 -12.56 17.02 -27.39
N SER A 304 -12.90 15.82 -26.89
CA SER A 304 -14.30 15.34 -26.82
C SER A 304 -14.89 15.64 -25.44
N ASP A 305 -16.22 15.50 -25.32
CA ASP A 305 -16.92 15.61 -24.06
C ASP A 305 -17.07 14.27 -23.30
N GLY A 306 -16.73 13.16 -23.98
CA GLY A 306 -17.04 11.79 -23.58
C GLY A 306 -16.62 10.82 -24.68
N ILE A 307 -16.60 9.51 -24.40
CA ILE A 307 -16.08 8.51 -25.34
C ILE A 307 -17.05 7.32 -25.41
N MET A 308 -17.20 6.70 -26.57
CA MET A 308 -17.95 5.45 -26.64
C MET A 308 -17.05 4.33 -27.18
N VAL A 309 -16.94 3.23 -26.44
CA VAL A 309 -16.22 2.03 -26.92
C VAL A 309 -17.15 1.21 -27.82
N ALA A 310 -16.91 1.23 -29.13
CA ALA A 310 -17.84 0.60 -30.08
C ALA A 310 -17.34 -0.81 -30.46
N ARG A 311 -17.72 -1.82 -29.67
CA ARG A 311 -17.03 -3.13 -29.69
C ARG A 311 -17.27 -3.88 -31.01
N GLY A 312 -18.48 -3.75 -31.56
CA GLY A 312 -18.88 -4.44 -32.79
C GLY A 312 -17.90 -4.18 -33.93
N ASP A 313 -17.79 -2.91 -34.34
CA ASP A 313 -16.89 -2.51 -35.41
C ASP A 313 -15.41 -2.73 -35.06
N LEU A 314 -15.01 -2.36 -33.84
CA LEU A 314 -13.62 -2.49 -33.35
C LEU A 314 -13.16 -3.94 -33.40
N GLY A 315 -14.07 -4.89 -33.15
CA GLY A 315 -13.75 -6.32 -33.17
C GLY A 315 -13.56 -6.93 -34.56
N ILE A 316 -13.66 -6.11 -35.61
CA ILE A 316 -13.38 -6.58 -36.98
C ILE A 316 -12.03 -5.98 -37.42
N GLU A 317 -11.78 -4.73 -37.06
CA GLU A 317 -10.58 -4.02 -37.49
C GLU A 317 -9.35 -4.53 -36.71
N ILE A 318 -9.47 -4.78 -35.41
CA ILE A 318 -8.39 -5.45 -34.66
C ILE A 318 -8.82 -6.90 -34.39
N PRO A 319 -7.86 -7.83 -34.09
CA PRO A 319 -8.19 -9.26 -33.75
C PRO A 319 -9.11 -9.36 -32.50
N ALA A 320 -10.09 -10.26 -32.53
CA ALA A 320 -11.20 -10.24 -31.57
C ALA A 320 -10.73 -10.52 -30.13
N GLU A 321 -9.63 -11.25 -29.97
CA GLU A 321 -9.07 -11.56 -28.63
C GLU A 321 -8.33 -10.37 -28.03
N LYS A 322 -8.27 -9.23 -28.72
CA LYS A 322 -7.57 -8.03 -28.22
C LYS A 322 -8.58 -6.94 -27.82
N VAL A 323 -9.85 -7.09 -28.20
CA VAL A 323 -10.91 -6.12 -27.90
C VAL A 323 -10.99 -5.85 -26.39
N PHE A 324 -10.95 -6.89 -25.54
CA PHE A 324 -11.02 -6.69 -24.08
C PHE A 324 -9.85 -5.80 -23.57
N LEU A 325 -8.70 -5.80 -24.22
CA LEU A 325 -7.57 -4.98 -23.80
C LEU A 325 -7.85 -3.51 -24.14
N ALA A 326 -8.37 -3.24 -25.34
CA ALA A 326 -8.67 -1.86 -25.78
C ALA A 326 -9.76 -1.26 -24.88
N GLN A 327 -10.74 -2.09 -24.47
CA GLN A 327 -11.84 -1.64 -23.61
C GLN A 327 -11.33 -1.17 -22.24
N LYS A 328 -10.43 -1.93 -21.60
CA LYS A 328 -9.95 -1.64 -20.25
C LYS A 328 -8.96 -0.46 -20.25
N MET A 329 -8.12 -0.38 -21.27
CA MET A 329 -7.24 0.79 -21.47
C MET A 329 -8.11 2.06 -21.55
N MET A 330 -9.17 2.03 -22.34
CA MET A 330 -9.97 3.22 -22.55
C MET A 330 -10.83 3.57 -21.33
N ILE A 331 -11.37 2.59 -20.61
CA ILE A 331 -12.12 2.94 -19.40
C ILE A 331 -11.17 3.57 -18.37
N GLY A 332 -9.95 3.02 -18.26
CA GLY A 332 -8.93 3.51 -17.33
C GLY A 332 -8.57 4.96 -17.57
N ARG A 333 -8.27 5.32 -18.82
CA ARG A 333 -7.88 6.70 -19.16
C ARG A 333 -9.03 7.71 -18.94
N CYS A 334 -10.28 7.35 -19.21
CA CYS A 334 -11.40 8.29 -18.96
C CYS A 334 -11.66 8.52 -17.45
N ASN A 335 -11.60 7.46 -16.63
CA ASN A 335 -11.71 7.60 -15.18
C ASN A 335 -10.65 8.56 -14.63
N ARG A 336 -9.42 8.45 -15.13
CA ARG A 336 -8.29 9.30 -14.73
C ARG A 336 -8.55 10.77 -15.13
N ALA A 337 -9.17 11.01 -16.30
CA ALA A 337 -9.45 12.38 -16.79
C ALA A 337 -10.77 12.94 -16.23
N GLY A 338 -11.56 12.16 -15.50
CA GLY A 338 -12.91 12.58 -15.06
C GLY A 338 -13.86 12.85 -16.24
N LYS A 339 -13.79 12.05 -17.31
CA LYS A 339 -14.74 12.19 -18.43
C LYS A 339 -15.58 10.91 -18.57
N PRO A 340 -16.85 11.02 -19.01
CA PRO A 340 -17.81 9.89 -19.22
C PRO A 340 -17.36 8.87 -20.28
N VAL A 341 -17.52 7.58 -20.00
CA VAL A 341 -17.22 6.51 -20.98
C VAL A 341 -18.40 5.53 -21.04
N ILE A 342 -18.82 5.19 -22.26
CA ILE A 342 -20.01 4.34 -22.52
C ILE A 342 -19.52 3.02 -23.14
N CYS A 343 -20.04 1.90 -22.66
CA CYS A 343 -19.70 0.58 -23.22
C CYS A 343 -20.88 0.05 -24.07
N ALA A 344 -20.63 -0.25 -25.34
CA ALA A 344 -21.73 -0.56 -26.31
C ALA A 344 -21.53 -1.90 -27.03
N THR A 345 -22.64 -2.47 -27.52
CA THR A 345 -22.70 -3.53 -28.60
C THR A 345 -22.56 -4.97 -28.06
N GLN A 346 -23.58 -5.77 -28.36
CA GLN A 346 -23.66 -7.23 -28.12
C GLN A 346 -23.63 -7.59 -26.63
N MET A 347 -24.08 -6.71 -25.74
CA MET A 347 -24.03 -6.96 -24.29
C MET A 347 -25.05 -8.02 -23.85
N LEU A 348 -26.30 -8.01 -24.36
CA LEU A 348 -27.35 -9.00 -24.00
C LEU A 348 -27.94 -9.64 -25.26
N GLU A 349 -27.10 -10.03 -26.21
CA GLU A 349 -27.47 -10.29 -27.63
C GLU A 349 -28.46 -11.45 -27.76
N SER A 350 -28.33 -12.49 -26.92
CA SER A 350 -29.25 -13.64 -26.96
C SER A 350 -30.70 -13.27 -26.57
N MET A 351 -30.93 -12.12 -25.92
CA MET A 351 -32.29 -11.72 -25.47
C MET A 351 -33.12 -11.15 -26.63
N ILE A 352 -32.58 -11.18 -27.86
CA ILE A 352 -33.37 -10.92 -29.06
C ILE A 352 -34.43 -12.03 -29.24
N LYS A 353 -34.03 -13.30 -29.05
CA LYS A 353 -34.91 -14.43 -29.36
C LYS A 353 -35.47 -15.09 -28.10
N LYS A 354 -34.76 -15.05 -26.97
CA LYS A 354 -35.17 -15.75 -25.73
C LYS A 354 -35.37 -14.74 -24.59
N PRO A 355 -36.27 -15.04 -23.63
CA PRO A 355 -36.54 -14.06 -22.53
C PRO A 355 -35.51 -14.01 -21.38
N ARG A 356 -34.47 -14.84 -21.43
CA ARG A 356 -33.42 -14.88 -20.39
C ARG A 356 -32.05 -14.82 -21.08
N PRO A 357 -31.04 -14.17 -20.44
CA PRO A 357 -29.69 -14.14 -21.06
C PRO A 357 -28.88 -15.40 -20.73
N THR A 358 -27.82 -15.65 -21.50
CA THR A 358 -26.84 -16.71 -21.20
C THR A 358 -25.98 -16.32 -20.00
N ARG A 359 -25.29 -17.31 -19.40
CA ARG A 359 -24.37 -17.06 -18.25
C ARG A 359 -23.26 -16.05 -18.63
N ALA A 360 -22.71 -16.13 -19.84
CA ALA A 360 -21.63 -15.19 -20.31
C ALA A 360 -22.13 -13.74 -20.34
N GLU A 361 -23.34 -13.51 -20.86
CA GLU A 361 -23.92 -12.16 -20.98
C GLU A 361 -24.14 -11.51 -19.60
N GLY A 362 -24.57 -12.28 -18.61
CA GLY A 362 -24.69 -11.78 -17.25
C GLY A 362 -23.35 -11.32 -16.68
N SER A 363 -22.25 -11.99 -17.03
CA SER A 363 -20.94 -11.64 -16.48
C SER A 363 -20.30 -10.48 -17.25
N ASP A 364 -20.61 -10.31 -18.53
CA ASP A 364 -20.11 -9.20 -19.36
C ASP A 364 -20.62 -7.76 -18.96
N VAL A 365 -21.89 -7.63 -18.66
CA VAL A 365 -22.48 -6.40 -18.09
C VAL A 365 -21.87 -6.10 -16.70
N ALA A 366 -21.76 -7.10 -15.81
CA ALA A 366 -21.18 -6.87 -14.47
C ALA A 366 -19.72 -6.38 -14.54
N ASN A 367 -18.96 -6.92 -15.48
CA ASN A 367 -17.55 -6.61 -15.59
C ASN A 367 -17.33 -5.18 -16.14
N ALA A 368 -18.19 -4.70 -17.04
CA ALA A 368 -18.11 -3.30 -17.51
C ALA A 368 -18.37 -2.32 -16.35
N VAL A 369 -19.37 -2.61 -15.52
CA VAL A 369 -19.66 -1.82 -14.33
C VAL A 369 -18.48 -1.87 -13.34
N LEU A 370 -17.89 -3.04 -13.05
CA LEU A 370 -16.70 -3.10 -12.16
C LEU A 370 -15.45 -2.47 -12.78
N ASP A 371 -15.26 -2.45 -14.10
CA ASP A 371 -14.10 -1.69 -14.68
C ASP A 371 -14.26 -0.16 -14.50
N GLY A 372 -15.49 0.35 -14.54
CA GLY A 372 -15.71 1.75 -14.33
C GLY A 372 -16.52 2.45 -15.41
N ALA A 373 -17.27 1.75 -16.27
CA ALA A 373 -18.17 2.39 -17.26
C ALA A 373 -19.23 3.26 -16.56
N ASP A 374 -19.43 4.47 -17.07
CA ASP A 374 -20.56 5.36 -16.71
C ASP A 374 -21.94 4.89 -17.21
N CYS A 375 -22.06 4.38 -18.44
CA CYS A 375 -23.34 3.87 -18.95
C CYS A 375 -23.12 2.61 -19.80
N ILE A 376 -24.19 1.83 -19.94
CA ILE A 376 -24.21 0.66 -20.81
C ILE A 376 -25.35 0.86 -21.83
N MET A 377 -25.20 0.25 -23.01
CA MET A 377 -26.08 0.50 -24.17
C MET A 377 -26.66 -0.80 -24.72
N LEU A 378 -27.98 -0.81 -24.98
CA LEU A 378 -28.68 -1.89 -25.72
C LEU A 378 -28.87 -1.45 -27.18
N SER A 379 -28.67 -2.37 -28.13
CA SER A 379 -28.92 -2.07 -29.58
C SER A 379 -30.10 -2.92 -30.10
N GLY A 380 -29.78 -4.04 -30.78
CA GLY A 380 -30.76 -5.01 -31.30
C GLY A 380 -31.80 -5.41 -30.26
N GLU A 381 -31.39 -5.58 -29.01
CA GLU A 381 -32.26 -6.07 -27.91
C GLU A 381 -33.53 -5.21 -27.78
N THR A 382 -33.43 -3.89 -28.01
CA THR A 382 -34.58 -2.98 -27.79
C THR A 382 -35.14 -2.48 -29.12
N ALA A 383 -34.34 -2.54 -30.18
CA ALA A 383 -34.72 -2.02 -31.49
C ALA A 383 -35.59 -3.04 -32.24
N LYS A 384 -35.12 -4.29 -32.31
CA LYS A 384 -35.66 -5.25 -33.26
C LYS A 384 -36.20 -6.51 -32.55
N GLY A 385 -35.77 -6.76 -31.33
CA GLY A 385 -35.99 -8.05 -30.65
C GLY A 385 -37.41 -8.24 -30.15
N ASP A 386 -37.66 -9.40 -29.53
CA ASP A 386 -39.01 -9.81 -29.13
C ASP A 386 -39.38 -9.50 -27.69
N TYR A 387 -38.39 -9.05 -26.91
CA TYR A 387 -38.55 -8.93 -25.46
C TYR A 387 -37.93 -7.62 -24.93
N PRO A 388 -38.20 -6.45 -25.59
CA PRO A 388 -37.51 -5.16 -25.20
C PRO A 388 -37.58 -4.81 -23.70
N LEU A 389 -38.73 -4.98 -23.05
CA LEU A 389 -38.91 -4.60 -21.64
C LEU A 389 -38.10 -5.52 -20.71
N GLU A 390 -38.06 -6.82 -21.00
CA GLU A 390 -37.30 -7.80 -20.19
C GLU A 390 -35.80 -7.47 -20.24
N ALA A 391 -35.32 -7.03 -21.40
CA ALA A 391 -33.91 -6.66 -21.57
C ALA A 391 -33.58 -5.41 -20.73
N VAL A 392 -34.44 -4.38 -20.77
CA VAL A 392 -34.21 -3.21 -19.92
C VAL A 392 -34.21 -3.64 -18.44
N ARG A 393 -35.11 -4.54 -18.03
CA ARG A 393 -35.21 -4.93 -16.60
C ARG A 393 -34.01 -5.77 -16.15
N MET A 394 -33.42 -6.54 -17.07
CA MET A 394 -32.24 -7.35 -16.78
C MET A 394 -31.02 -6.45 -16.50
N GLN A 395 -30.81 -5.43 -17.34
CA GLN A 395 -29.72 -4.47 -17.15
C GLN A 395 -29.86 -3.70 -15.83
N HIS A 396 -31.07 -3.26 -15.49
CA HIS A 396 -31.31 -2.64 -14.22
C HIS A 396 -30.88 -3.55 -13.05
N LEU A 397 -31.31 -4.82 -13.02
CA LEU A 397 -31.00 -5.73 -11.86
C LEU A 397 -29.49 -6.01 -11.74
N ILE A 398 -28.81 -6.31 -12.85
CA ILE A 398 -27.38 -6.69 -12.84
C ILE A 398 -26.53 -5.52 -12.31
N ALA A 399 -26.77 -4.33 -12.86
CA ALA A 399 -25.97 -3.12 -12.58
C ALA A 399 -26.05 -2.75 -11.09
N ARG A 400 -27.24 -2.80 -10.52
CA ARG A 400 -27.48 -2.58 -9.10
C ARG A 400 -26.64 -3.54 -8.25
N GLU A 401 -26.61 -4.83 -8.60
CA GLU A 401 -25.83 -5.84 -7.87
C GLU A 401 -24.32 -5.58 -8.02
N ALA A 402 -23.83 -5.27 -9.22
CA ALA A 402 -22.37 -5.07 -9.42
C ALA A 402 -21.89 -3.86 -8.61
N GLU A 403 -22.70 -2.80 -8.54
CA GLU A 403 -22.33 -1.57 -7.77
C GLU A 403 -22.04 -1.85 -6.30
N ALA A 404 -22.66 -2.88 -5.70
CA ALA A 404 -22.44 -3.20 -4.28
C ALA A 404 -21.14 -3.99 -4.04
N ALA A 405 -20.43 -4.38 -5.09
CA ALA A 405 -19.21 -5.18 -4.99
C ALA A 405 -17.94 -4.37 -5.32
N ILE A 406 -18.06 -3.07 -5.58
CA ILE A 406 -16.88 -2.20 -5.88
C ILE A 406 -15.98 -2.11 -4.64
N TYR A 407 -14.67 -2.13 -4.82
CA TYR A 407 -13.73 -2.03 -3.69
C TYR A 407 -13.39 -0.55 -3.45
N HIS A 408 -14.30 0.16 -2.76
CA HIS A 408 -14.30 1.65 -2.65
C HIS A 408 -13.08 2.19 -1.92
N LEU A 409 -12.56 1.42 -0.96
CA LEU A 409 -11.43 1.80 -0.14
C LEU A 409 -10.21 2.05 -1.02
N GLN A 410 -9.90 1.13 -1.95
CA GLN A 410 -8.71 1.26 -2.79
C GLN A 410 -8.95 2.28 -3.92
N LEU A 411 -10.18 2.33 -4.46
CA LEU A 411 -10.47 3.18 -5.62
C LEU A 411 -10.38 4.67 -5.23
N PHE A 412 -10.97 5.03 -4.07
CA PHE A 412 -10.94 6.41 -3.58
C PHE A 412 -9.51 6.83 -3.19
N GLU A 413 -8.75 5.95 -2.54
CA GLU A 413 -7.32 6.18 -2.24
C GLU A 413 -6.51 6.52 -3.50
N GLU A 414 -6.74 5.82 -4.61
CA GLU A 414 -5.96 6.03 -5.83
C GLU A 414 -6.37 7.34 -6.52
N LEU A 415 -7.67 7.64 -6.62
CA LEU A 415 -8.12 8.87 -7.32
C LEU A 415 -7.62 10.12 -6.56
N ARG A 416 -7.58 10.07 -5.23
CA ARG A 416 -7.01 11.16 -4.41
C ARG A 416 -5.51 11.36 -4.69
N ARG A 417 -4.71 10.30 -4.64
CA ARG A 417 -3.24 10.37 -4.82
C ARG A 417 -2.87 10.96 -6.19
N LEU A 418 -3.85 11.01 -7.08
CA LEU A 418 -3.62 11.29 -8.47
C LEU A 418 -4.20 12.66 -8.81
N ALA A 419 -4.94 13.24 -7.86
CA ALA A 419 -5.58 14.54 -8.01
C ALA A 419 -4.55 15.67 -7.81
N PRO A 420 -4.59 16.72 -8.68
CA PRO A 420 -3.73 17.93 -8.52
C PRO A 420 -4.06 18.78 -7.28
N ILE A 421 -3.03 19.39 -6.69
CA ILE A 421 -3.21 20.51 -5.73
C ILE A 421 -3.45 21.78 -6.55
N THR A 422 -4.52 22.50 -6.20
CA THR A 422 -5.09 23.60 -7.00
C THR A 422 -5.78 24.57 -6.02
N SER A 423 -5.88 25.86 -6.36
CA SER A 423 -6.49 26.82 -5.42
C SER A 423 -8.01 26.96 -5.63
N ASP A 424 -8.59 26.16 -6.54
CA ASP A 424 -10.03 26.14 -6.84
C ASP A 424 -10.97 25.69 -5.67
N PRO A 425 -11.78 26.61 -5.12
CA PRO A 425 -12.66 26.27 -3.99
C PRO A 425 -13.64 25.11 -4.24
N THR A 426 -14.06 24.93 -5.49
CA THR A 426 -15.16 24.01 -5.78
C THR A 426 -14.65 22.56 -5.71
N GLU A 427 -13.45 22.33 -6.26
CA GLU A 427 -12.72 21.08 -6.18
C GLU A 427 -12.47 20.67 -4.71
N ALA A 428 -11.97 21.58 -3.87
CA ALA A 428 -11.72 21.30 -2.43
C ALA A 428 -13.01 20.93 -1.69
N THR A 429 -14.12 21.61 -2.00
CA THR A 429 -15.40 21.26 -1.41
C THR A 429 -15.86 19.86 -1.81
N ALA A 430 -15.70 19.47 -3.09
CA ALA A 430 -16.19 18.17 -3.59
C ALA A 430 -15.47 17.00 -2.90
N VAL A 431 -14.14 17.11 -2.76
CA VAL A 431 -13.40 16.02 -2.16
C VAL A 431 -13.67 15.93 -0.65
N GLY A 432 -13.76 17.07 0.06
CA GLY A 432 -14.36 17.10 1.40
C GLY A 432 -15.69 16.36 1.52
N ALA A 433 -16.63 16.66 0.62
CA ALA A 433 -17.99 16.05 0.67
C ALA A 433 -17.94 14.53 0.47
N VAL A 434 -17.11 14.04 -0.45
CA VAL A 434 -17.06 12.62 -0.71
C VAL A 434 -16.43 11.90 0.49
N GLU A 435 -15.29 12.41 0.97
CA GLU A 435 -14.67 11.94 2.19
C GLU A 435 -15.67 11.91 3.36
N ALA A 436 -16.42 12.98 3.67
CA ALA A 436 -17.42 12.88 4.77
C ALA A 436 -18.49 11.81 4.51
N SER A 437 -18.89 11.57 3.26
CA SER A 437 -19.99 10.61 2.98
C SER A 437 -19.58 9.17 3.33
N PHE A 438 -18.28 8.83 3.23
CA PHE A 438 -17.78 7.50 3.62
C PHE A 438 -17.77 7.33 5.14
N LYS A 439 -17.35 8.37 5.88
CA LYS A 439 -17.22 8.37 7.34
C LYS A 439 -18.57 8.23 8.04
N CYS A 440 -19.64 8.86 7.55
CA CYS A 440 -20.93 8.78 8.27
C CYS A 440 -21.94 7.84 7.59
N CYS A 441 -21.50 7.11 6.54
CA CYS A 441 -22.37 6.22 5.71
C CYS A 441 -23.69 6.91 5.35
N SER A 442 -23.60 8.03 4.62
CA SER A 442 -24.75 8.85 4.30
C SER A 442 -25.61 8.21 3.20
N GLY A 443 -26.87 8.64 3.14
CA GLY A 443 -27.83 8.09 2.24
C GLY A 443 -27.87 8.86 0.93
N ALA A 444 -27.19 10.01 0.83
CA ALA A 444 -27.17 10.82 -0.42
C ALA A 444 -26.27 12.04 -0.30
N ILE A 445 -25.89 12.62 -1.44
CA ILE A 445 -25.22 13.95 -1.52
C ILE A 445 -26.13 14.87 -2.34
N ILE A 446 -26.64 15.96 -1.79
CA ILE A 446 -27.58 16.84 -2.52
C ILE A 446 -26.79 18.05 -3.04
N VAL A 447 -26.85 18.34 -4.34
CA VAL A 447 -26.04 19.43 -4.92
C VAL A 447 -27.00 20.37 -5.66
N LEU A 448 -26.95 21.68 -5.43
CA LEU A 448 -27.71 22.63 -6.30
C LEU A 448 -26.79 23.05 -7.46
N THR A 449 -27.29 23.03 -8.71
CA THR A 449 -26.41 23.21 -9.89
C THR A 449 -27.15 23.97 -11.02
N LYS A 450 -26.51 24.95 -11.66
CA LYS A 450 -27.07 25.60 -12.90
C LYS A 450 -26.58 24.86 -14.15
N SER A 451 -25.25 24.80 -14.33
CA SER A 451 -24.64 24.27 -15.53
C SER A 451 -24.39 22.76 -15.41
N GLY A 452 -24.53 22.17 -14.22
CA GLY A 452 -24.15 20.78 -13.98
C GLY A 452 -22.75 20.64 -13.35
N ARG A 453 -21.88 21.65 -13.48
CA ARG A 453 -20.44 21.46 -13.23
C ARG A 453 -20.11 21.00 -11.79
N SER A 454 -20.82 21.50 -10.78
CA SER A 454 -20.65 21.08 -9.37
C SER A 454 -20.96 19.59 -9.15
N ALA A 455 -21.99 19.04 -9.81
CA ALA A 455 -22.32 17.62 -9.67
C ALA A 455 -21.25 16.77 -10.35
N HIS A 456 -20.76 17.19 -11.53
CA HIS A 456 -19.70 16.44 -12.28
C HIS A 456 -18.41 16.35 -11.44
N GLN A 457 -18.14 17.33 -10.58
CA GLN A 457 -16.94 17.32 -9.75
C GLN A 457 -17.08 16.32 -8.58
N VAL A 458 -18.26 16.11 -8.06
CA VAL A 458 -18.46 15.13 -7.01
C VAL A 458 -18.38 13.72 -7.62
N ALA A 459 -18.86 13.58 -8.87
CA ALA A 459 -19.05 12.24 -9.47
C ALA A 459 -17.69 11.63 -9.84
N ARG A 460 -16.69 12.45 -10.13
CA ARG A 460 -15.39 11.88 -10.51
C ARG A 460 -14.67 11.19 -9.32
N TYR A 461 -15.09 11.40 -8.07
CA TYR A 461 -14.48 10.67 -6.93
C TYR A 461 -15.22 9.37 -6.62
N ARG A 462 -16.27 9.06 -7.39
CA ARG A 462 -16.95 7.78 -7.30
C ARG A 462 -17.44 7.47 -5.88
N PRO A 463 -18.29 8.34 -5.26
CA PRO A 463 -18.96 8.02 -3.96
C PRO A 463 -19.80 6.74 -4.00
N ARG A 464 -20.08 6.17 -2.84
CA ARG A 464 -21.00 5.02 -2.76
C ARG A 464 -22.44 5.54 -2.83
N ALA A 465 -22.68 6.66 -2.16
CA ALA A 465 -24.01 7.28 -2.07
C ALA A 465 -24.44 7.90 -3.43
N PRO A 466 -25.76 7.93 -3.74
CA PRO A 466 -26.30 8.66 -4.91
C PRO A 466 -26.14 10.19 -4.78
N ILE A 467 -25.93 10.86 -5.91
CA ILE A 467 -25.83 12.31 -5.98
C ILE A 467 -27.15 12.85 -6.53
N ILE A 468 -27.93 13.55 -5.73
CA ILE A 468 -29.18 14.11 -6.20
C ILE A 468 -28.91 15.57 -6.63
N ALA A 469 -28.91 15.85 -7.94
CA ALA A 469 -28.62 17.21 -8.42
C ALA A 469 -29.93 17.97 -8.69
N VAL A 470 -30.17 19.10 -8.01
CA VAL A 470 -31.42 19.86 -8.18
C VAL A 470 -31.15 21.06 -9.10
N THR A 471 -31.95 21.21 -10.15
CA THR A 471 -31.71 22.24 -11.16
C THR A 471 -33.05 22.81 -11.63
N ARG A 472 -32.98 23.99 -12.25
CA ARG A 472 -34.14 24.62 -12.91
C ARG A 472 -33.96 24.59 -14.44
N ASN A 473 -32.77 24.23 -14.91
CA ASN A 473 -32.43 24.19 -16.32
C ASN A 473 -32.74 22.80 -16.89
N PRO A 474 -33.80 22.67 -17.73
CA PRO A 474 -34.19 21.31 -18.24
C PRO A 474 -33.14 20.56 -19.08
N GLN A 475 -32.31 21.25 -19.85
CA GLN A 475 -31.26 20.60 -20.63
C GLN A 475 -30.09 20.10 -19.74
N THR A 476 -29.74 20.85 -18.69
CA THR A 476 -28.77 20.37 -17.69
C THR A 476 -29.27 19.06 -17.07
N ALA A 477 -30.57 18.91 -16.87
CA ALA A 477 -31.09 17.71 -16.21
C ALA A 477 -31.05 16.50 -17.17
N ARG A 478 -31.19 16.68 -18.47
CA ARG A 478 -31.13 15.55 -19.41
C ARG A 478 -29.67 15.09 -19.60
N GLN A 479 -28.72 16.01 -19.69
CA GLN A 479 -27.30 15.64 -19.96
C GLN A 479 -26.66 14.97 -18.74
N ALA A 480 -27.14 15.21 -17.53
CA ALA A 480 -26.51 14.64 -16.32
C ALA A 480 -26.63 13.09 -16.27
N HIS A 481 -27.36 12.47 -17.18
CA HIS A 481 -27.44 11.02 -17.23
C HIS A 481 -26.11 10.38 -17.65
N LEU A 482 -25.20 11.10 -18.31
CA LEU A 482 -23.93 10.52 -18.76
C LEU A 482 -22.91 10.30 -17.61
N TYR A 483 -23.14 10.74 -16.36
CA TYR A 483 -22.11 10.58 -15.32
C TYR A 483 -22.59 9.63 -14.23
N ARG A 484 -21.69 8.80 -13.75
CA ARG A 484 -22.06 7.69 -12.92
C ARG A 484 -22.48 8.27 -11.56
N GLY A 485 -23.68 7.91 -11.12
CA GLY A 485 -24.10 8.26 -9.77
C GLY A 485 -25.02 9.45 -9.71
N ILE A 486 -25.07 10.33 -10.73
CA ILE A 486 -25.94 11.54 -10.71
C ILE A 486 -27.41 11.15 -11.00
N PHE A 487 -28.30 11.46 -10.04
CA PHE A 487 -29.77 11.27 -10.16
C PHE A 487 -30.42 12.66 -10.31
N PRO A 488 -30.72 13.11 -11.54
CA PRO A 488 -31.08 14.55 -11.71
C PRO A 488 -32.56 14.84 -11.42
N VAL A 489 -32.88 15.93 -10.71
CA VAL A 489 -34.31 16.30 -10.49
C VAL A 489 -34.59 17.75 -10.94
N LEU A 490 -35.74 17.95 -11.57
CA LEU A 490 -36.07 19.25 -12.16
C LEU A 490 -37.05 20.01 -11.25
N CYS A 491 -36.64 21.16 -10.77
CA CYS A 491 -37.48 22.00 -9.92
C CYS A 491 -38.37 22.88 -10.81
N LYS A 492 -39.68 22.85 -10.54
CA LYS A 492 -40.66 23.56 -11.37
C LYS A 492 -41.07 24.88 -10.72
N ASP A 493 -41.06 24.91 -9.38
CA ASP A 493 -41.47 26.07 -8.55
C ASP A 493 -40.88 27.42 -8.97
N PRO A 494 -41.66 28.52 -8.83
CA PRO A 494 -41.18 29.88 -9.15
C PRO A 494 -40.11 30.37 -8.16
N VAL A 495 -39.20 31.21 -8.63
CA VAL A 495 -38.15 31.83 -7.81
C VAL A 495 -38.81 32.66 -6.69
N GLN A 496 -38.36 32.44 -5.45
CA GLN A 496 -38.77 33.22 -4.27
C GLN A 496 -38.04 34.58 -4.27
N GLU A 497 -38.56 35.54 -3.51
CA GLU A 497 -38.01 36.91 -3.48
C GLU A 497 -36.67 36.94 -2.71
N ALA A 498 -36.64 36.35 -1.51
CA ALA A 498 -35.42 36.26 -0.69
C ALA A 498 -34.58 35.07 -1.19
N TRP A 499 -33.29 35.30 -1.46
CA TRP A 499 -32.45 34.28 -2.10
C TRP A 499 -32.19 33.09 -1.16
N ALA A 500 -31.98 33.33 0.13
CA ALA A 500 -31.77 32.24 1.09
C ALA A 500 -33.03 31.39 1.24
N GLU A 501 -34.18 31.97 0.89
CA GLU A 501 -35.46 31.30 1.01
C GLU A 501 -35.65 30.33 -0.18
N ASP A 502 -35.31 30.83 -1.37
CA ASP A 502 -35.24 30.04 -2.60
C ASP A 502 -34.32 28.81 -2.48
N VAL A 503 -33.20 28.95 -1.75
CA VAL A 503 -32.22 27.86 -1.55
C VAL A 503 -32.82 26.76 -0.67
N ASP A 504 -33.44 27.13 0.45
CA ASP A 504 -34.10 26.16 1.34
C ASP A 504 -35.24 25.37 0.68
N LEU A 505 -35.96 26.02 -0.22
CA LEU A 505 -37.06 25.40 -0.96
C LEU A 505 -36.54 24.21 -1.79
N ARG A 506 -35.49 24.44 -2.60
CA ARG A 506 -34.86 23.42 -3.46
C ARG A 506 -34.21 22.29 -2.63
N VAL A 507 -33.57 22.59 -1.50
CA VAL A 507 -33.08 21.51 -0.63
C VAL A 507 -34.26 20.67 -0.12
N ASN A 508 -35.39 21.29 0.25
CA ASN A 508 -36.53 20.51 0.78
C ASN A 508 -37.15 19.62 -0.31
N PHE A 509 -37.24 20.16 -1.53
CA PHE A 509 -37.70 19.42 -2.67
C PHE A 509 -36.87 18.13 -2.85
N ALA A 510 -35.53 18.24 -2.85
CA ALA A 510 -34.62 17.07 -2.97
C ALA A 510 -34.81 16.06 -1.83
N MET A 511 -35.10 16.51 -0.60
CA MET A 511 -35.39 15.57 0.53
C MET A 511 -36.65 14.75 0.25
N ASN A 512 -37.71 15.38 -0.31
CA ASN A 512 -38.99 14.68 -0.57
C ASN A 512 -38.80 13.61 -1.65
N VAL A 513 -38.06 13.94 -2.70
CA VAL A 513 -37.76 13.01 -3.79
C VAL A 513 -37.04 11.77 -3.24
N GLY A 514 -35.99 11.96 -2.43
CA GLY A 514 -35.25 10.84 -1.87
C GLY A 514 -36.09 9.98 -0.95
N LYS A 515 -37.06 10.57 -0.24
CA LYS A 515 -38.02 9.84 0.62
C LYS A 515 -38.99 8.99 -0.22
N ALA A 516 -39.63 9.59 -1.21
CA ALA A 516 -40.57 8.91 -2.12
C ALA A 516 -39.89 7.73 -2.84
N ARG A 517 -38.63 7.88 -3.27
CA ARG A 517 -37.91 6.87 -4.07
C ARG A 517 -37.28 5.80 -3.16
N GLY A 518 -37.22 6.03 -1.85
CA GLY A 518 -36.69 5.05 -0.89
C GLY A 518 -35.17 5.08 -0.76
N PHE A 519 -34.51 6.22 -1.03
CA PHE A 519 -33.04 6.30 -0.86
C PHE A 519 -32.69 6.45 0.63
N PHE A 520 -33.61 6.97 1.43
CA PHE A 520 -33.40 7.16 2.89
C PHE A 520 -34.74 7.43 3.58
N LYS A 521 -34.71 7.54 4.91
CA LYS A 521 -35.93 7.83 5.68
C LYS A 521 -35.58 8.77 6.84
N LYS A 522 -36.62 9.23 7.54
CA LYS A 522 -36.49 10.21 8.62
C LYS A 522 -35.45 9.75 9.65
N GLY A 523 -34.54 10.66 10.02
CA GLY A 523 -33.52 10.37 11.02
C GLY A 523 -32.18 9.96 10.43
N ASP A 524 -32.13 9.67 9.12
CA ASP A 524 -30.86 9.40 8.39
C ASP A 524 -30.01 10.68 8.19
N VAL A 525 -28.80 10.53 7.65
CA VAL A 525 -27.87 11.67 7.50
C VAL A 525 -27.60 11.90 6.00
N VAL A 526 -27.71 13.16 5.55
CA VAL A 526 -27.37 13.55 4.16
C VAL A 526 -26.32 14.67 4.15
N ILE A 527 -25.52 14.77 3.08
CA ILE A 527 -24.57 15.90 2.84
C ILE A 527 -25.24 16.91 1.89
N VAL A 528 -25.17 18.21 2.15
CA VAL A 528 -25.80 19.22 1.26
C VAL A 528 -24.74 20.19 0.76
N LEU A 529 -24.54 20.33 -0.54
CA LEU A 529 -23.57 21.30 -1.11
C LEU A 529 -24.27 22.55 -1.66
N THR A 530 -23.81 23.75 -1.29
CA THR A 530 -24.36 25.01 -1.85
C THR A 530 -23.23 26.05 -2.02
N GLY A 531 -23.58 27.22 -2.57
CA GLY A 531 -22.65 28.36 -2.78
C GLY A 531 -23.00 29.56 -1.91
N TRP A 532 -22.19 30.62 -2.00
CA TRP A 532 -22.34 31.77 -1.05
C TRP A 532 -23.15 32.91 -1.68
N ARG A 533 -23.27 32.94 -3.01
CA ARG A 533 -24.08 33.93 -3.76
C ARG A 533 -24.69 33.23 -5.00
N PRO A 534 -25.68 33.87 -5.71
CA PRO A 534 -26.31 33.34 -6.97
C PRO A 534 -25.36 33.32 -8.18
N GLY A 535 -25.67 32.53 -9.21
CA GLY A 535 -24.81 32.41 -10.42
C GLY A 535 -23.94 31.15 -10.39
N SER A 536 -23.33 30.79 -11.51
CA SER A 536 -22.47 29.61 -11.57
C SER A 536 -21.09 29.92 -10.96
N GLY A 537 -20.46 28.90 -10.38
CA GLY A 537 -19.03 28.92 -10.10
C GLY A 537 -18.69 29.30 -8.67
N PHE A 538 -19.68 29.30 -7.75
CA PHE A 538 -19.41 29.74 -6.36
C PHE A 538 -19.80 28.70 -5.31
N THR A 539 -19.86 27.41 -5.64
CA THR A 539 -20.12 26.35 -4.63
C THR A 539 -18.96 26.30 -3.63
N ASN A 540 -19.24 26.43 -2.33
CA ASN A 540 -18.09 26.52 -1.37
C ASN A 540 -18.48 25.99 0.03
N THR A 541 -19.71 25.52 0.23
CA THR A 541 -20.23 25.16 1.56
C THR A 541 -20.69 23.69 1.54
N MET A 542 -20.33 22.92 2.57
CA MET A 542 -20.75 21.54 2.77
C MET A 542 -21.39 21.41 4.17
N ARG A 543 -22.66 20.98 4.30
CA ARG A 543 -23.34 20.73 5.63
C ARG A 543 -23.73 19.25 5.80
N VAL A 544 -23.73 18.74 7.03
CA VAL A 544 -24.22 17.41 7.36
C VAL A 544 -25.54 17.58 8.11
N VAL A 545 -26.68 17.10 7.57
CA VAL A 545 -28.00 17.40 8.17
C VAL A 545 -28.82 16.11 8.28
N PRO A 546 -29.60 15.96 9.38
CA PRO A 546 -30.62 14.86 9.56
C PRO A 546 -31.84 15.07 8.63
N VAL A 547 -32.40 13.98 8.11
CA VAL A 547 -33.57 14.06 7.21
C VAL A 547 -34.80 14.44 8.05
N PRO A 548 -35.44 15.58 7.71
CA PRO A 548 -36.53 16.16 8.51
C PRO A 548 -37.80 15.29 8.51
N HIS B 36 13.73 -3.45 -19.95
CA HIS B 36 12.46 -3.90 -19.31
C HIS B 36 12.07 -2.92 -18.19
N ALA B 37 10.97 -2.19 -18.39
CA ALA B 37 10.47 -1.19 -17.42
C ALA B 37 9.61 -1.85 -16.33
N ALA B 38 9.67 -1.28 -15.14
CA ALA B 38 8.90 -1.73 -13.96
C ALA B 38 7.38 -1.56 -14.17
N MET B 39 6.61 -2.38 -13.47
CA MET B 39 5.15 -2.30 -13.45
C MET B 39 4.72 -1.01 -12.73
N ALA B 40 3.56 -0.49 -13.13
CA ALA B 40 2.93 0.70 -12.53
C ALA B 40 2.74 0.53 -11.01
N ASP B 41 2.74 1.66 -10.30
CA ASP B 41 2.57 1.70 -8.82
C ASP B 41 1.14 1.57 -8.28
N THR B 42 0.15 1.81 -9.14
CA THR B 42 -1.27 1.65 -8.75
C THR B 42 -1.98 0.78 -9.78
N PHE B 43 -3.11 0.21 -9.38
CA PHE B 43 -4.00 -0.55 -10.25
C PHE B 43 -4.56 0.32 -11.39
N LEU B 44 -4.94 1.56 -11.11
CA LEU B 44 -5.47 2.45 -12.14
C LEU B 44 -4.40 2.77 -13.20
N GLU B 45 -3.17 2.98 -12.78
CA GLU B 45 -2.09 3.29 -13.70
C GLU B 45 -1.73 2.08 -14.59
N HIS B 46 -1.83 0.86 -14.03
CA HIS B 46 -1.62 -0.41 -14.72
C HIS B 46 -2.62 -0.56 -15.87
N MET B 47 -3.93 -0.42 -15.60
CA MET B 47 -4.99 -0.41 -16.62
C MET B 47 -4.65 0.56 -17.76
N CYS B 48 -4.34 1.84 -17.44
CA CYS B 48 -4.11 2.92 -18.45
C CYS B 48 -2.95 2.55 -19.38
N ARG B 49 -2.10 1.60 -19.00
CA ARG B 49 -0.88 1.31 -19.75
C ARG B 49 -1.01 0.06 -20.62
N LEU B 50 -2.14 -0.65 -20.58
CA LEU B 50 -2.32 -1.84 -21.44
C LEU B 50 -2.20 -1.45 -22.92
N ASP B 51 -1.65 -2.35 -23.73
CA ASP B 51 -1.34 -2.06 -25.13
C ASP B 51 -1.72 -3.18 -26.10
N ILE B 52 -2.46 -2.84 -27.15
CA ILE B 52 -2.90 -3.82 -28.17
C ILE B 52 -1.78 -4.10 -29.18
N ASP B 53 -0.67 -3.36 -29.11
CA ASP B 53 0.49 -3.56 -29.99
C ASP B 53 1.67 -4.13 -29.18
N SER B 54 1.46 -5.29 -28.59
CA SER B 54 2.41 -5.88 -27.65
C SER B 54 2.21 -7.40 -27.64
N PRO B 55 3.07 -8.16 -28.37
CA PRO B 55 2.86 -9.60 -28.56
C PRO B 55 3.00 -10.38 -27.23
N PRO B 56 2.07 -11.31 -26.94
CA PRO B 56 2.17 -12.20 -25.76
C PRO B 56 3.32 -13.23 -25.89
N ILE B 57 3.68 -13.88 -24.79
CA ILE B 57 4.65 -14.98 -24.83
C ILE B 57 3.96 -16.25 -25.35
N THR B 58 4.77 -17.19 -25.85
CA THR B 58 4.35 -18.41 -26.59
C THR B 58 3.57 -19.36 -25.66
N ALA B 59 3.91 -19.39 -24.38
CA ALA B 59 3.29 -20.31 -23.43
C ALA B 59 1.87 -19.83 -23.09
N ARG B 60 1.00 -20.80 -22.77
CA ARG B 60 -0.35 -20.55 -22.33
C ARG B 60 -0.56 -21.28 -21.01
N ASN B 61 -0.73 -20.53 -19.93
CA ASN B 61 -0.77 -21.04 -18.57
C ASN B 61 -2.10 -21.75 -18.22
N THR B 62 -3.25 -21.28 -18.68
CA THR B 62 -4.56 -21.83 -18.26
C THR B 62 -4.88 -23.12 -19.02
N GLY B 63 -5.39 -24.16 -18.34
CA GLY B 63 -5.72 -25.44 -19.01
C GLY B 63 -7.08 -25.44 -19.70
N ILE B 64 -7.25 -26.22 -20.77
CA ILE B 64 -8.49 -26.35 -21.56
C ILE B 64 -9.10 -27.76 -21.41
N ILE B 65 -10.35 -27.80 -20.92
CA ILE B 65 -11.16 -29.05 -20.73
C ILE B 65 -12.27 -29.09 -21.79
N CYS B 66 -12.33 -30.16 -22.59
CA CYS B 66 -13.39 -30.32 -23.66
C CYS B 66 -14.29 -31.52 -23.35
N THR B 67 -15.59 -31.34 -23.55
CA THR B 67 -16.56 -32.45 -23.50
C THR B 67 -16.49 -33.20 -24.82
N ILE B 68 -16.47 -34.52 -24.72
CA ILE B 68 -16.48 -35.41 -25.90
C ILE B 68 -17.90 -35.91 -26.10
N GLY B 69 -18.36 -35.86 -27.34
CA GLY B 69 -19.70 -36.29 -27.75
C GLY B 69 -19.74 -36.56 -29.26
N PRO B 70 -20.94 -36.70 -29.84
CA PRO B 70 -21.10 -37.10 -31.27
C PRO B 70 -20.19 -36.35 -32.27
N ALA B 71 -19.91 -35.07 -32.03
CA ALA B 71 -19.19 -34.20 -33.01
C ALA B 71 -17.65 -34.34 -32.93
N SER B 72 -17.13 -35.12 -31.97
CA SER B 72 -15.68 -35.14 -31.69
C SER B 72 -15.25 -36.47 -31.05
N ARG B 73 -15.87 -37.59 -31.43
CA ARG B 73 -15.55 -38.90 -30.86
C ARG B 73 -14.53 -39.65 -31.72
N SER B 74 -14.36 -39.23 -32.97
CA SER B 74 -13.56 -39.98 -33.93
C SER B 74 -12.06 -39.78 -33.65
N VAL B 75 -11.22 -40.73 -34.03
CA VAL B 75 -9.78 -40.66 -33.81
C VAL B 75 -9.20 -39.47 -34.60
N GLU B 76 -9.70 -39.24 -35.81
CA GLU B 76 -9.15 -38.21 -36.69
C GLU B 76 -9.39 -36.80 -36.11
N THR B 77 -10.60 -36.54 -35.58
CA THR B 77 -10.98 -35.23 -35.01
C THR B 77 -10.25 -34.99 -33.68
N LEU B 78 -10.16 -36.02 -32.84
CA LEU B 78 -9.42 -35.94 -31.57
C LEU B 78 -7.94 -35.60 -31.78
N LYS B 79 -7.29 -36.14 -32.82
CA LYS B 79 -5.90 -35.74 -33.13
C LYS B 79 -5.81 -34.23 -33.39
N GLU B 80 -6.84 -33.65 -33.99
CA GLU B 80 -6.84 -32.24 -34.32
C GLU B 80 -7.07 -31.40 -33.06
N MET B 81 -7.98 -31.84 -32.18
CA MET B 81 -8.23 -31.17 -30.90
C MET B 81 -6.96 -31.15 -30.05
N ILE B 82 -6.20 -32.25 -30.03
CA ILE B 82 -4.96 -32.30 -29.26
C ILE B 82 -3.96 -31.26 -29.78
N LYS B 83 -3.77 -31.16 -31.09
CA LYS B 83 -2.83 -30.18 -31.66
C LYS B 83 -3.32 -28.73 -31.46
N SER B 84 -4.61 -28.53 -31.31
CA SER B 84 -5.23 -27.21 -31.12
C SER B 84 -5.06 -26.69 -29.67
N GLY B 85 -5.02 -27.60 -28.67
CA GLY B 85 -4.63 -27.22 -27.30
C GLY B 85 -5.44 -27.89 -26.20
N MET B 86 -6.14 -28.99 -26.47
CA MET B 86 -6.93 -29.67 -25.45
C MET B 86 -6.00 -30.45 -24.50
N ASN B 87 -6.25 -30.34 -23.19
CA ASN B 87 -5.42 -30.98 -22.17
C ASN B 87 -6.18 -32.10 -21.47
N VAL B 88 -7.51 -31.99 -21.39
CA VAL B 88 -8.37 -32.89 -20.59
C VAL B 88 -9.59 -33.26 -21.45
N ALA B 89 -10.03 -34.52 -21.40
CA ALA B 89 -11.23 -34.98 -22.12
C ALA B 89 -12.31 -35.36 -21.11
N ARG B 90 -13.43 -34.65 -21.06
CA ARG B 90 -14.49 -34.96 -20.08
C ARG B 90 -15.57 -35.84 -20.73
N LEU B 91 -15.93 -36.94 -20.05
CA LEU B 91 -17.05 -37.83 -20.43
C LEU B 91 -18.23 -37.57 -19.51
N ASN B 92 -19.40 -37.37 -20.11
CA ASN B 92 -20.62 -37.01 -19.37
C ASN B 92 -21.52 -38.24 -19.24
N PHE B 93 -21.61 -38.78 -18.02
CA PHE B 93 -22.35 -40.04 -17.73
C PHE B 93 -23.83 -39.76 -17.39
N SER B 94 -24.39 -38.71 -17.97
CA SER B 94 -25.84 -38.47 -17.91
C SER B 94 -26.54 -39.37 -18.93
N HIS B 95 -25.86 -39.60 -20.07
CA HIS B 95 -26.39 -40.38 -21.18
C HIS B 95 -25.42 -41.54 -21.50
N GLY B 96 -25.83 -42.42 -22.42
CA GLY B 96 -24.96 -43.47 -22.97
C GLY B 96 -24.76 -44.65 -22.02
N THR B 97 -24.47 -45.81 -22.60
CA THR B 97 -24.18 -47.06 -21.86
C THR B 97 -22.69 -47.10 -21.50
N HIS B 98 -22.31 -48.03 -20.60
CA HIS B 98 -20.89 -48.27 -20.26
C HIS B 98 -20.08 -48.65 -21.50
N GLU B 99 -20.72 -49.36 -22.42
CA GLU B 99 -20.05 -49.90 -23.59
C GLU B 99 -19.75 -48.79 -24.61
N TYR B 100 -20.66 -47.82 -24.73
CA TYR B 100 -20.42 -46.64 -25.60
C TYR B 100 -19.29 -45.79 -25.02
N HIS B 101 -19.28 -45.56 -23.70
CA HIS B 101 -18.25 -44.76 -23.01
C HIS B 101 -16.86 -45.40 -23.11
N ALA B 102 -16.77 -46.74 -23.00
CA ALA B 102 -15.48 -47.46 -23.07
C ALA B 102 -14.84 -47.33 -24.46
N GLU B 103 -15.66 -47.12 -25.47
CA GLU B 103 -15.16 -46.93 -26.82
C GLU B 103 -14.71 -45.47 -27.03
N THR B 104 -15.22 -44.54 -26.21
CA THR B 104 -14.68 -43.18 -26.25
C THR B 104 -13.28 -43.15 -25.62
N ILE B 105 -13.11 -43.80 -24.46
CA ILE B 105 -11.82 -43.80 -23.74
C ILE B 105 -10.74 -44.43 -24.63
N LYS B 106 -11.06 -45.52 -25.33
CA LYS B 106 -10.15 -46.17 -26.31
C LYS B 106 -9.74 -45.20 -27.45
N ASN B 107 -10.65 -44.40 -28.00
CA ASN B 107 -10.28 -43.46 -29.11
C ASN B 107 -9.40 -42.31 -28.61
N VAL B 108 -9.67 -41.78 -27.41
CA VAL B 108 -8.86 -40.69 -26.82
C VAL B 108 -7.41 -41.19 -26.64
N ARG B 109 -7.27 -42.40 -26.06
CA ARG B 109 -5.95 -43.02 -25.81
C ARG B 109 -5.21 -43.32 -27.13
N THR B 110 -5.92 -43.76 -28.18
CA THR B 110 -5.29 -44.03 -29.47
C THR B 110 -4.72 -42.73 -30.01
N ALA B 111 -5.60 -41.72 -30.13
CA ALA B 111 -5.24 -40.36 -30.56
C ALA B 111 -4.01 -39.85 -29.80
N THR B 112 -4.00 -40.02 -28.47
CA THR B 112 -2.90 -39.55 -27.59
C THR B 112 -1.59 -40.27 -27.94
N GLU B 113 -1.62 -41.61 -28.12
CA GLU B 113 -0.36 -42.39 -28.29
C GLU B 113 0.21 -42.27 -29.71
N SER B 114 -0.59 -41.73 -30.63
CA SER B 114 -0.18 -41.51 -32.00
C SER B 114 1.01 -40.52 -32.06
N PHE B 115 1.23 -39.76 -30.98
CA PHE B 115 2.26 -38.72 -30.92
C PHE B 115 3.49 -39.18 -30.10
N ALA B 116 3.45 -40.41 -29.57
CA ALA B 116 4.46 -40.90 -28.59
C ALA B 116 5.81 -41.22 -29.25
N SER B 117 5.85 -41.27 -30.59
CA SER B 117 7.06 -41.64 -31.37
C SER B 117 8.21 -40.65 -31.11
N ASP B 118 7.89 -39.35 -31.00
CA ASP B 118 8.87 -38.29 -30.70
C ASP B 118 8.70 -37.72 -29.26
N PRO B 119 9.51 -38.21 -28.29
CA PRO B 119 9.38 -37.88 -26.84
C PRO B 119 9.46 -36.37 -26.50
N ILE B 120 10.09 -35.59 -27.38
CA ILE B 120 10.26 -34.16 -27.17
C ILE B 120 8.93 -33.42 -27.43
N LEU B 121 8.08 -33.93 -28.33
CA LEU B 121 6.84 -33.20 -28.71
C LEU B 121 5.56 -33.88 -28.19
N TYR B 122 5.68 -34.93 -27.38
CA TYR B 122 4.52 -35.66 -26.83
C TYR B 122 3.80 -34.82 -25.76
N ARG B 123 2.46 -34.75 -25.79
CA ARG B 123 1.64 -34.06 -24.77
C ARG B 123 0.78 -35.08 -24.03
N PRO B 124 0.90 -35.22 -22.71
CA PRO B 124 -0.06 -36.08 -21.93
C PRO B 124 -1.49 -35.50 -21.96
N VAL B 125 -2.51 -36.34 -21.97
CA VAL B 125 -3.90 -35.88 -22.00
C VAL B 125 -4.69 -36.62 -20.91
N ALA B 126 -5.31 -35.91 -19.98
CA ALA B 126 -6.06 -36.58 -18.90
C ALA B 126 -7.48 -36.96 -19.36
N VAL B 127 -8.09 -37.92 -18.67
CA VAL B 127 -9.50 -38.32 -18.89
C VAL B 127 -10.30 -38.03 -17.61
N ALA B 128 -11.49 -37.42 -17.71
CA ALA B 128 -12.30 -37.08 -16.51
C ALA B 128 -13.72 -37.61 -16.65
N LEU B 129 -14.24 -38.15 -15.56
CA LEU B 129 -15.53 -38.81 -15.51
C LEU B 129 -16.49 -37.93 -14.71
N ASP B 130 -17.54 -37.44 -15.37
CA ASP B 130 -18.56 -36.59 -14.74
C ASP B 130 -19.77 -37.43 -14.37
N THR B 131 -20.14 -37.44 -13.09
CA THR B 131 -21.26 -38.28 -12.61
C THR B 131 -22.61 -37.67 -13.01
N LYS B 132 -23.70 -38.44 -12.84
CA LYS B 132 -25.06 -37.95 -13.13
C LYS B 132 -25.54 -37.12 -11.94
N GLY B 133 -25.43 -37.68 -10.73
CA GLY B 133 -25.87 -37.04 -9.50
C GLY B 133 -27.36 -37.22 -9.24
N PRO B 134 -27.85 -36.77 -8.06
CA PRO B 134 -29.29 -36.77 -7.66
C PRO B 134 -30.14 -35.82 -8.53
N GLU B 135 -30.67 -36.35 -9.64
CA GLU B 135 -31.26 -35.51 -10.70
C GLU B 135 -32.70 -35.96 -10.99
N ILE B 136 -33.58 -34.98 -11.25
CA ILE B 136 -34.99 -35.21 -11.62
C ILE B 136 -35.17 -34.85 -13.10
N ARG B 137 -35.77 -35.77 -13.88
CA ARG B 137 -35.95 -35.57 -15.34
C ARG B 137 -37.41 -35.81 -15.72
N LEU B 235 -32.53 -36.44 -1.28
CA LEU B 235 -31.90 -37.50 -2.06
C LEU B 235 -30.43 -37.65 -1.63
N PRO B 236 -29.89 -38.91 -1.62
CA PRO B 236 -28.51 -39.21 -1.14
C PRO B 236 -27.40 -38.70 -2.08
N ALA B 237 -26.18 -38.61 -1.54
CA ALA B 237 -24.98 -38.09 -2.24
C ALA B 237 -24.68 -38.90 -3.51
N VAL B 238 -24.59 -40.22 -3.34
CA VAL B 238 -24.21 -41.15 -4.39
C VAL B 238 -25.38 -42.10 -4.60
N SER B 239 -26.04 -42.00 -5.76
CA SER B 239 -27.14 -42.91 -6.13
C SER B 239 -26.61 -44.30 -6.51
N GLU B 240 -27.51 -45.24 -6.75
CA GLU B 240 -27.13 -46.63 -7.06
C GLU B 240 -26.42 -46.70 -8.42
N LYS B 241 -26.89 -45.87 -9.37
CA LYS B 241 -26.29 -45.74 -10.71
C LYS B 241 -24.87 -45.18 -10.62
N ASP B 242 -24.66 -44.22 -9.72
CA ASP B 242 -23.35 -43.60 -9.51
C ASP B 242 -22.27 -44.50 -8.92
N ILE B 243 -22.65 -45.43 -8.03
CA ILE B 243 -21.79 -46.55 -7.58
C ILE B 243 -21.22 -47.27 -8.81
N GLN B 244 -22.09 -47.64 -9.76
CA GLN B 244 -21.71 -48.45 -10.91
C GLN B 244 -20.74 -47.67 -11.80
N ASP B 245 -21.02 -46.38 -11.96
CA ASP B 245 -20.20 -45.44 -12.73
C ASP B 245 -18.82 -45.20 -12.12
N LEU B 246 -18.78 -44.94 -10.80
CA LEU B 246 -17.52 -44.72 -10.11
C LEU B 246 -16.64 -45.97 -10.19
N LYS B 247 -17.23 -47.14 -9.93
CA LYS B 247 -16.56 -48.44 -9.94
C LYS B 247 -16.06 -48.77 -11.36
N PHE B 248 -16.78 -48.29 -12.38
CA PHE B 248 -16.38 -48.46 -13.80
C PHE B 248 -15.14 -47.61 -14.12
N GLY B 249 -15.05 -46.42 -13.50
CA GLY B 249 -13.94 -45.48 -13.73
C GLY B 249 -12.64 -45.90 -13.08
N VAL B 250 -12.71 -46.67 -11.99
CA VAL B 250 -11.51 -47.26 -11.36
C VAL B 250 -10.89 -48.32 -12.29
N GLU B 251 -11.74 -49.11 -12.98
CA GLU B 251 -11.30 -50.19 -13.88
C GLU B 251 -10.68 -49.63 -15.17
N GLN B 252 -11.18 -48.47 -15.63
CA GLN B 252 -10.75 -47.84 -16.90
C GLN B 252 -9.56 -46.89 -16.66
N ASP B 253 -9.14 -46.73 -15.41
CA ASP B 253 -7.96 -45.92 -15.02
C ASP B 253 -8.08 -44.41 -15.34
N VAL B 254 -9.16 -43.78 -14.88
CA VAL B 254 -9.36 -42.33 -15.14
C VAL B 254 -8.47 -41.52 -14.18
N ASP B 255 -8.35 -40.22 -14.42
CA ASP B 255 -7.48 -39.38 -13.59
C ASP B 255 -8.22 -38.57 -12.56
N MET B 256 -9.46 -38.22 -12.86
CA MET B 256 -10.22 -37.39 -11.95
C MET B 256 -11.71 -37.69 -12.10
N VAL B 257 -12.48 -37.30 -11.08
CA VAL B 257 -13.90 -37.47 -11.03
C VAL B 257 -14.54 -36.09 -10.76
N PHE B 258 -15.54 -35.68 -11.54
CA PHE B 258 -16.29 -34.43 -11.20
C PHE B 258 -17.61 -34.82 -10.53
N ALA B 259 -17.71 -34.66 -9.21
CA ALA B 259 -18.88 -35.17 -8.46
C ALA B 259 -19.99 -34.11 -8.48
N SER B 260 -21.14 -34.45 -9.03
CA SER B 260 -22.28 -33.49 -9.18
C SER B 260 -23.02 -33.29 -7.85
N PHE B 261 -23.51 -32.05 -7.65
CA PHE B 261 -24.46 -31.65 -6.56
C PHE B 261 -23.91 -31.98 -5.18
N ILE B 262 -22.76 -31.41 -4.83
CA ILE B 262 -22.19 -31.57 -3.49
C ILE B 262 -22.81 -30.52 -2.56
N ARG B 263 -23.32 -30.94 -1.39
CA ARG B 263 -24.01 -30.00 -0.46
C ARG B 263 -23.26 -29.85 0.87
N LYS B 264 -22.45 -30.84 1.28
CA LYS B 264 -21.79 -30.85 2.62
C LYS B 264 -20.53 -31.73 2.59
N ALA B 265 -19.62 -31.58 3.56
CA ALA B 265 -18.32 -32.32 3.55
C ALA B 265 -18.52 -33.84 3.59
N SER B 266 -19.63 -34.31 4.17
CA SER B 266 -19.90 -35.75 4.30
C SER B 266 -20.29 -36.39 2.95
N ASP B 267 -20.62 -35.57 1.94
CA ASP B 267 -20.86 -36.06 0.56
C ASP B 267 -19.57 -36.44 -0.16
N VAL B 268 -18.50 -35.68 0.12
CA VAL B 268 -17.18 -35.88 -0.48
C VAL B 268 -16.59 -37.18 0.12
N HIS B 269 -16.68 -37.33 1.44
CA HIS B 269 -16.23 -38.53 2.18
C HIS B 269 -16.94 -39.81 1.68
N GLU B 270 -18.21 -39.71 1.29
CA GLU B 270 -18.95 -40.80 0.67
C GLU B 270 -18.32 -41.23 -0.67
N VAL B 271 -17.94 -40.27 -1.54
CA VAL B 271 -17.37 -40.55 -2.88
C VAL B 271 -15.97 -41.19 -2.72
N ARG B 272 -15.16 -40.67 -1.80
CA ARG B 272 -13.81 -41.17 -1.48
C ARG B 272 -13.85 -42.65 -1.03
N LYS B 273 -14.97 -43.08 -0.44
CA LYS B 273 -15.13 -44.41 0.14
C LYS B 273 -15.48 -45.43 -0.94
N VAL B 274 -16.28 -45.03 -1.93
CA VAL B 274 -16.66 -45.88 -3.06
C VAL B 274 -15.46 -46.13 -3.99
N LEU B 275 -14.53 -45.18 -4.13
CA LEU B 275 -13.34 -45.40 -4.97
C LEU B 275 -12.39 -46.39 -4.28
N GLY B 276 -12.40 -46.40 -2.95
CA GLY B 276 -11.75 -47.47 -2.17
C GLY B 276 -10.26 -47.25 -2.03
N GLU B 277 -9.51 -48.35 -2.06
CA GLU B 277 -8.03 -48.32 -1.98
C GLU B 277 -7.42 -48.31 -3.38
N LYS B 278 -8.07 -48.99 -4.32
CA LYS B 278 -7.62 -49.09 -5.71
C LYS B 278 -7.56 -47.70 -6.38
N GLY B 279 -8.52 -46.83 -6.07
CA GLY B 279 -8.56 -45.52 -6.68
C GLY B 279 -8.23 -44.41 -5.70
N LYS B 280 -7.25 -44.63 -4.83
CA LYS B 280 -6.89 -43.63 -3.81
C LYS B 280 -6.08 -42.47 -4.41
N ASN B 281 -5.57 -42.61 -5.64
CA ASN B 281 -4.83 -41.51 -6.29
C ASN B 281 -5.75 -40.71 -7.24
N ILE B 282 -6.98 -41.17 -7.51
CA ILE B 282 -7.92 -40.38 -8.32
C ILE B 282 -8.34 -39.10 -7.56
N LYS B 283 -8.23 -37.93 -8.20
CA LYS B 283 -8.57 -36.60 -7.60
C LYS B 283 -10.10 -36.39 -7.64
N ILE B 284 -10.68 -35.86 -6.56
CA ILE B 284 -12.11 -35.50 -6.56
C ILE B 284 -12.26 -33.97 -6.68
N ILE B 285 -12.93 -33.52 -7.75
CA ILE B 285 -13.29 -32.11 -7.99
C ILE B 285 -14.80 -31.99 -7.65
N SER B 286 -15.18 -31.17 -6.67
CA SER B 286 -16.59 -31.03 -6.22
C SER B 286 -17.34 -29.94 -7.03
N LYS B 287 -18.50 -30.29 -7.60
CA LYS B 287 -19.35 -29.36 -8.34
C LYS B 287 -20.29 -28.59 -7.40
N ILE B 288 -20.15 -27.27 -7.35
CA ILE B 288 -21.01 -26.42 -6.51
C ILE B 288 -22.18 -25.94 -7.37
N GLU B 289 -23.43 -26.31 -7.03
CA GLU B 289 -24.56 -25.96 -7.93
C GLU B 289 -25.87 -25.66 -7.21
N ASN B 290 -25.84 -25.23 -5.95
CA ASN B 290 -27.08 -24.75 -5.29
C ASN B 290 -26.73 -23.88 -4.08
N HIS B 291 -27.77 -23.40 -3.42
CA HIS B 291 -27.65 -22.42 -2.35
C HIS B 291 -26.90 -23.05 -1.16
N GLU B 292 -27.23 -24.31 -0.83
CA GLU B 292 -26.64 -25.02 0.32
C GLU B 292 -25.12 -25.20 0.13
N GLY B 293 -24.74 -25.63 -1.09
CA GLY B 293 -23.34 -25.68 -1.55
C GLY B 293 -22.59 -24.39 -1.25
N VAL B 294 -23.10 -23.24 -1.74
CA VAL B 294 -22.46 -21.91 -1.51
C VAL B 294 -22.36 -21.59 0.00
N ARG B 295 -23.41 -21.84 0.78
CA ARG B 295 -23.39 -21.53 2.23
C ARG B 295 -22.35 -22.39 2.99
N ARG B 296 -22.21 -23.66 2.63
CA ARG B 296 -21.32 -24.56 3.39
C ARG B 296 -19.96 -24.72 2.67
N PHE B 297 -19.57 -23.70 1.89
CA PHE B 297 -18.47 -23.79 0.92
C PHE B 297 -17.14 -24.13 1.61
N ASP B 298 -16.86 -23.55 2.78
CA ASP B 298 -15.51 -23.66 3.38
C ASP B 298 -15.16 -25.07 3.81
N GLU B 299 -16.16 -25.81 4.27
CA GLU B 299 -15.97 -27.20 4.73
C GLU B 299 -15.87 -28.15 3.53
N ILE B 300 -16.58 -27.85 2.43
CA ILE B 300 -16.48 -28.62 1.17
C ILE B 300 -15.06 -28.46 0.56
N LEU B 301 -14.49 -27.26 0.66
CA LEU B 301 -13.18 -27.00 0.09
C LEU B 301 -12.08 -27.75 0.86
N GLU B 302 -12.23 -27.85 2.18
CA GLU B 302 -11.22 -28.55 3.00
C GLU B 302 -11.22 -30.07 2.67
N ALA B 303 -12.37 -30.62 2.29
CA ALA B 303 -12.51 -32.05 2.02
C ALA B 303 -12.09 -32.42 0.58
N SER B 304 -12.18 -31.49 -0.38
CA SER B 304 -12.04 -31.78 -1.82
C SER B 304 -10.60 -31.56 -2.27
N ASP B 305 -10.28 -32.05 -3.49
CA ASP B 305 -8.99 -31.79 -4.12
C ASP B 305 -8.97 -30.54 -5.01
N GLY B 306 -10.16 -29.95 -5.26
CA GLY B 306 -10.42 -28.93 -6.28
C GLY B 306 -11.91 -28.64 -6.34
N ILE B 307 -12.32 -27.57 -7.04
CA ILE B 307 -13.71 -27.11 -7.05
C ILE B 307 -14.13 -26.79 -8.50
N MET B 308 -15.38 -27.05 -8.86
CA MET B 308 -15.89 -26.58 -10.15
C MET B 308 -17.09 -25.66 -9.93
N VAL B 309 -17.02 -24.44 -10.49
CA VAL B 309 -18.17 -23.51 -10.46
C VAL B 309 -19.12 -23.86 -11.62
N ALA B 310 -20.27 -24.46 -11.30
CA ALA B 310 -21.18 -24.98 -12.34
C ALA B 310 -22.28 -23.95 -12.62
N ARG B 311 -22.03 -23.01 -13.54
CA ARG B 311 -22.84 -21.78 -13.65
C ARG B 311 -24.26 -22.07 -14.15
N GLY B 312 -24.40 -23.04 -15.06
CA GLY B 312 -25.69 -23.40 -15.64
C GLY B 312 -26.73 -23.71 -14.59
N ASP B 313 -26.49 -24.75 -13.80
CA ASP B 313 -27.40 -25.16 -12.74
C ASP B 313 -27.55 -24.10 -11.64
N LEU B 314 -26.42 -23.52 -11.21
CA LEU B 314 -26.38 -22.50 -10.14
C LEU B 314 -27.22 -21.28 -10.52
N GLY B 315 -27.27 -20.94 -11.80
CA GLY B 315 -28.05 -19.79 -12.28
C GLY B 315 -29.57 -20.02 -12.33
N ILE B 316 -30.05 -21.19 -11.90
CA ILE B 316 -31.49 -21.45 -11.79
C ILE B 316 -31.87 -21.45 -10.31
N GLU B 317 -31.01 -22.01 -9.46
CA GLU B 317 -31.29 -22.14 -8.04
C GLU B 317 -31.16 -20.79 -7.33
N ILE B 318 -30.15 -19.99 -7.67
CA ILE B 318 -30.08 -18.59 -7.16
C ILE B 318 -30.47 -17.64 -8.32
N PRO B 319 -30.88 -16.37 -8.03
CA PRO B 319 -31.20 -15.35 -9.08
C PRO B 319 -30.01 -15.07 -10.02
N ALA B 320 -30.25 -14.93 -11.32
CA ALA B 320 -29.18 -14.99 -12.32
C ALA B 320 -28.20 -13.80 -12.19
N GLU B 321 -28.66 -12.67 -11.66
CA GLU B 321 -27.81 -11.48 -11.46
C GLU B 321 -26.87 -11.63 -10.25
N LYS B 322 -26.92 -12.76 -9.54
CA LYS B 322 -26.08 -12.99 -8.36
C LYS B 322 -24.98 -14.03 -8.66
N VAL B 323 -25.11 -14.74 -9.79
CA VAL B 323 -24.14 -15.78 -10.20
C VAL B 323 -22.70 -15.20 -10.25
N PHE B 324 -22.51 -14.02 -10.82
CA PHE B 324 -21.17 -13.41 -10.90
C PHE B 324 -20.56 -13.18 -9.50
N LEU B 325 -21.37 -12.97 -8.46
CA LEU B 325 -20.85 -12.78 -7.10
C LEU B 325 -20.36 -14.12 -6.53
N ALA B 326 -21.14 -15.20 -6.74
CA ALA B 326 -20.78 -16.54 -6.24
C ALA B 326 -19.48 -16.99 -6.90
N GLN B 327 -19.31 -16.69 -8.20
CA GLN B 327 -18.12 -17.08 -8.97
C GLN B 327 -16.85 -16.43 -8.39
N LYS B 328 -16.89 -15.13 -8.10
CA LYS B 328 -15.71 -14.38 -7.64
C LYS B 328 -15.35 -14.73 -6.18
N MET B 329 -16.37 -14.91 -5.34
CA MET B 329 -16.16 -15.40 -3.98
C MET B 329 -15.41 -16.75 -4.04
N MET B 330 -15.87 -17.67 -4.88
CA MET B 330 -15.29 -19.00 -4.91
C MET B 330 -13.90 -19.02 -5.55
N ILE B 331 -13.64 -18.21 -6.57
CA ILE B 331 -12.29 -18.19 -7.13
C ILE B 331 -11.33 -17.61 -6.08
N GLY B 332 -11.77 -16.58 -5.35
CA GLY B 332 -10.96 -15.93 -4.30
C GLY B 332 -10.54 -16.90 -3.20
N ARG B 333 -11.49 -17.66 -2.66
CA ARG B 333 -11.20 -18.61 -1.58
C ARG B 333 -10.26 -19.75 -2.04
N CYS B 334 -10.40 -20.26 -3.26
CA CYS B 334 -9.48 -21.32 -3.73
C CYS B 334 -8.03 -20.82 -3.95
N ASN B 335 -7.85 -19.62 -4.53
CA ASN B 335 -6.53 -19.00 -4.66
C ASN B 335 -5.84 -18.85 -3.30
N ARG B 336 -6.60 -18.45 -2.29
CA ARG B 336 -6.10 -18.29 -0.91
C ARG B 336 -5.68 -19.65 -0.32
N ALA B 337 -6.40 -20.73 -0.62
CA ALA B 337 -6.09 -22.09 -0.10
C ALA B 337 -5.05 -22.82 -0.96
N GLY B 338 -4.63 -22.27 -2.10
CA GLY B 338 -3.75 -22.99 -3.05
C GLY B 338 -4.41 -24.25 -3.61
N LYS B 339 -5.72 -24.24 -3.89
CA LYS B 339 -6.39 -25.39 -4.54
C LYS B 339 -6.93 -24.97 -5.91
N PRO B 340 -6.98 -25.90 -6.89
CA PRO B 340 -7.48 -25.69 -8.28
C PRO B 340 -8.98 -25.31 -8.35
N VAL B 341 -9.34 -24.35 -9.20
CA VAL B 341 -10.75 -23.99 -9.43
C VAL B 341 -11.01 -23.90 -10.93
N ILE B 342 -12.11 -24.52 -11.37
CA ILE B 342 -12.48 -24.63 -12.80
C ILE B 342 -13.75 -23.80 -13.04
N CYS B 343 -13.77 -23.03 -14.11
CA CYS B 343 -14.97 -22.24 -14.47
C CYS B 343 -15.68 -22.89 -15.68
N ALA B 344 -16.96 -23.23 -15.53
CA ALA B 344 -17.68 -24.06 -16.54
C ALA B 344 -18.98 -23.41 -17.03
N THR B 345 -19.44 -23.81 -18.23
CA THR B 345 -20.85 -23.67 -18.74
C THR B 345 -21.12 -22.31 -19.43
N GLN B 346 -21.53 -22.41 -20.69
CA GLN B 346 -22.02 -21.31 -21.54
C GLN B 346 -20.94 -20.26 -21.84
N MET B 347 -19.67 -20.63 -21.82
CA MET B 347 -18.57 -19.65 -22.03
C MET B 347 -18.49 -19.18 -23.49
N LEU B 348 -18.65 -20.06 -24.49
CA LEU B 348 -18.57 -19.69 -25.94
C LEU B 348 -19.83 -20.19 -26.67
N GLU B 349 -21.01 -20.02 -26.07
CA GLU B 349 -22.25 -20.77 -26.42
C GLU B 349 -22.69 -20.52 -27.87
N SER B 350 -22.51 -19.29 -28.37
CA SER B 350 -22.91 -18.94 -29.75
C SER B 350 -22.08 -19.69 -30.82
N MET B 351 -20.92 -20.27 -30.46
CA MET B 351 -20.05 -20.98 -31.42
C MET B 351 -20.57 -22.39 -31.74
N ILE B 352 -21.74 -22.75 -31.20
CA ILE B 352 -22.45 -23.96 -31.63
C ILE B 352 -22.90 -23.79 -33.10
N LYS B 353 -23.44 -22.61 -33.44
CA LYS B 353 -24.08 -22.40 -34.76
C LYS B 353 -23.19 -21.56 -35.69
N LYS B 354 -22.38 -20.65 -35.14
CA LYS B 354 -21.58 -19.69 -35.97
C LYS B 354 -20.09 -19.89 -35.70
N PRO B 355 -19.21 -19.61 -36.69
CA PRO B 355 -17.75 -19.86 -36.49
C PRO B 355 -16.99 -18.78 -35.69
N ARG B 356 -17.67 -17.72 -35.25
CA ARG B 356 -17.04 -16.63 -34.46
C ARG B 356 -17.90 -16.37 -33.21
N PRO B 357 -17.26 -16.01 -32.08
CA PRO B 357 -18.07 -15.69 -30.86
C PRO B 357 -18.59 -14.24 -30.87
N THR B 358 -19.60 -13.96 -30.03
CA THR B 358 -20.08 -12.59 -29.81
C THR B 358 -19.06 -11.80 -28.97
N ARG B 359 -19.19 -10.48 -28.95
CA ARG B 359 -18.30 -9.60 -28.14
C ARG B 359 -18.37 -9.96 -26.64
N ALA B 360 -19.57 -10.27 -26.11
CA ALA B 360 -19.74 -10.65 -24.67
C ALA B 360 -18.95 -11.93 -24.32
N GLU B 361 -19.01 -12.95 -25.19
CA GLU B 361 -18.32 -14.23 -24.95
C GLU B 361 -16.79 -14.06 -24.91
N GLY B 362 -16.24 -13.21 -25.75
CA GLY B 362 -14.82 -12.89 -25.70
C GLY B 362 -14.41 -12.27 -24.37
N SER B 363 -15.28 -11.44 -23.78
CA SER B 363 -14.93 -10.77 -22.52
C SER B 363 -15.16 -11.68 -21.30
N ASP B 364 -16.10 -12.62 -21.37
CA ASP B 364 -16.37 -13.58 -20.29
C ASP B 364 -15.22 -14.62 -19.99
N VAL B 365 -14.62 -15.16 -21.03
CA VAL B 365 -13.41 -16.01 -20.92
C VAL B 365 -12.22 -15.19 -20.37
N ALA B 366 -11.98 -13.98 -20.87
CA ALA B 366 -10.85 -13.14 -20.37
C ALA B 366 -11.02 -12.82 -18.87
N ASN B 367 -12.25 -12.56 -18.43
CA ASN B 367 -12.49 -12.14 -17.06
C ASN B 367 -12.30 -13.33 -16.08
N ALA B 368 -12.63 -14.56 -16.49
CA ALA B 368 -12.38 -15.74 -15.64
C ALA B 368 -10.86 -15.95 -15.43
N VAL B 369 -10.09 -15.79 -16.50
CA VAL B 369 -8.63 -15.84 -16.42
C VAL B 369 -8.08 -14.71 -15.54
N LEU B 370 -8.53 -13.46 -15.68
CA LEU B 370 -8.08 -12.37 -14.78
C LEU B 370 -8.58 -12.53 -13.33
N ASP B 371 -9.73 -13.15 -13.06
CA ASP B 371 -10.10 -13.41 -11.64
C ASP B 371 -9.17 -14.46 -10.97
N GLY B 372 -8.68 -15.44 -11.74
CA GLY B 372 -7.77 -16.41 -11.20
C GLY B 372 -8.16 -17.87 -11.42
N ALA B 373 -9.06 -18.20 -12.37
CA ALA B 373 -9.39 -19.60 -12.71
C ALA B 373 -8.14 -20.36 -13.20
N ASP B 374 -7.94 -21.57 -12.68
CA ASP B 374 -6.96 -22.55 -13.20
C ASP B 374 -7.30 -23.15 -14.58
N CYS B 375 -8.56 -23.50 -14.85
CA CYS B 375 -8.96 -24.03 -16.16
C CYS B 375 -10.33 -23.50 -16.58
N ILE B 376 -10.59 -23.56 -17.88
CA ILE B 376 -11.89 -23.21 -18.44
C ILE B 376 -12.40 -24.43 -19.21
N MET B 377 -13.73 -24.57 -19.31
CA MET B 377 -14.39 -25.78 -19.82
C MET B 377 -15.36 -25.44 -20.97
N LEU B 378 -15.28 -26.21 -22.06
CA LEU B 378 -16.29 -26.19 -23.15
C LEU B 378 -17.26 -27.37 -22.98
N SER B 379 -18.55 -27.13 -23.21
CA SER B 379 -19.57 -28.23 -23.15
C SER B 379 -20.17 -28.48 -24.55
N GLY B 380 -21.36 -27.90 -24.82
CA GLY B 380 -22.05 -27.98 -26.12
C GLY B 380 -21.14 -27.67 -27.30
N GLU B 381 -20.25 -26.69 -27.15
CA GLU B 381 -19.36 -26.18 -28.22
C GLU B 381 -18.56 -27.33 -28.85
N THR B 382 -18.12 -28.32 -28.06
CA THR B 382 -17.25 -29.40 -28.56
C THR B 382 -18.01 -30.72 -28.66
N ALA B 383 -19.11 -30.85 -27.94
CA ALA B 383 -19.88 -32.09 -27.88
C ALA B 383 -20.81 -32.20 -29.08
N LYS B 384 -21.59 -31.14 -29.35
CA LYS B 384 -22.74 -31.23 -30.24
C LYS B 384 -22.63 -30.24 -31.41
N GLY B 385 -21.81 -29.20 -31.27
CA GLY B 385 -21.82 -28.05 -32.19
C GLY B 385 -21.16 -28.35 -33.54
N ASP B 386 -21.16 -27.34 -34.40
CA ASP B 386 -20.72 -27.50 -35.81
C ASP B 386 -19.26 -27.13 -36.06
N TYR B 387 -18.60 -26.54 -35.05
CA TYR B 387 -17.28 -25.95 -35.25
C TYR B 387 -16.34 -26.28 -34.08
N PRO B 388 -16.27 -27.58 -33.63
CA PRO B 388 -15.46 -27.93 -32.40
C PRO B 388 -14.01 -27.42 -32.39
N LEU B 389 -13.29 -27.52 -33.51
CA LEU B 389 -11.88 -27.11 -33.57
C LEU B 389 -11.72 -25.60 -33.45
N GLU B 390 -12.60 -24.82 -34.09
CA GLU B 390 -12.55 -23.34 -34.02
C GLU B 390 -12.78 -22.88 -32.58
N ALA B 391 -13.66 -23.56 -31.85
CA ALA B 391 -13.93 -23.21 -30.44
C ALA B 391 -12.69 -23.49 -29.58
N VAL B 392 -12.03 -24.64 -29.74
CA VAL B 392 -10.79 -24.90 -29.01
C VAL B 392 -9.75 -23.83 -29.36
N ARG B 393 -9.65 -23.41 -30.62
CA ARG B 393 -8.60 -22.44 -31.03
C ARG B 393 -8.90 -21.03 -30.50
N MET B 394 -10.17 -20.69 -30.33
CA MET B 394 -10.58 -19.39 -29.79
C MET B 394 -10.19 -19.29 -28.30
N GLN B 395 -10.43 -20.34 -27.52
CA GLN B 395 -10.07 -20.37 -26.10
C GLN B 395 -8.54 -20.27 -25.92
N HIS B 396 -7.78 -21.00 -26.73
CA HIS B 396 -6.33 -20.87 -26.72
C HIS B 396 -5.88 -19.41 -26.93
N LEU B 397 -6.38 -18.71 -27.96
CA LEU B 397 -5.92 -17.32 -28.27
C LEU B 397 -6.29 -16.34 -27.16
N ILE B 398 -7.53 -16.39 -26.65
CA ILE B 398 -8.01 -15.42 -25.64
C ILE B 398 -7.19 -15.55 -24.36
N ALA B 399 -7.01 -16.78 -23.89
CA ALA B 399 -6.37 -17.08 -22.59
C ALA B 399 -4.92 -16.59 -22.57
N ARG B 400 -4.21 -16.83 -23.66
CA ARG B 400 -2.84 -16.35 -23.85
C ARG B 400 -2.77 -14.82 -23.72
N GLU B 401 -3.70 -14.10 -24.36
CA GLU B 401 -3.74 -12.63 -24.28
C GLU B 401 -4.08 -12.15 -22.85
N ALA B 402 -5.06 -12.78 -22.19
CA ALA B 402 -5.45 -12.31 -20.84
C ALA B 402 -4.29 -12.49 -19.86
N GLU B 403 -3.53 -13.59 -19.97
CA GLU B 403 -2.38 -13.86 -19.08
C GLU B 403 -1.33 -12.74 -19.11
N ALA B 404 -1.19 -12.01 -20.21
CA ALA B 404 -0.18 -10.92 -20.32
C ALA B 404 -0.65 -9.61 -19.65
N ALA B 405 -1.90 -9.56 -19.17
CA ALA B 405 -2.47 -8.35 -18.58
C ALA B 405 -2.63 -8.48 -17.05
N ILE B 406 -2.19 -9.57 -16.44
CA ILE B 406 -2.29 -9.77 -14.97
C ILE B 406 -1.40 -8.75 -14.25
N TYR B 407 -1.86 -8.19 -13.14
CA TYR B 407 -1.05 -7.21 -12.39
C TYR B 407 -0.22 -7.94 -11.33
N HIS B 408 0.92 -8.50 -11.78
CA HIS B 408 1.74 -9.50 -11.01
C HIS B 408 2.35 -8.89 -9.75
N LEU B 409 2.67 -7.59 -9.80
CA LEU B 409 3.29 -6.88 -8.71
C LEU B 409 2.39 -6.92 -7.46
N GLN B 410 1.10 -6.62 -7.62
CA GLN B 410 0.18 -6.58 -6.48
C GLN B 410 -0.21 -8.00 -6.05
N LEU B 411 -0.38 -8.92 -7.01
CA LEU B 411 -0.88 -10.28 -6.72
C LEU B 411 0.14 -11.06 -5.89
N PHE B 412 1.43 -10.98 -6.28
CA PHE B 412 2.52 -11.66 -5.58
C PHE B 412 2.73 -11.06 -4.18
N GLU B 413 2.68 -9.73 -4.05
CA GLU B 413 2.74 -9.04 -2.74
C GLU B 413 1.64 -9.55 -1.78
N GLU B 414 0.42 -9.76 -2.25
CA GLU B 414 -0.68 -10.17 -1.39
C GLU B 414 -0.54 -11.65 -0.99
N LEU B 415 -0.18 -12.54 -1.92
CA LEU B 415 -0.08 -13.98 -1.60
C LEU B 415 1.05 -14.22 -0.58
N ARG B 416 2.15 -13.46 -0.67
CA ARG B 416 3.24 -13.51 0.33
C ARG B 416 2.78 -13.07 1.72
N ARG B 417 2.12 -11.91 1.83
CA ARG B 417 1.67 -11.33 3.12
C ARG B 417 0.73 -12.30 3.86
N LEU B 418 0.21 -13.28 3.12
CA LEU B 418 -0.88 -14.09 3.58
C LEU B 418 -0.38 -15.52 3.84
N ALA B 419 0.88 -15.77 3.46
CA ALA B 419 1.53 -17.07 3.60
C ALA B 419 2.02 -17.25 5.06
N PRO B 420 1.80 -18.45 5.65
CA PRO B 420 2.32 -18.80 7.00
C PRO B 420 3.86 -18.90 7.07
N ILE B 421 4.44 -18.51 8.22
CA ILE B 421 5.82 -18.87 8.57
C ILE B 421 5.80 -20.30 9.11
N THR B 422 6.68 -21.14 8.57
CA THR B 422 6.67 -22.61 8.72
C THR B 422 8.12 -23.10 8.57
N SER B 423 8.49 -24.22 9.20
CA SER B 423 9.89 -24.70 9.11
C SER B 423 10.11 -25.64 7.92
N ASP B 424 9.08 -25.84 7.08
CA ASP B 424 9.15 -26.69 5.87
C ASP B 424 10.12 -26.21 4.75
N PRO B 425 11.21 -26.96 4.51
CA PRO B 425 12.20 -26.54 3.48
C PRO B 425 11.63 -26.35 2.07
N THR B 426 10.59 -27.10 1.71
CA THR B 426 10.14 -27.13 0.32
C THR B 426 9.37 -25.85 -0.02
N GLU B 427 8.54 -25.40 0.92
CA GLU B 427 7.84 -24.12 0.88
C GLU B 427 8.82 -22.94 0.75
N ALA B 428 9.87 -22.89 1.59
CA ALA B 428 10.89 -21.81 1.53
C ALA B 428 11.63 -21.79 0.18
N THR B 429 11.94 -22.96 -0.37
CA THR B 429 12.57 -23.03 -1.68
C THR B 429 11.64 -22.50 -2.78
N ALA B 430 10.34 -22.82 -2.75
CA ALA B 430 9.40 -22.42 -3.81
C ALA B 430 9.25 -20.88 -3.87
N VAL B 431 9.12 -20.24 -2.69
CA VAL B 431 8.94 -18.81 -2.70
C VAL B 431 10.23 -18.08 -3.10
N GLY B 432 11.40 -18.54 -2.63
CA GLY B 432 12.68 -18.14 -3.22
C GLY B 432 12.72 -18.22 -4.75
N ALA B 433 12.32 -19.35 -5.32
CA ALA B 433 12.36 -19.56 -6.79
C ALA B 433 11.44 -18.59 -7.53
N VAL B 434 10.24 -18.32 -7.01
CA VAL B 434 9.32 -17.45 -7.69
C VAL B 434 9.85 -16.01 -7.65
N GLU B 435 10.24 -15.55 -6.46
CA GLU B 435 10.91 -14.28 -6.27
C GLU B 435 12.10 -14.12 -7.23
N ALA B 436 13.06 -15.07 -7.32
CA ALA B 436 14.15 -14.91 -8.32
C ALA B 436 13.66 -14.82 -9.77
N SER B 437 12.58 -15.52 -10.14
CA SER B 437 12.11 -15.52 -11.55
C SER B 437 11.62 -14.13 -11.98
N PHE B 438 11.09 -13.32 -11.05
CA PHE B 438 10.65 -11.95 -11.36
C PHE B 438 11.85 -11.02 -11.56
N LYS B 439 12.88 -11.16 -10.72
CA LYS B 439 14.09 -10.32 -10.73
C LYS B 439 14.92 -10.50 -12.00
N CYS B 440 15.04 -11.72 -12.53
CA CYS B 440 15.90 -11.91 -13.73
C CYS B 440 15.09 -12.12 -15.02
N CYS B 441 13.75 -11.93 -14.96
CA CYS B 441 12.81 -12.17 -16.09
C CYS B 441 13.14 -13.49 -16.82
N SER B 442 13.05 -14.60 -16.10
CA SER B 442 13.43 -15.90 -16.60
C SER B 442 12.38 -16.45 -17.57
N GLY B 443 12.82 -17.40 -18.41
CA GLY B 443 12.02 -17.97 -19.44
C GLY B 443 11.28 -19.21 -18.96
N ALA B 444 11.62 -19.74 -17.77
CA ALA B 444 10.95 -20.95 -17.24
C ALA B 444 11.44 -21.30 -15.83
N ILE B 445 10.67 -22.12 -15.10
CA ILE B 445 11.10 -22.75 -13.84
C ILE B 445 11.05 -24.28 -14.05
N ILE B 446 12.16 -24.99 -13.95
CA ILE B 446 12.18 -26.45 -14.22
C ILE B 446 12.14 -27.19 -12.88
N VAL B 447 11.22 -28.11 -12.67
CA VAL B 447 11.08 -28.78 -11.36
C VAL B 447 11.12 -30.29 -11.62
N LEU B 448 11.93 -31.06 -10.90
CA LEU B 448 11.83 -32.54 -10.96
C LEU B 448 10.85 -33.00 -9.87
N THR B 449 9.90 -33.89 -10.20
CA THR B 449 8.79 -34.22 -9.27
C THR B 449 8.37 -35.70 -9.41
N LYS B 450 8.16 -36.42 -8.30
CA LYS B 450 7.56 -37.78 -8.33
C LYS B 450 6.03 -37.70 -8.20
N SER B 451 5.55 -37.11 -7.10
CA SER B 451 4.14 -37.07 -6.76
C SER B 451 3.44 -35.83 -7.35
N GLY B 452 4.20 -34.87 -7.88
CA GLY B 452 3.65 -33.59 -8.31
C GLY B 452 3.80 -32.48 -7.26
N ARG B 453 3.99 -32.83 -5.98
CA ARG B 453 3.79 -31.86 -4.88
C ARG B 453 4.70 -30.61 -4.96
N SER B 454 5.95 -30.78 -5.38
CA SER B 454 6.91 -29.66 -5.57
C SER B 454 6.44 -28.66 -6.65
N ALA B 455 5.85 -29.12 -7.74
CA ALA B 455 5.35 -28.22 -8.79
C ALA B 455 4.12 -27.47 -8.28
N HIS B 456 3.23 -28.14 -7.54
CA HIS B 456 1.99 -27.50 -6.98
C HIS B 456 2.36 -26.38 -6.01
N GLN B 457 3.50 -26.47 -5.34
CA GLN B 457 3.93 -25.43 -4.39
C GLN B 457 4.47 -24.19 -5.13
N VAL B 458 5.07 -24.34 -6.28
CA VAL B 458 5.53 -23.20 -7.06
C VAL B 458 4.31 -22.51 -7.67
N ALA B 459 3.29 -23.30 -8.06
CA ALA B 459 2.17 -22.78 -8.87
C ALA B 459 1.27 -21.89 -8.02
N ARG B 460 1.19 -22.11 -6.72
CA ARG B 460 0.32 -21.30 -5.89
C ARG B 460 0.82 -19.85 -5.74
N TYR B 461 2.06 -19.53 -6.09
CA TYR B 461 2.54 -18.13 -6.05
C TYR B 461 2.34 -17.42 -7.40
N ARG B 462 1.77 -18.11 -8.37
CA ARG B 462 1.36 -17.50 -9.64
C ARG B 462 2.53 -16.77 -10.33
N PRO B 463 3.67 -17.47 -10.63
CA PRO B 463 4.76 -16.88 -11.47
C PRO B 463 4.31 -16.43 -12.86
N ARG B 464 5.06 -15.54 -13.49
CA ARG B 464 4.76 -15.16 -14.88
C ARG B 464 5.29 -16.25 -15.81
N ALA B 465 6.45 -16.79 -15.49
CA ALA B 465 7.13 -17.83 -16.29
C ALA B 465 6.37 -19.17 -16.21
N PRO B 466 6.42 -20.01 -17.29
CA PRO B 466 5.90 -21.39 -17.26
C PRO B 466 6.72 -22.31 -16.33
N ILE B 467 6.05 -23.27 -15.71
CA ILE B 467 6.67 -24.27 -14.85
C ILE B 467 6.76 -25.58 -15.64
N ILE B 468 7.95 -26.02 -16.00
CA ILE B 468 8.11 -27.28 -16.72
C ILE B 468 8.38 -28.38 -15.69
N ALA B 469 7.42 -29.27 -15.43
CA ALA B 469 7.60 -30.33 -14.43
C ALA B 469 8.04 -31.65 -15.11
N VAL B 470 9.21 -32.18 -14.77
CA VAL B 470 9.72 -33.41 -15.42
C VAL B 470 9.46 -34.60 -14.48
N THR B 471 8.83 -35.65 -14.99
CA THR B 471 8.43 -36.78 -14.17
C THR B 471 8.60 -38.08 -14.95
N ARG B 472 8.63 -39.20 -14.23
CA ARG B 472 8.64 -40.55 -14.82
C ARG B 472 7.30 -41.24 -14.57
N ASN B 473 6.46 -40.66 -13.71
CA ASN B 473 5.17 -41.22 -13.32
C ASN B 473 4.08 -40.70 -14.28
N PRO B 474 3.54 -41.57 -15.18
CA PRO B 474 2.54 -41.08 -16.18
C PRO B 474 1.23 -40.48 -15.63
N GLN B 475 0.73 -40.97 -14.49
CA GLN B 475 -0.48 -40.42 -13.88
C GLN B 475 -0.23 -39.04 -13.23
N THR B 476 0.94 -38.83 -12.62
CA THR B 476 1.34 -37.51 -12.14
C THR B 476 1.34 -36.50 -13.30
N ALA B 477 1.73 -36.93 -14.50
CA ALA B 477 1.82 -36.00 -15.63
C ALA B 477 0.41 -35.64 -16.15
N ARG B 478 -0.57 -36.52 -16.07
CA ARG B 478 -1.94 -36.20 -16.53
C ARG B 478 -2.64 -35.27 -15.54
N GLN B 479 -2.48 -35.50 -14.23
CA GLN B 479 -3.20 -34.70 -13.21
C GLN B 479 -2.64 -33.27 -13.12
N ALA B 480 -1.39 -33.03 -13.50
CA ALA B 480 -0.79 -31.69 -13.37
C ALA B 480 -1.47 -30.64 -14.29
N HIS B 481 -2.38 -31.06 -15.15
CA HIS B 481 -3.11 -30.10 -15.99
C HIS B 481 -4.07 -29.22 -15.17
N LEU B 482 -4.47 -29.64 -13.97
CA LEU B 482 -5.43 -28.86 -13.16
C LEU B 482 -4.79 -27.60 -12.51
N TYR B 483 -3.47 -27.36 -12.57
CA TYR B 483 -2.89 -26.21 -11.86
C TYR B 483 -2.32 -25.20 -12.86
N ARG B 484 -2.54 -23.92 -12.59
CA ARG B 484 -2.27 -22.89 -13.54
C ARG B 484 -0.76 -22.78 -13.70
N GLY B 485 -0.29 -22.89 -14.94
CA GLY B 485 1.11 -22.61 -15.22
C GLY B 485 1.95 -23.86 -15.38
N ILE B 486 1.53 -25.04 -14.87
CA ILE B 486 2.32 -26.28 -14.97
C ILE B 486 2.22 -26.88 -16.40
N PHE B 487 3.36 -27.02 -17.07
CA PHE B 487 3.50 -27.66 -18.40
C PHE B 487 4.19 -29.03 -18.21
N PRO B 488 3.44 -30.14 -18.12
CA PRO B 488 4.08 -31.40 -17.65
C PRO B 488 4.80 -32.17 -18.77
N VAL B 489 5.99 -32.72 -18.52
CA VAL B 489 6.69 -33.55 -19.55
C VAL B 489 7.07 -34.93 -18.99
N LEU B 490 6.88 -35.96 -19.81
CA LEU B 490 7.10 -37.35 -19.35
C LEU B 490 8.44 -37.88 -19.86
N CYS B 491 9.33 -38.22 -18.93
CA CYS B 491 10.64 -38.77 -19.26
C CYS B 491 10.52 -40.29 -19.49
N LYS B 492 11.03 -40.75 -20.63
CA LYS B 492 10.88 -42.15 -21.02
C LYS B 492 12.16 -42.93 -20.72
N ASP B 493 13.31 -42.24 -20.81
CA ASP B 493 14.67 -42.80 -20.61
C ASP B 493 14.82 -43.68 -19.35
N PRO B 494 15.66 -44.76 -19.44
CA PRO B 494 15.94 -45.64 -18.30
C PRO B 494 16.78 -44.93 -17.22
N VAL B 495 16.58 -45.33 -15.97
CA VAL B 495 17.35 -44.82 -14.82
C VAL B 495 18.85 -45.12 -15.02
N GLN B 496 19.69 -44.09 -14.86
CA GLN B 496 21.16 -44.21 -14.89
C GLN B 496 21.65 -44.81 -13.57
N GLU B 497 22.87 -45.32 -13.56
CA GLU B 497 23.45 -45.99 -12.36
C GLU B 497 23.81 -44.96 -11.28
N ALA B 498 24.54 -43.90 -11.66
CA ALA B 498 24.90 -42.81 -10.75
C ALA B 498 23.71 -41.84 -10.63
N TRP B 499 23.31 -41.52 -9.39
CA TRP B 499 22.10 -40.74 -9.17
C TRP B 499 22.25 -39.29 -9.65
N ALA B 500 23.41 -38.67 -9.45
CA ALA B 500 23.66 -37.30 -9.93
C ALA B 500 23.65 -37.25 -11.46
N GLU B 501 23.88 -38.39 -12.10
CA GLU B 501 23.94 -38.48 -13.55
C GLU B 501 22.51 -38.54 -14.11
N ASP B 502 21.67 -39.34 -13.47
CA ASP B 502 20.23 -39.40 -13.72
C ASP B 502 19.53 -38.03 -13.60
N VAL B 503 19.96 -37.21 -12.64
CA VAL B 503 19.38 -35.87 -12.40
C VAL B 503 19.73 -34.92 -13.56
N ASP B 504 20.99 -34.89 -13.98
CA ASP B 504 21.42 -34.07 -15.14
C ASP B 504 20.74 -34.41 -16.46
N LEU B 505 20.45 -35.69 -16.65
CA LEU B 505 19.76 -36.19 -17.85
C LEU B 505 18.38 -35.55 -17.97
N ARG B 506 17.57 -35.63 -16.89
CA ARG B 506 16.21 -35.06 -16.83
C ARG B 506 16.21 -33.52 -16.94
N VAL B 507 17.17 -32.82 -16.33
CA VAL B 507 17.28 -31.38 -16.56
C VAL B 507 17.57 -31.10 -18.05
N ASN B 508 18.43 -31.88 -18.70
CA ASN B 508 18.75 -31.61 -20.12
C ASN B 508 17.54 -31.88 -21.02
N PHE B 509 16.79 -32.93 -20.72
CA PHE B 509 15.55 -33.24 -21.41
C PHE B 509 14.60 -32.04 -21.37
N ALA B 510 14.35 -31.46 -20.18
CA ALA B 510 13.48 -30.27 -20.01
C ALA B 510 13.99 -29.06 -20.80
N MET B 511 15.31 -28.86 -20.91
CA MET B 511 15.87 -27.75 -21.75
C MET B 511 15.52 -27.94 -23.22
N ASN B 512 15.60 -29.18 -23.74
CA ASN B 512 15.32 -29.46 -25.16
C ASN B 512 13.84 -29.19 -25.49
N VAL B 513 12.95 -29.61 -24.61
CA VAL B 513 11.52 -29.39 -24.74
C VAL B 513 11.21 -27.89 -24.84
N GLY B 514 11.77 -27.09 -23.92
CA GLY B 514 11.53 -25.65 -23.92
C GLY B 514 12.06 -24.98 -25.18
N LYS B 515 13.18 -25.48 -25.73
CA LYS B 515 13.76 -24.98 -27.00
C LYS B 515 12.86 -25.30 -28.20
N ALA B 516 12.45 -26.56 -28.35
CA ALA B 516 11.56 -27.02 -29.42
C ALA B 516 10.22 -26.25 -29.41
N ARG B 517 9.66 -25.97 -28.24
CA ARG B 517 8.33 -25.34 -28.09
C ARG B 517 8.43 -23.81 -28.21
N GLY B 518 9.64 -23.25 -28.14
CA GLY B 518 9.85 -21.80 -28.28
C GLY B 518 9.65 -21.01 -26.98
N PHE B 519 9.82 -21.64 -25.81
CA PHE B 519 9.69 -20.89 -24.54
C PHE B 519 10.93 -20.03 -24.27
N PHE B 520 12.07 -20.41 -24.85
CA PHE B 520 13.34 -19.67 -24.69
C PHE B 520 14.36 -20.15 -25.73
N LYS B 521 15.52 -19.51 -25.77
CA LYS B 521 16.59 -19.90 -26.71
C LYS B 521 17.95 -19.77 -26.01
N LYS B 522 19.00 -20.22 -26.69
CA LYS B 522 20.36 -20.28 -26.15
C LYS B 522 20.78 -18.90 -25.60
N GLY B 523 21.32 -18.90 -24.39
CA GLY B 523 21.81 -17.68 -23.75
C GLY B 523 20.80 -17.05 -22.79
N ASP B 524 19.55 -17.52 -22.78
CA ASP B 524 18.52 -17.10 -21.80
C ASP B 524 18.77 -17.69 -20.40
N VAL B 525 17.99 -17.27 -19.40
CA VAL B 525 18.20 -17.70 -18.01
C VAL B 525 16.99 -18.52 -17.53
N VAL B 526 17.24 -19.69 -16.94
CA VAL B 526 16.18 -20.53 -16.32
C VAL B 526 16.49 -20.80 -14.84
N ILE B 527 15.45 -21.06 -14.03
CA ILE B 527 15.58 -21.50 -12.60
C ILE B 527 15.43 -23.04 -12.56
N VAL B 528 16.26 -23.77 -11.83
CA VAL B 528 16.14 -25.25 -11.77
C VAL B 528 15.96 -25.68 -10.31
N LEU B 529 14.87 -26.36 -9.97
CA LEU B 529 14.65 -26.86 -8.59
C LEU B 529 14.94 -28.36 -8.49
N THR B 530 15.74 -28.78 -7.49
CA THR B 530 16.00 -30.23 -7.24
C THR B 530 16.12 -30.49 -5.73
N GLY B 531 16.30 -31.77 -5.36
CA GLY B 531 16.46 -32.23 -3.96
C GLY B 531 17.86 -32.77 -3.68
N TRP B 532 18.11 -33.17 -2.44
CA TRP B 532 19.51 -33.53 -2.03
C TRP B 532 19.71 -35.05 -2.06
N ARG B 533 18.62 -35.83 -2.03
CA ARG B 533 18.65 -37.31 -2.14
C ARG B 533 17.41 -37.77 -2.93
N PRO B 534 17.34 -39.06 -3.37
CA PRO B 534 16.15 -39.68 -4.07
C PRO B 534 14.91 -39.85 -3.17
N GLY B 535 13.72 -39.99 -3.78
CA GLY B 535 12.45 -40.13 -3.02
C GLY B 535 11.68 -38.82 -2.96
N SER B 536 10.42 -38.86 -2.53
CA SER B 536 9.60 -37.65 -2.42
C SER B 536 9.96 -36.88 -1.15
N GLY B 537 9.81 -35.55 -1.20
CA GLY B 537 9.74 -34.72 0.00
C GLY B 537 11.06 -34.06 0.36
N PHE B 538 12.06 -34.06 -0.54
CA PHE B 538 13.39 -33.49 -0.20
C PHE B 538 13.85 -32.40 -1.17
N THR B 539 12.96 -31.70 -1.87
CA THR B 539 13.35 -30.57 -2.72
C THR B 539 13.93 -29.44 -1.86
N ASN B 540 15.14 -28.97 -2.12
CA ASN B 540 15.74 -27.98 -1.18
C ASN B 540 16.76 -27.06 -1.91
N THR B 541 16.98 -27.23 -3.21
CA THR B 541 18.03 -26.53 -3.96
C THR B 541 17.41 -25.74 -5.12
N MET B 542 17.82 -24.48 -5.30
CA MET B 542 17.42 -23.61 -6.40
C MET B 542 18.68 -23.10 -7.12
N ARG B 543 18.86 -23.34 -8.42
CA ARG B 543 20.01 -22.79 -9.24
C ARG B 543 19.52 -21.87 -10.38
N VAL B 544 20.32 -20.86 -10.73
CA VAL B 544 20.05 -20.00 -11.88
C VAL B 544 21.07 -20.36 -12.97
N VAL B 545 20.63 -20.87 -14.13
CA VAL B 545 21.58 -21.40 -15.14
C VAL B 545 21.23 -20.84 -16.53
N PRO B 546 22.26 -20.52 -17.36
CA PRO B 546 22.10 -20.17 -18.81
C PRO B 546 21.69 -21.38 -19.66
N VAL B 547 20.84 -21.18 -20.68
CA VAL B 547 20.39 -22.28 -21.53
C VAL B 547 21.55 -22.70 -22.45
N PRO B 548 21.97 -23.97 -22.36
CA PRO B 548 23.17 -24.49 -23.05
C PRO B 548 23.02 -24.50 -24.57
N HIS C 36 3.09 23.26 -6.90
CA HIS C 36 3.22 22.36 -5.72
C HIS C 36 3.20 20.90 -6.17
N ALA C 37 4.33 20.21 -6.03
CA ALA C 37 4.48 18.79 -6.43
C ALA C 37 3.97 17.84 -5.34
N ALA C 38 3.43 16.70 -5.78
CA ALA C 38 2.91 15.64 -4.90
C ALA C 38 4.03 15.01 -4.05
N MET C 39 3.65 14.46 -2.90
CA MET C 39 4.54 13.71 -2.02
C MET C 39 4.95 12.39 -2.70
N ALA C 40 6.15 11.91 -2.36
CA ALA C 40 6.70 10.64 -2.83
C ALA C 40 5.75 9.46 -2.53
N ASP C 41 5.82 8.42 -3.36
CA ASP C 41 4.99 7.20 -3.25
C ASP C 41 5.43 6.16 -2.21
N THR C 42 6.68 6.23 -1.78
CA THR C 42 7.20 5.33 -0.73
C THR C 42 7.88 6.16 0.36
N PHE C 43 8.02 5.56 1.54
CA PHE C 43 8.75 6.13 2.67
C PHE C 43 10.23 6.36 2.33
N LEU C 44 10.88 5.41 1.64
CA LEU C 44 12.28 5.56 1.28
C LEU C 44 12.49 6.75 0.32
N GLU C 45 11.58 6.92 -0.63
CA GLU C 45 11.68 8.00 -1.60
C GLU C 45 11.46 9.37 -0.94
N HIS C 46 10.58 9.44 0.07
CA HIS C 46 10.29 10.62 0.88
C HIS C 46 11.56 11.09 1.60
N MET C 47 12.23 10.20 2.35
CA MET C 47 13.53 10.46 3.00
C MET C 47 14.53 11.06 2.00
N CYS C 48 14.74 10.41 0.84
CA CYS C 48 15.77 10.81 -0.17
C CYS C 48 15.51 12.24 -0.67
N ARG C 49 14.31 12.77 -0.48
CA ARG C 49 13.94 14.05 -1.08
C ARG C 49 13.98 15.21 -0.07
N LEU C 50 14.29 14.94 1.21
CA LEU C 50 14.38 16.03 2.20
C LEU C 50 15.44 17.04 1.78
N ASP C 51 15.22 18.31 2.08
CA ASP C 51 16.07 19.40 1.61
C ASP C 51 16.39 20.46 2.69
N ILE C 52 17.67 20.75 2.87
CA ILE C 52 18.13 21.75 3.87
C ILE C 52 17.99 23.18 3.32
N ASP C 53 17.63 23.33 2.05
CA ASP C 53 17.41 24.64 1.42
C ASP C 53 15.93 24.83 1.12
N SER C 54 15.10 24.79 2.15
CA SER C 54 13.64 24.79 2.02
C SER C 54 13.03 25.35 3.31
N PRO C 55 12.63 26.65 3.30
CA PRO C 55 12.20 27.33 4.53
C PRO C 55 10.88 26.72 5.07
N PRO C 56 10.80 26.46 6.40
CA PRO C 56 9.55 26.01 7.05
C PRO C 56 8.47 27.10 7.09
N ILE C 57 7.22 26.71 7.38
CA ILE C 57 6.15 27.69 7.60
C ILE C 57 6.28 28.32 8.99
N THR C 58 5.68 29.50 9.16
CA THR C 58 5.83 30.39 10.34
C THR C 58 5.24 29.73 11.60
N ALA C 59 4.19 28.93 11.45
CA ALA C 59 3.51 28.32 12.58
C ALA C 59 4.36 27.17 13.15
N ARG C 60 4.21 26.93 14.45
CA ARG C 60 4.85 25.84 15.15
C ARG C 60 3.76 25.06 15.89
N ASN C 61 3.53 23.83 15.46
CA ASN C 61 2.42 23.00 15.92
C ASN C 61 2.65 22.41 17.33
N THR C 62 3.86 22.01 17.71
CA THR C 62 4.11 21.29 18.98
C THR C 62 4.17 22.29 20.15
N GLY C 63 3.53 21.98 21.29
CA GLY C 63 3.56 22.90 22.46
C GLY C 63 4.81 22.76 23.31
N ILE C 64 5.23 23.85 23.99
CA ILE C 64 6.42 23.91 24.86
C ILE C 64 6.02 24.12 26.34
N ILE C 65 6.42 23.17 27.19
CA ILE C 65 6.18 23.18 28.67
C ILE C 65 7.51 23.48 29.39
N CYS C 66 7.55 24.53 30.22
CA CYS C 66 8.79 24.91 30.98
C CYS C 66 8.57 24.78 32.49
N THR C 67 9.56 24.23 33.19
CA THR C 67 9.56 24.21 34.66
C THR C 67 10.02 25.58 35.15
N ILE C 68 9.31 26.09 36.16
CA ILE C 68 9.66 27.38 36.78
C ILE C 68 10.40 27.07 38.09
N GLY C 69 11.50 27.78 38.31
CA GLY C 69 12.35 27.63 39.49
C GLY C 69 13.21 28.87 39.67
N PRO C 70 14.24 28.81 40.53
CA PRO C 70 15.07 30.00 40.89
C PRO C 70 15.53 30.86 39.71
N ALA C 71 15.81 30.25 38.56
CA ALA C 71 16.45 30.97 37.40
C ALA C 71 15.41 31.69 36.51
N SER C 72 14.11 31.55 36.79
CA SER C 72 13.05 32.04 35.88
C SER C 72 11.75 32.34 36.64
N ARG C 73 11.83 32.82 37.88
CA ARG C 73 10.64 33.13 38.69
C ARG C 73 10.23 34.59 38.57
N SER C 74 11.14 35.45 38.10
CA SER C 74 10.94 36.88 38.13
C SER C 74 9.96 37.29 37.01
N VAL C 75 9.25 38.41 37.18
CA VAL C 75 8.28 38.89 36.19
C VAL C 75 9.01 39.25 34.89
N GLU C 76 10.20 39.83 35.00
CA GLU C 76 10.95 40.31 33.83
C GLU C 76 11.38 39.14 32.93
N THR C 77 11.87 38.05 33.54
CA THR C 77 12.37 36.86 32.81
C THR C 77 11.19 36.09 32.19
N LEU C 78 10.09 35.94 32.94
CA LEU C 78 8.87 35.29 32.46
C LEU C 78 8.29 36.01 31.22
N LYS C 79 8.32 37.35 31.18
CA LYS C 79 7.88 38.07 29.97
C LYS C 79 8.72 37.65 28.75
N GLU C 80 9.99 37.37 28.95
CA GLU C 80 10.88 37.00 27.87
C GLU C 80 10.61 35.56 27.42
N MET C 81 10.37 34.64 28.37
CA MET C 81 10.01 33.26 28.06
C MET C 81 8.71 33.21 27.25
N ILE C 82 7.72 34.04 27.60
CA ILE C 82 6.46 34.07 26.86
C ILE C 82 6.70 34.48 25.40
N LYS C 83 7.48 35.52 25.16
CA LYS C 83 7.75 35.98 23.79
C LYS C 83 8.60 34.97 23.01
N SER C 84 9.38 34.14 23.70
CA SER C 84 10.25 33.12 23.09
C SER C 84 9.46 31.87 22.64
N GLY C 85 8.36 31.53 23.33
CA GLY C 85 7.43 30.51 22.85
C GLY C 85 6.87 29.58 23.91
N MET C 86 6.94 29.93 25.19
CA MET C 86 6.42 29.08 26.26
C MET C 86 4.88 29.13 26.29
N ASN C 87 4.23 27.98 26.40
CA ASN C 87 2.78 27.87 26.38
C ASN C 87 2.25 27.47 27.75
N VAL C 88 3.04 26.72 28.53
CA VAL C 88 2.59 26.10 29.80
C VAL C 88 3.71 26.33 30.83
N ALA C 89 3.32 26.64 32.09
CA ALA C 89 4.29 26.81 33.19
C ALA C 89 4.10 25.69 34.22
N ARG C 90 5.07 24.81 34.39
CA ARG C 90 4.92 23.69 35.35
C ARG C 90 5.56 24.05 36.70
N LEU C 91 4.81 23.84 37.79
CA LEU C 91 5.30 24.00 39.17
C LEU C 91 5.53 22.61 39.78
N ASN C 92 6.70 22.42 40.37
CA ASN C 92 7.13 21.12 40.90
C ASN C 92 6.99 21.13 42.43
N PHE C 93 6.00 20.40 42.94
CA PHE C 93 5.65 20.37 44.38
C PHE C 93 6.44 19.29 45.14
N SER C 94 7.65 19.00 44.68
CA SER C 94 8.58 18.16 45.44
C SER C 94 9.23 18.99 46.55
N HIS C 95 9.45 20.28 46.25
CA HIS C 95 10.12 21.21 47.15
C HIS C 95 9.21 22.43 47.40
N GLY C 96 9.61 23.32 48.29
CA GLY C 96 8.95 24.62 48.51
C GLY C 96 7.65 24.51 49.32
N THR C 97 7.31 25.60 49.99
CA THR C 97 6.06 25.72 50.78
C THR C 97 4.92 26.18 49.87
N HIS C 98 3.67 26.08 50.35
CA HIS C 98 2.48 26.60 49.64
C HIS C 98 2.63 28.10 49.35
N GLU C 99 3.27 28.81 50.27
CA GLU C 99 3.37 30.25 50.22
C GLU C 99 4.38 30.69 49.14
N TYR C 100 5.46 29.92 48.99
CA TYR C 100 6.44 30.18 47.91
C TYR C 100 5.80 29.90 46.54
N HIS C 101 5.05 28.80 46.41
CA HIS C 101 4.38 28.42 45.15
C HIS C 101 3.31 29.45 44.75
N ALA C 102 2.55 29.99 45.71
CA ALA C 102 1.48 30.97 45.41
C ALA C 102 2.06 32.28 44.86
N GLU C 103 3.31 32.56 45.20
CA GLU C 103 3.97 33.75 44.68
C GLU C 103 4.53 33.48 43.28
N THR C 104 4.75 32.21 42.91
CA THR C 104 5.10 31.89 41.53
C THR C 104 3.88 32.08 40.62
N ILE C 105 2.71 31.55 41.05
CA ILE C 105 1.48 31.62 40.25
C ILE C 105 1.12 33.10 39.98
N LYS C 106 1.23 33.95 41.00
CA LYS C 106 1.02 35.42 40.88
C LYS C 106 1.97 36.06 39.83
N ASN C 107 3.26 35.70 39.80
CA ASN C 107 4.20 36.30 38.80
C ASN C 107 3.90 35.83 37.38
N VAL C 108 3.54 34.56 37.19
CA VAL C 108 3.20 34.01 35.85
C VAL C 108 1.98 34.79 35.31
N ARG C 109 0.94 34.95 36.16
CA ARG C 109 -0.29 35.66 35.78
C ARG C 109 -0.03 37.15 35.49
N THR C 110 0.86 37.80 36.25
CA THR C 110 1.19 39.21 36.00
C THR C 110 1.84 39.32 34.63
N ALA C 111 2.91 38.55 34.43
CA ALA C 111 3.63 38.45 33.15
C ALA C 111 2.64 38.24 31.98
N THR C 112 1.70 37.30 32.15
CA THR C 112 0.70 36.96 31.11
C THR C 112 -0.20 38.16 30.80
N GLU C 113 -0.70 38.87 31.83
CA GLU C 113 -1.72 39.94 31.60
C GLU C 113 -1.08 41.24 31.10
N SER C 114 0.25 41.33 31.17
CA SER C 114 1.00 42.47 30.69
C SER C 114 0.80 42.65 29.17
N PHE C 115 0.33 41.59 28.49
CA PHE C 115 0.17 41.60 27.03
C PHE C 115 -1.31 41.76 26.62
N ALA C 116 -2.21 41.87 27.58
CA ALA C 116 -3.67 41.81 27.34
C ALA C 116 -4.20 43.10 26.69
N SER C 117 -3.38 44.17 26.67
CA SER C 117 -3.78 45.50 26.13
C SER C 117 -4.15 45.42 24.65
N ASP C 118 -3.42 44.61 23.86
CA ASP C 118 -3.69 44.38 22.43
C ASP C 118 -4.24 42.96 22.16
N PRO C 119 -5.59 42.82 22.03
CA PRO C 119 -6.29 41.51 21.91
C PRO C 119 -5.84 40.65 20.73
N ILE C 120 -5.28 41.27 19.69
CA ILE C 120 -4.83 40.55 18.50
C ILE C 120 -3.52 39.79 18.79
N LEU C 121 -2.68 40.30 19.70
CA LEU C 121 -1.35 39.68 19.92
C LEU C 121 -1.25 38.96 21.29
N TYR C 122 -2.34 38.86 22.05
CA TYR C 122 -2.35 38.21 23.37
C TYR C 122 -2.21 36.68 23.22
N ARG C 123 -1.36 36.04 24.04
CA ARG C 123 -1.21 34.57 24.08
C ARG C 123 -1.65 34.05 25.45
N PRO C 124 -2.66 33.15 25.51
CA PRO C 124 -3.00 32.47 26.81
C PRO C 124 -1.85 31.57 27.29
N VAL C 125 -1.65 31.46 28.59
CA VAL C 125 -0.58 30.61 29.14
C VAL C 125 -1.16 29.73 30.25
N ALA C 126 -1.06 28.42 30.14
CA ALA C 126 -1.63 27.52 31.17
C ALA C 126 -0.67 27.36 32.36
N VAL C 127 -1.22 26.98 33.52
CA VAL C 127 -0.41 26.64 34.73
C VAL C 127 -0.63 25.15 35.06
N ALA C 128 0.43 24.40 35.36
CA ALA C 128 0.30 22.95 35.66
C ALA C 128 0.98 22.61 36.98
N LEU C 129 0.31 21.77 37.77
CA LEU C 129 0.75 21.40 39.10
C LEU C 129 1.22 19.94 39.08
N ASP C 130 2.50 19.74 39.37
CA ASP C 130 3.11 18.39 39.40
C ASP C 130 3.19 17.89 40.83
N THR C 131 2.57 16.76 41.12
CA THR C 131 2.53 16.22 42.51
C THR C 131 3.89 15.62 42.91
N LYS C 132 4.06 15.31 44.20
CA LYS C 132 5.28 14.65 44.69
C LYS C 132 5.19 13.15 44.41
N GLY C 133 4.08 12.54 44.80
CA GLY C 133 3.85 11.10 44.64
C GLY C 133 4.48 10.28 45.76
N PRO C 134 4.23 8.95 45.77
CA PRO C 134 4.82 7.96 46.71
C PRO C 134 6.33 7.81 46.51
N GLU C 135 7.12 8.62 47.22
CA GLU C 135 8.56 8.78 46.93
C GLU C 135 9.39 8.51 48.19
N ILE C 136 10.54 7.86 48.00
CA ILE C 136 11.51 7.58 49.08
C ILE C 136 12.75 8.45 48.88
N ARG C 137 13.18 9.16 49.93
CA ARG C 137 14.32 10.10 49.85
C ARG C 137 15.34 9.81 50.97
N LEU C 235 2.78 1.40 48.77
CA LEU C 235 2.41 2.76 49.14
C LEU C 235 1.17 3.21 48.32
N PRO C 236 0.25 4.01 48.93
CA PRO C 236 -1.01 4.43 48.28
C PRO C 236 -0.84 5.45 47.14
N ALA C 237 -1.87 5.59 46.30
CA ALA C 237 -1.88 6.46 45.10
C ALA C 237 -1.62 7.93 45.48
N VAL C 238 -2.41 8.42 46.44
CA VAL C 238 -2.41 9.81 46.86
C VAL C 238 -2.03 9.83 48.34
N SER C 239 -0.83 10.35 48.66
CA SER C 239 -0.37 10.51 50.05
C SER C 239 -1.11 11.66 50.74
N GLU C 240 -0.87 11.83 52.05
CA GLU C 240 -1.56 12.85 52.84
C GLU C 240 -1.13 14.25 52.39
N LYS C 241 0.15 14.39 52.03
CA LYS C 241 0.73 15.64 51.51
C LYS C 241 0.09 16.00 50.16
N ASP C 242 -0.16 15.00 49.32
CA ASP C 242 -0.77 15.18 48.00
C ASP C 242 -2.24 15.66 48.02
N ILE C 243 -3.02 15.21 49.00
CA ILE C 243 -4.37 15.77 49.31
C ILE C 243 -4.25 17.29 49.45
N GLN C 244 -3.29 17.75 50.27
CA GLN C 244 -3.16 19.17 50.60
C GLN C 244 -2.79 19.96 49.35
N ASP C 245 -1.90 19.38 48.54
CA ASP C 245 -1.44 19.95 47.27
C ASP C 245 -2.54 20.04 46.21
N LEU C 246 -3.30 18.94 46.03
CA LEU C 246 -4.39 18.92 45.07
C LEU C 246 -5.45 19.95 45.46
N LYS C 247 -5.82 19.99 46.74
CA LYS C 247 -6.83 20.89 47.30
C LYS C 247 -6.38 22.35 47.17
N PHE C 248 -5.06 22.57 47.25
CA PHE C 248 -4.46 23.91 47.06
C PHE C 248 -4.59 24.38 45.60
N GLY C 249 -4.47 23.43 44.65
CA GLY C 249 -4.53 23.72 43.22
C GLY C 249 -5.93 24.03 42.71
N VAL C 250 -6.96 23.51 43.39
CA VAL C 250 -8.36 23.86 43.07
C VAL C 250 -8.63 25.33 43.45
N GLU C 251 -8.06 25.79 44.58
CA GLU C 251 -8.25 27.16 45.09
C GLU C 251 -7.53 28.19 44.22
N GLN C 252 -6.38 27.80 43.65
CA GLN C 252 -5.51 28.69 42.85
C GLN C 252 -5.91 28.66 41.36
N ASP C 253 -6.91 27.84 41.01
CA ASP C 253 -7.47 27.76 39.65
C ASP C 253 -6.47 27.28 38.57
N VAL C 254 -5.82 26.14 38.79
CA VAL C 254 -4.85 25.60 37.81
C VAL C 254 -5.61 24.94 36.64
N ASP C 255 -4.90 24.61 35.57
CA ASP C 255 -5.57 24.03 34.40
C ASP C 255 -5.40 22.54 34.29
N MET C 256 -4.29 22.01 34.81
CA MET C 256 -4.04 20.59 34.70
C MET C 256 -3.19 20.14 35.90
N VAL C 257 -3.21 18.83 36.14
CA VAL C 257 -2.48 18.18 37.18
C VAL C 257 -1.62 17.06 36.55
N PHE C 258 -0.33 16.99 36.85
CA PHE C 258 0.51 15.84 36.41
C PHE C 258 0.66 14.87 37.58
N ALA C 259 -0.06 13.74 37.56
CA ALA C 259 -0.09 12.83 38.73
C ALA C 259 1.09 11.85 38.64
N SER C 260 1.98 11.87 39.62
CA SER C 260 3.20 11.02 39.62
C SER C 260 2.88 9.57 40.00
N PHE C 261 3.63 8.64 39.38
CA PHE C 261 3.68 7.19 39.73
C PHE C 261 2.29 6.53 39.66
N ILE C 262 1.66 6.57 38.49
CA ILE C 262 0.38 5.89 38.29
C ILE C 262 0.65 4.43 37.92
N ARG C 263 0.00 3.48 38.61
CA ARG C 263 0.25 2.03 38.37
C ARG C 263 -0.99 1.30 37.82
N LYS C 264 -2.20 1.81 38.08
CA LYS C 264 -3.47 1.11 37.68
C LYS C 264 -4.61 2.13 37.55
N ALA C 265 -5.71 1.75 36.87
CA ALA C 265 -6.83 2.70 36.59
C ALA C 265 -7.46 3.24 37.88
N SER C 266 -7.40 2.48 38.97
CA SER C 266 -8.02 2.89 40.25
C SER C 266 -7.21 4.00 40.94
N ASP C 267 -5.97 4.26 40.50
CA ASP C 267 -5.16 5.41 40.99
C ASP C 267 -5.65 6.74 40.41
N VAL C 268 -6.11 6.70 39.15
CA VAL C 268 -6.61 7.88 38.44
C VAL C 268 -7.96 8.27 39.06
N HIS C 269 -8.83 7.28 39.28
CA HIS C 269 -10.15 7.46 39.93
C HIS C 269 -10.02 8.08 41.35
N GLU C 270 -8.96 7.71 42.07
CA GLU C 270 -8.64 8.32 43.36
C GLU C 270 -8.35 9.82 43.23
N VAL C 271 -7.56 10.24 42.23
CA VAL C 271 -7.17 11.67 42.04
C VAL C 271 -8.40 12.49 41.61
N ARG C 272 -9.24 11.94 40.74
CA ARG C 272 -10.48 12.56 40.25
C ARG C 272 -11.45 12.85 41.41
N LYS C 273 -11.37 12.06 42.50
CA LYS C 273 -12.30 12.12 43.63
C LYS C 273 -11.87 13.23 44.60
N VAL C 274 -10.56 13.42 44.77
CA VAL C 274 -10.01 14.47 45.63
C VAL C 274 -10.24 15.86 45.02
N LEU C 275 -10.26 15.99 43.68
CA LEU C 275 -10.53 17.30 43.05
C LEU C 275 -12.01 17.66 43.22
N GLY C 276 -12.87 16.64 43.28
CA GLY C 276 -14.26 16.84 43.69
C GLY C 276 -15.14 17.34 42.57
N GLU C 277 -16.10 18.21 42.91
CA GLU C 277 -17.01 18.83 41.94
C GLU C 277 -16.46 20.19 41.49
N LYS C 278 -15.79 20.89 42.40
CA LYS C 278 -15.20 22.21 42.14
C LYS C 278 -14.15 22.14 41.02
N GLY C 279 -13.36 21.08 40.99
CA GLY C 279 -12.31 20.94 39.98
C GLY C 279 -12.61 19.86 38.97
N LYS C 280 -13.87 19.76 38.53
CA LYS C 280 -14.27 18.72 37.57
C LYS C 280 -13.80 19.06 36.14
N ASN C 281 -13.38 20.30 35.88
CA ASN C 281 -12.86 20.65 34.54
C ASN C 281 -11.33 20.60 34.50
N ILE C 282 -10.65 20.41 35.64
CA ILE C 282 -9.18 20.24 35.61
C ILE C 282 -8.82 18.89 34.94
N LYS C 283 -7.91 18.93 33.95
CA LYS C 283 -7.46 17.73 33.18
C LYS C 283 -6.43 16.93 34.00
N ILE C 284 -6.52 15.60 34.02
CA ILE C 284 -5.50 14.76 34.66
C ILE C 284 -4.61 14.11 33.59
N ILE C 285 -3.30 14.42 33.65
CA ILE C 285 -2.25 13.80 32.80
C ILE C 285 -1.52 12.77 33.69
N SER C 286 -1.54 11.48 33.35
CA SER C 286 -0.92 10.40 34.17
C SER C 286 0.57 10.19 33.80
N LYS C 287 1.46 10.24 34.80
CA LYS C 287 2.89 9.98 34.61
C LYS C 287 3.22 8.48 34.67
N ILE C 288 3.72 7.92 33.57
CA ILE C 288 4.09 6.50 33.51
C ILE C 288 5.58 6.39 33.87
N GLU C 289 5.93 5.69 34.97
CA GLU C 289 7.35 5.70 35.41
C GLU C 289 7.80 4.38 36.06
N ASN C 290 7.18 3.25 35.75
CA ASN C 290 7.72 1.94 36.20
C ASN C 290 7.14 0.81 35.36
N HIS C 291 7.56 -0.40 35.68
CA HIS C 291 7.26 -1.59 34.90
C HIS C 291 5.75 -1.87 34.93
N GLU C 292 5.12 -1.72 36.10
CA GLU C 292 3.68 -2.00 36.30
C GLU C 292 2.83 -1.05 35.45
N GLY C 293 3.18 0.24 35.49
CA GLY C 293 2.62 1.28 34.61
C GLY C 293 2.60 0.85 33.15
N VAL C 294 3.76 0.48 32.59
CA VAL C 294 3.88 0.03 31.17
C VAL C 294 2.99 -1.21 30.91
N ARG C 295 2.99 -2.19 31.82
CA ARG C 295 2.19 -3.44 31.61
C ARG C 295 0.67 -3.14 31.61
N ARG C 296 0.21 -2.24 32.48
CA ARG C 296 -1.23 -2.00 32.61
C ARG C 296 -1.65 -0.74 31.83
N PHE C 297 -0.89 -0.40 30.78
CA PHE C 297 -0.98 0.91 30.10
C PHE C 297 -2.37 1.16 29.52
N ASP C 298 -3.01 0.15 28.94
CA ASP C 298 -4.25 0.39 28.17
C ASP C 298 -5.42 0.85 29.03
N GLU C 299 -5.48 0.34 30.26
CA GLU C 299 -6.55 0.69 31.21
C GLU C 299 -6.28 2.06 31.82
N ILE C 300 -5.01 2.43 32.01
CA ILE C 300 -4.62 3.77 32.50
C ILE C 300 -4.99 4.84 31.44
N LEU C 301 -4.83 4.52 30.16
CA LEU C 301 -5.12 5.47 29.10
C LEU C 301 -6.62 5.72 28.98
N GLU C 302 -7.43 4.69 29.20
CA GLU C 302 -8.90 4.87 29.10
C GLU C 302 -9.41 5.77 30.25
N ALA C 303 -8.74 5.76 31.40
CA ALA C 303 -9.16 6.53 32.57
C ALA C 303 -8.66 7.98 32.54
N SER C 304 -7.54 8.26 31.85
CA SER C 304 -6.83 9.56 31.94
C SER C 304 -7.29 10.51 30.82
N ASP C 305 -6.93 11.78 30.95
CA ASP C 305 -7.16 12.77 29.90
C ASP C 305 -5.99 12.91 28.90
N GLY C 306 -4.86 12.28 29.21
CA GLY C 306 -3.56 12.48 28.58
C GLY C 306 -2.48 11.69 29.32
N ILE C 307 -1.28 11.56 28.74
CA ILE C 307 -0.22 10.70 29.30
C ILE C 307 1.11 11.46 29.27
N MET C 308 1.96 11.25 30.27
CA MET C 308 3.33 11.79 30.20
C MET C 308 4.34 10.64 30.28
N VAL C 309 5.24 10.57 29.29
CA VAL C 309 6.35 9.59 29.33
C VAL C 309 7.49 10.18 30.17
N ALA C 310 7.69 9.64 31.37
CA ALA C 310 8.65 10.23 32.32
C ALA C 310 9.98 9.46 32.24
N ARG C 311 10.87 9.88 31.35
CA ARG C 311 12.01 9.04 30.92
C ARG C 311 13.05 8.86 32.04
N GLY C 312 13.25 9.91 32.84
CA GLY C 312 14.23 9.90 33.94
C GLY C 312 14.02 8.73 34.88
N ASP C 313 12.87 8.71 35.54
CA ASP C 313 12.52 7.65 36.48
C ASP C 313 12.40 6.27 35.80
N LEU C 314 11.73 6.23 34.64
CA LEU C 314 11.50 4.98 33.87
C LEU C 314 12.83 4.34 33.48
N GLY C 315 13.86 5.14 33.21
CA GLY C 315 15.18 4.63 32.83
C GLY C 315 16.00 4.05 33.97
N ILE C 316 15.45 4.00 35.19
CA ILE C 316 16.11 3.35 36.33
C ILE C 316 15.38 2.03 36.62
N GLU C 317 14.05 2.05 36.52
CA GLU C 317 13.24 0.88 36.85
C GLU C 317 13.35 -0.18 35.75
N ILE C 318 13.35 0.20 34.48
CA ILE C 318 13.66 -0.76 33.39
C ILE C 318 15.08 -0.48 32.88
N PRO C 319 15.74 -1.45 32.18
CA PRO C 319 17.10 -1.25 31.59
C PRO C 319 17.13 -0.09 30.57
N ALA C 320 18.18 0.72 30.58
CA ALA C 320 18.16 2.03 29.89
C ALA C 320 18.07 1.87 28.36
N GLU C 321 18.54 0.75 27.81
CA GLU C 321 18.48 0.49 26.37
C GLU C 321 17.06 0.08 25.92
N LYS C 322 16.10 0.01 26.83
CA LYS C 322 14.72 -0.39 26.50
C LYS C 322 13.77 0.82 26.57
N VAL C 323 14.24 1.93 27.14
CA VAL C 323 13.42 3.16 27.30
C VAL C 323 12.88 3.63 25.94
N PHE C 324 13.70 3.64 24.89
CA PHE C 324 13.23 4.08 23.56
C PHE C 324 12.08 3.19 23.03
N LEU C 325 11.99 1.92 23.43
CA LEU C 325 10.89 1.05 22.99
C LEU C 325 9.59 1.44 23.71
N ALA C 326 9.68 1.70 25.03
CA ALA C 326 8.50 2.07 25.83
C ALA C 326 7.94 3.40 25.32
N GLN C 327 8.82 4.34 24.94
CA GLN C 327 8.43 5.66 24.44
C GLN C 327 7.61 5.55 23.15
N LYS C 328 8.06 4.73 22.19
CA LYS C 328 7.41 4.62 20.87
C LYS C 328 6.10 3.83 20.95
N MET C 329 6.07 2.79 21.78
CA MET C 329 4.83 2.06 22.06
C MET C 329 3.78 3.05 22.60
N MET C 330 4.16 3.87 23.57
CA MET C 330 3.20 4.76 24.21
C MET C 330 2.78 5.92 23.29
N ILE C 331 3.68 6.48 22.49
CA ILE C 331 3.24 7.53 21.57
C ILE C 331 2.27 6.94 20.55
N GLY C 332 2.55 5.71 20.07
CA GLY C 332 1.69 5.02 19.08
C GLY C 332 0.27 4.81 19.60
N ARG C 333 0.12 4.28 20.79
CA ARG C 333 -1.20 4.01 21.37
C ARG C 333 -2.01 5.30 21.62
N CYS C 334 -1.39 6.40 22.05
CA CYS C 334 -2.13 7.65 22.25
C CYS C 334 -2.61 8.29 20.92
N ASN C 335 -1.76 8.30 19.88
CA ASN C 335 -2.16 8.76 18.55
C ASN C 335 -3.39 7.98 18.03
N ARG C 336 -3.40 6.67 18.25
CA ARG C 336 -4.52 5.79 17.85
C ARG C 336 -5.79 6.14 18.63
N ALA C 337 -5.69 6.50 19.91
CA ALA C 337 -6.86 6.84 20.76
C ALA C 337 -7.27 8.31 20.61
N GLY C 338 -6.52 9.14 19.89
CA GLY C 338 -6.77 10.60 19.84
C GLY C 338 -6.62 11.28 21.22
N LYS C 339 -5.65 10.84 22.04
CA LYS C 339 -5.38 11.53 23.32
C LYS C 339 -3.97 12.13 23.31
N PRO C 340 -3.76 13.26 24.02
CA PRO C 340 -2.46 13.98 24.14
C PRO C 340 -1.34 13.17 24.83
N VAL C 341 -0.12 13.22 24.29
CA VAL C 341 1.04 12.55 24.92
C VAL C 341 2.21 13.54 24.97
N ILE C 342 2.85 13.63 26.14
CA ILE C 342 3.95 14.58 26.43
C ILE C 342 5.25 13.79 26.60
N CYS C 343 6.33 14.26 25.99
CA CYS C 343 7.65 13.62 26.15
C CYS C 343 8.54 14.48 27.07
N ALA C 344 9.04 13.91 28.16
CA ALA C 344 9.73 14.70 29.23
C ALA C 344 11.13 14.16 29.55
N THR C 345 11.98 15.03 30.12
CA THR C 345 13.22 14.69 30.91
C THR C 345 14.48 14.49 30.03
N GLN C 346 15.49 15.30 30.33
CA GLN C 346 16.86 15.24 29.78
C GLN C 346 16.91 15.51 28.27
N MET C 347 15.97 16.27 27.73
CA MET C 347 15.92 16.52 26.27
C MET C 347 17.04 17.47 25.80
N LEU C 348 17.36 18.54 26.54
CA LEU C 348 18.43 19.51 26.17
C LEU C 348 19.41 19.69 27.34
N GLU C 349 19.80 18.60 27.99
CA GLU C 349 20.41 18.60 29.35
C GLU C 349 21.73 19.38 29.40
N SER C 350 22.53 19.31 28.34
CA SER C 350 23.83 20.02 28.28
C SER C 350 23.66 21.57 28.29
N MET C 351 22.47 22.09 27.99
CA MET C 351 22.24 23.55 27.93
C MET C 351 22.08 24.16 29.33
N ILE C 352 22.25 23.35 30.37
CA ILE C 352 22.38 23.87 31.74
C ILE C 352 23.68 24.70 31.86
N LYS C 353 24.79 24.18 31.30
CA LYS C 353 26.11 24.79 31.52
C LYS C 353 26.59 25.55 30.27
N LYS C 354 26.19 25.13 29.06
CA LYS C 354 26.71 25.73 27.80
C LYS C 354 25.55 26.31 26.98
N PRO C 355 25.81 27.38 26.18
CA PRO C 355 24.69 28.02 25.42
C PRO C 355 24.23 27.29 24.14
N ARG C 356 24.85 26.18 23.78
CA ARG C 356 24.49 25.40 22.57
C ARG C 356 24.32 23.92 22.96
N PRO C 357 23.38 23.20 22.31
CA PRO C 357 23.22 21.76 22.64
C PRO C 357 24.23 20.87 21.87
N THR C 358 24.42 19.64 22.33
CA THR C 358 25.22 18.63 21.61
C THR C 358 24.45 18.14 20.38
N ARG C 359 25.14 17.48 19.45
CA ARG C 359 24.50 16.90 18.23
C ARG C 359 23.41 15.88 18.60
N ALA C 360 23.63 15.05 19.63
CA ALA C 360 22.62 14.04 20.07
C ALA C 360 21.32 14.71 20.55
N GLU C 361 21.42 15.79 21.34
CA GLU C 361 20.25 16.50 21.89
C GLU C 361 19.39 17.11 20.76
N GLY C 362 20.02 17.65 19.73
CA GLY C 362 19.28 18.15 18.57
C GLY C 362 18.48 17.06 17.87
N SER C 363 19.00 15.82 17.83
CA SER C 363 18.31 14.74 17.13
C SER C 363 17.22 14.10 18.01
N ASP C 364 17.38 14.12 19.33
CA ASP C 364 16.38 13.59 20.27
C ASP C 364 15.01 14.36 20.33
N VAL C 365 15.05 15.69 20.32
CA VAL C 365 13.87 16.55 20.19
C VAL C 365 13.19 16.33 18.81
N ALA C 366 13.95 16.30 17.72
CA ALA C 366 13.36 16.09 16.37
C ALA C 366 12.64 14.73 16.27
N ASN C 367 13.21 13.69 16.89
CA ASN C 367 12.67 12.35 16.77
C ASN C 367 11.36 12.21 17.59
N ALA C 368 11.23 12.90 18.72
CA ALA C 368 9.97 12.90 19.49
C ALA C 368 8.83 13.55 18.67
N VAL C 369 9.14 14.66 18.01
CA VAL C 369 8.19 15.33 17.12
C VAL C 369 7.83 14.42 15.93
N LEU C 370 8.79 13.77 15.26
CA LEU C 370 8.46 12.82 14.17
C LEU C 370 7.74 11.55 14.67
N ASP C 371 7.95 11.07 15.89
CA ASP C 371 7.13 9.91 16.37
C ASP C 371 5.65 10.31 16.58
N GLY C 372 5.39 11.56 16.99
CA GLY C 372 4.04 12.01 17.16
C GLY C 372 3.72 12.63 18.52
N ALA C 373 4.71 13.06 19.32
CA ALA C 373 4.46 13.78 20.60
C ALA C 373 3.66 15.08 20.35
N ASP C 374 2.63 15.32 21.16
CA ASP C 374 1.92 16.61 21.25
C ASP C 374 2.72 17.77 21.88
N CYS C 375 3.49 17.52 22.96
CA CYS C 375 4.31 18.57 23.58
C CYS C 375 5.65 17.99 24.05
N ILE C 376 6.62 18.88 24.22
CA ILE C 376 7.92 18.53 24.77
C ILE C 376 8.14 19.41 26.01
N MET C 377 8.93 18.92 26.97
CA MET C 377 9.07 19.53 28.30
C MET C 377 10.55 19.80 28.63
N LEU C 378 10.85 20.99 29.13
CA LEU C 378 12.16 21.34 29.73
C LEU C 378 12.07 21.25 31.27
N SER C 379 13.10 20.71 31.92
CA SER C 379 13.15 20.65 33.41
C SER C 379 14.28 21.55 33.95
N GLY C 380 15.45 20.93 34.26
CA GLY C 380 16.66 21.62 34.73
C GLY C 380 17.03 22.82 33.86
N GLU C 381 16.86 22.70 32.55
CA GLU C 381 17.28 23.72 31.55
C GLU C 381 16.66 25.09 31.88
N THR C 382 15.41 25.13 32.38
CA THR C 382 14.70 26.40 32.62
C THR C 382 14.58 26.70 34.13
N ALA C 383 14.71 25.68 34.95
CA ALA C 383 14.54 25.80 36.40
C ALA C 383 15.82 26.32 37.04
N LYS C 384 16.96 25.69 36.73
CA LYS C 384 18.18 25.86 37.52
C LYS C 384 19.35 26.36 36.65
N GLY C 385 19.26 26.20 35.34
CA GLY C 385 20.42 26.40 34.44
C GLY C 385 20.75 27.86 34.19
N ASP C 386 21.79 28.09 33.40
CA ASP C 386 22.36 29.43 33.19
C ASP C 386 21.83 30.16 31.95
N TYR C 387 21.08 29.45 31.12
CA TYR C 387 20.70 29.97 29.80
C TYR C 387 19.22 29.67 29.48
N PRO C 388 18.27 29.93 30.44
CA PRO C 388 16.83 29.53 30.23
C PRO C 388 16.20 29.99 28.89
N LEU C 389 16.45 31.24 28.47
CA LEU C 389 15.83 31.78 27.24
C LEU C 389 16.39 31.10 25.99
N GLU C 390 17.70 30.82 25.95
CA GLU C 390 18.34 30.15 24.80
C GLU C 390 17.76 28.74 24.63
N ALA C 391 17.48 28.06 25.75
CA ALA C 391 16.90 26.70 25.71
C ALA C 391 15.47 26.76 25.14
N VAL C 392 14.65 27.71 25.58
CA VAL C 392 13.30 27.85 25.01
C VAL C 392 13.42 28.14 23.50
N ARG C 393 14.37 28.98 23.07
CA ARG C 393 14.48 29.36 21.65
C ARG C 393 14.98 28.20 20.78
N MET C 394 15.79 27.31 21.36
CA MET C 394 16.30 26.14 20.64
C MET C 394 15.16 25.14 20.36
N GLN C 395 14.30 24.89 21.35
CA GLN C 395 13.15 24.00 21.19
C GLN C 395 12.17 24.54 20.12
N HIS C 396 11.90 25.84 20.16
CA HIS C 396 11.09 26.47 19.13
C HIS C 396 11.65 26.21 17.71
N LEU C 397 12.95 26.45 17.47
CA LEU C 397 13.54 26.31 16.10
C LEU C 397 13.51 24.84 15.63
N ILE C 398 13.89 23.88 16.48
CA ILE C 398 14.00 22.46 16.10
C ILE C 398 12.61 21.93 15.70
N ALA C 399 11.62 22.19 16.54
CA ALA C 399 10.25 21.65 16.40
C ALA C 399 9.61 22.11 15.08
N ARG C 400 9.78 23.39 14.78
CA ARG C 400 9.32 23.97 13.52
C ARG C 400 9.92 23.24 12.31
N GLU C 401 11.23 22.96 12.34
CA GLU C 401 11.91 22.24 11.26
C GLU C 401 11.42 20.79 11.16
N ALA C 402 11.26 20.08 12.28
CA ALA C 402 10.85 18.66 12.23
C ALA C 402 9.44 18.55 11.64
N GLU C 403 8.54 19.49 11.98
CA GLU C 403 7.14 19.47 11.47
C GLU C 403 7.07 19.51 9.94
N ALA C 404 8.05 20.09 9.26
CA ALA C 404 8.04 20.17 7.77
C ALA C 404 8.51 18.86 7.10
N ALA C 405 8.97 17.88 7.88
CA ALA C 405 9.51 16.63 7.35
C ALA C 405 8.55 15.44 7.60
N ILE C 406 7.36 15.68 8.18
CA ILE C 406 6.38 14.59 8.44
C ILE C 406 5.87 14.02 7.11
N TYR C 407 5.69 12.71 7.01
CA TYR C 407 5.20 12.09 5.76
C TYR C 407 3.67 12.00 5.82
N HIS C 408 3.01 13.13 5.49
CA HIS C 408 1.56 13.37 5.75
C HIS C 408 0.66 12.44 4.93
N LEU C 409 1.12 12.07 3.73
CA LEU C 409 0.39 11.22 2.83
C LEU C 409 0.11 9.86 3.48
N GLN C 410 1.12 9.23 4.08
CA GLN C 410 0.94 7.91 4.68
C GLN C 410 0.22 8.01 6.03
N LEU C 411 0.51 9.06 6.81
CA LEU C 411 -0.03 9.20 8.18
C LEU C 411 -1.55 9.39 8.14
N PHE C 412 -2.03 10.28 7.23
CA PHE C 412 -3.46 10.56 7.07
C PHE C 412 -4.19 9.33 6.52
N GLU C 413 -3.62 8.62 5.54
CA GLU C 413 -4.17 7.35 5.02
C GLU C 413 -4.39 6.32 6.16
N GLU C 414 -3.45 6.19 7.09
CA GLU C 414 -3.55 5.19 8.14
C GLU C 414 -4.60 5.59 9.19
N LEU C 415 -4.64 6.87 9.61
CA LEU C 415 -5.60 7.31 10.65
C LEU C 415 -7.04 7.17 10.13
N ARG C 416 -7.27 7.43 8.85
CA ARG C 416 -8.59 7.22 8.21
C ARG C 416 -9.00 5.74 8.22
N ARG C 417 -8.13 4.83 7.75
CA ARG C 417 -8.43 3.38 7.65
C ARG C 417 -8.80 2.79 9.03
N LEU C 418 -8.48 3.53 10.08
CA LEU C 418 -8.52 3.03 11.42
C LEU C 418 -9.67 3.68 12.19
N ALA C 419 -10.28 4.69 11.56
CA ALA C 419 -11.39 5.46 12.13
C ALA C 419 -12.71 4.67 12.00
N PRO C 420 -13.53 4.63 13.07
CA PRO C 420 -14.88 4.01 13.05
C PRO C 420 -15.89 4.73 12.13
N ILE C 421 -16.79 3.96 11.50
CA ILE C 421 -18.01 4.51 10.89
C ILE C 421 -19.03 4.71 12.01
N THR C 422 -19.60 5.92 12.07
CA THR C 422 -20.40 6.44 13.20
C THR C 422 -21.40 7.46 12.62
N SER C 423 -22.56 7.65 13.26
CA SER C 423 -23.56 8.60 12.72
C SER C 423 -23.37 10.03 13.25
N ASP C 424 -22.31 10.26 14.05
CA ASP C 424 -21.98 11.58 14.60
C ASP C 424 -21.59 12.69 13.58
N PRO C 425 -22.46 13.73 13.43
CA PRO C 425 -22.18 14.79 12.44
C PRO C 425 -20.83 15.51 12.62
N THR C 426 -20.34 15.61 13.85
CA THR C 426 -19.18 16.47 14.12
C THR C 426 -17.90 15.80 13.62
N GLU C 427 -17.80 14.49 13.86
CA GLU C 427 -16.74 13.63 13.33
C GLU C 427 -16.68 13.68 11.79
N ALA C 428 -17.83 13.53 11.10
CA ALA C 428 -17.88 13.58 9.61
C ALA C 428 -17.44 14.95 9.08
N THR C 429 -17.82 16.03 9.75
CA THR C 429 -17.38 17.36 9.36
C THR C 429 -15.86 17.53 9.52
N ALA C 430 -15.26 17.02 10.60
CA ALA C 430 -13.83 17.20 10.87
C ALA C 430 -12.96 16.50 9.80
N VAL C 431 -13.34 15.26 9.43
CA VAL C 431 -12.55 14.56 8.46
C VAL C 431 -12.70 15.17 7.06
N GLY C 432 -13.93 15.56 6.67
CA GLY C 432 -14.12 16.45 5.51
C GLY C 432 -13.19 17.67 5.49
N ALA C 433 -13.12 18.41 6.60
CA ALA C 433 -12.29 19.64 6.69
C ALA C 433 -10.80 19.34 6.51
N VAL C 434 -10.30 18.25 7.10
CA VAL C 434 -8.89 17.95 7.01
C VAL C 434 -8.55 17.54 5.58
N GLU C 435 -9.34 16.61 5.01
CA GLU C 435 -9.25 16.23 3.62
C GLU C 435 -9.26 17.46 2.68
N ALA C 436 -10.21 18.41 2.80
CA ALA C 436 -10.15 19.62 1.93
C ALA C 436 -8.88 20.45 2.14
N SER C 437 -8.33 20.52 3.35
CA SER C 437 -7.14 21.37 3.60
C SER C 437 -5.90 20.85 2.85
N PHE C 438 -5.80 19.54 2.61
CA PHE C 438 -4.69 18.97 1.84
C PHE C 438 -4.82 19.29 0.36
N LYS C 439 -6.05 19.20 -0.19
CA LYS C 439 -6.36 19.41 -1.60
C LYS C 439 -6.12 20.86 -2.05
N CYS C 440 -6.43 21.86 -1.22
CA CYS C 440 -6.25 23.26 -1.67
C CYS C 440 -5.04 23.95 -1.02
N CYS C 441 -4.20 23.18 -0.30
CA CYS C 441 -3.02 23.71 0.46
C CYS C 441 -3.37 24.99 1.22
N SER C 442 -4.32 24.89 2.15
CA SER C 442 -4.84 26.02 2.88
C SER C 442 -3.84 26.51 3.96
N GLY C 443 -4.02 27.76 4.36
CA GLY C 443 -3.15 28.41 5.28
C GLY C 443 -3.61 28.24 6.71
N ALA C 444 -4.83 27.72 6.94
CA ALA C 444 -5.35 27.53 8.31
C ALA C 444 -6.73 26.84 8.31
N ILE C 445 -7.13 26.28 9.45
CA ILE C 445 -8.51 25.81 9.70
C ILE C 445 -9.07 26.61 10.89
N ILE C 446 -10.14 27.38 10.72
CA ILE C 446 -10.66 28.23 11.81
C ILE C 446 -11.86 27.52 12.43
N VAL C 447 -11.89 27.31 13.74
CA VAL C 447 -12.98 26.54 14.39
C VAL C 447 -13.54 27.42 15.50
N LEU C 448 -14.88 27.60 15.58
CA LEU C 448 -15.47 28.25 16.78
C LEU C 448 -15.82 27.15 17.80
N THR C 449 -15.47 27.34 19.08
CA THR C 449 -15.55 26.25 20.08
C THR C 449 -15.93 26.79 21.47
N LYS C 450 -16.86 26.16 22.19
CA LYS C 450 -17.14 26.50 23.62
C LYS C 450 -16.28 25.63 24.56
N SER C 451 -16.41 24.31 24.45
CA SER C 451 -15.78 23.36 25.34
C SER C 451 -14.39 22.94 24.83
N GLY C 452 -14.04 23.28 23.58
CA GLY C 452 -12.82 22.78 22.95
C GLY C 452 -13.07 21.57 22.05
N ARG C 453 -14.16 20.84 22.24
CA ARG C 453 -14.31 19.48 21.66
C ARG C 453 -14.21 19.43 20.12
N SER C 454 -14.76 20.42 19.42
CA SER C 454 -14.65 20.53 17.95
C SER C 454 -13.21 20.68 17.45
N ALA C 455 -12.37 21.45 18.14
CA ALA C 455 -10.97 21.60 17.75
C ALA C 455 -10.21 20.30 17.99
N HIS C 456 -10.47 19.61 19.11
CA HIS C 456 -9.80 18.31 19.44
C HIS C 456 -10.11 17.26 18.37
N GLN C 457 -11.27 17.33 17.72
CA GLN C 457 -11.63 16.36 16.70
C GLN C 457 -10.89 16.64 15.37
N VAL C 458 -10.57 17.86 15.05
CA VAL C 458 -9.79 18.17 13.86
C VAL C 458 -8.34 17.76 14.11
N ALA C 459 -7.86 17.91 15.36
CA ALA C 459 -6.43 17.77 15.66
C ALA C 459 -6.02 16.29 15.60
N ARG C 460 -6.93 15.38 15.85
CA ARG C 460 -6.55 13.96 15.83
C ARG C 460 -6.24 13.45 14.40
N TYR C 461 -6.61 14.17 13.35
CA TYR C 461 -6.25 13.76 11.97
C TYR C 461 -4.92 14.38 11.52
N ARG C 462 -4.28 15.15 12.37
CA ARG C 462 -2.93 15.66 12.14
C ARG C 462 -2.82 16.42 10.80
N PRO C 463 -3.64 17.50 10.58
CA PRO C 463 -3.47 18.41 9.40
C PRO C 463 -2.08 19.04 9.31
N ARG C 464 -1.70 19.49 8.12
CA ARG C 464 -0.44 20.25 7.98
C ARG C 464 -0.67 21.68 8.44
N ALA C 465 -1.83 22.24 8.12
CA ALA C 465 -2.21 23.61 8.44
C ALA C 465 -2.46 23.78 9.95
N PRO C 466 -2.18 25.00 10.52
CA PRO C 466 -2.56 25.34 11.91
C PRO C 466 -4.08 25.41 12.12
N ILE C 467 -4.54 25.04 13.30
CA ILE C 467 -5.94 25.13 13.69
C ILE C 467 -6.11 26.35 14.60
N ILE C 468 -6.80 27.37 14.15
CA ILE C 468 -7.02 28.55 14.99
C ILE C 468 -8.38 28.38 15.68
N ALA C 469 -8.41 28.12 16.99
CA ALA C 469 -9.66 27.90 17.71
C ALA C 469 -10.11 29.20 18.41
N VAL C 470 -11.28 29.74 18.07
CA VAL C 470 -11.76 31.02 18.66
C VAL C 470 -12.77 30.69 19.76
N THR C 471 -12.57 31.25 20.95
CA THR C 471 -13.40 30.92 22.10
C THR C 471 -13.61 32.18 22.96
N ARG C 472 -14.64 32.13 23.81
CA ARG C 472 -14.90 33.17 24.82
C ARG C 472 -14.60 32.64 26.22
N ASN C 473 -14.38 31.33 26.35
CA ASN C 473 -14.13 30.67 27.62
C ASN C 473 -12.61 30.65 27.90
N PRO C 474 -12.12 31.45 28.88
CA PRO C 474 -10.66 31.53 29.12
C PRO C 474 -9.95 30.21 29.54
N GLN C 475 -10.61 29.32 30.26
CA GLN C 475 -10.04 28.05 30.66
C GLN C 475 -9.93 27.07 29.46
N THR C 476 -10.93 27.07 28.56
CA THR C 476 -10.85 26.31 27.31
C THR C 476 -9.62 26.76 26.51
N ALA C 477 -9.27 28.05 26.53
CA ALA C 477 -8.15 28.54 25.73
C ALA C 477 -6.80 28.11 26.35
N ARG C 478 -6.69 27.96 27.66
CA ARG C 478 -5.42 27.52 28.29
C ARG C 478 -5.21 26.02 28.06
N GLN C 479 -6.26 25.20 28.18
CA GLN C 479 -6.11 23.73 28.07
C GLN C 479 -5.83 23.30 26.62
N ALA C 480 -6.21 24.09 25.62
CA ALA C 480 -6.01 23.68 24.21
C ALA C 480 -4.51 23.60 23.82
N HIS C 481 -3.60 24.01 24.70
CA HIS C 481 -2.17 23.87 24.42
C HIS C 481 -1.72 22.40 24.40
N LEU C 482 -2.44 21.49 25.02
CA LEU C 482 -2.04 20.07 25.07
C LEU C 482 -2.23 19.33 23.72
N TYR C 483 -2.85 19.91 22.68
CA TYR C 483 -3.11 19.14 21.45
C TYR C 483 -2.32 19.72 20.28
N ARG C 484 -1.77 18.85 19.45
CA ARG C 484 -0.82 19.25 18.47
C ARG C 484 -1.56 20.05 17.39
N GLY C 485 -1.09 21.26 17.13
CA GLY C 485 -1.60 22.03 16.01
C GLY C 485 -2.60 23.10 16.41
N ILE C 486 -3.24 23.02 17.60
CA ILE C 486 -4.24 24.03 18.03
C ILE C 486 -3.54 25.32 18.51
N PHE C 487 -3.85 26.44 17.85
CA PHE C 487 -3.38 27.80 18.21
C PHE C 487 -4.57 28.59 18.81
N PRO C 488 -4.71 28.64 20.15
CA PRO C 488 -5.99 29.15 20.71
C PRO C 488 -6.07 30.69 20.80
N VAL C 489 -7.20 31.30 20.44
CA VAL C 489 -7.34 32.78 20.60
C VAL C 489 -8.59 33.15 21.42
N LEU C 490 -8.45 34.13 22.29
CA LEU C 490 -9.53 34.49 23.23
C LEU C 490 -10.25 35.75 22.75
N CYS C 491 -11.54 35.62 22.47
CA CYS C 491 -12.37 36.73 22.02
C CYS C 491 -12.88 37.51 23.25
N LYS C 492 -12.66 38.83 23.23
CA LYS C 492 -12.99 39.66 24.38
C LYS C 492 -14.32 40.39 24.16
N ASP C 493 -14.62 40.71 22.89
CA ASP C 493 -15.81 41.44 22.45
C ASP C 493 -17.15 40.95 23.06
N PRO C 494 -18.09 41.89 23.34
CA PRO C 494 -19.43 41.54 23.86
C PRO C 494 -20.29 40.81 22.81
N VAL C 495 -21.17 39.94 23.28
CA VAL C 495 -22.12 39.20 22.43
C VAL C 495 -23.03 40.21 21.69
N GLN C 496 -23.14 40.03 20.36
CA GLN C 496 -24.05 40.81 19.50
C GLN C 496 -25.48 40.29 19.69
N GLU C 497 -26.46 41.09 19.29
CA GLU C 497 -27.89 40.76 19.47
C GLU C 497 -28.32 39.65 18.48
N ALA C 498 -28.00 39.82 17.19
CA ALA C 498 -28.29 38.82 16.15
C ALA C 498 -27.20 37.73 16.18
N TRP C 499 -27.61 36.47 16.24
CA TRP C 499 -26.65 35.37 16.44
C TRP C 499 -25.74 35.17 15.22
N ALA C 500 -26.27 35.31 14.00
CA ALA C 500 -25.45 35.19 12.79
C ALA C 500 -24.43 36.33 12.70
N GLU C 501 -24.71 37.42 13.39
CA GLU C 501 -23.84 38.60 13.38
C GLU C 501 -22.65 38.37 14.34
N ASP C 502 -22.95 37.83 15.51
CA ASP C 502 -21.97 37.36 16.48
C ASP C 502 -20.97 36.35 15.90
N VAL C 503 -21.46 35.45 15.02
CA VAL C 503 -20.62 34.41 14.38
C VAL C 503 -19.63 35.04 13.40
N ASP C 504 -20.08 35.96 12.55
CA ASP C 504 -19.21 36.67 11.60
C ASP C 504 -18.11 37.51 12.26
N LEU C 505 -18.42 38.08 13.42
CA LEU C 505 -17.48 38.89 14.20
C LEU C 505 -16.27 38.03 14.61
N ARG C 506 -16.53 36.86 15.22
CA ARG C 506 -15.48 35.91 15.68
C ARG C 506 -14.67 35.33 14.50
N VAL C 507 -15.32 35.01 13.37
CA VAL C 507 -14.54 34.60 12.18
C VAL C 507 -13.61 35.75 11.73
N ASN C 508 -14.07 37.00 11.76
CA ASN C 508 -13.22 38.12 11.29
C ASN C 508 -12.04 38.34 12.25
N PHE C 509 -12.30 38.22 13.54
CA PHE C 509 -11.27 38.29 14.56
C PHE C 509 -10.14 37.27 14.26
N ALA C 510 -10.50 36.00 14.02
CA ALA C 510 -9.52 34.93 13.69
C ALA C 510 -8.74 35.25 12.40
N MET C 511 -9.35 35.88 11.40
CA MET C 511 -8.62 36.30 10.16
C MET C 511 -7.55 37.34 10.49
N ASN C 512 -7.84 38.31 11.37
CA ASN C 512 -6.89 39.38 11.71
C ASN C 512 -5.67 38.81 12.45
N VAL C 513 -5.92 37.89 13.38
CA VAL C 513 -4.86 37.22 14.14
C VAL C 513 -3.91 36.49 13.18
N GLY C 514 -4.45 35.71 12.25
CA GLY C 514 -3.62 34.96 11.30
C GLY C 514 -2.81 35.87 10.40
N LYS C 515 -3.35 37.05 10.05
CA LYS C 515 -2.64 38.07 9.25
C LYS C 515 -1.47 38.70 10.04
N ALA C 516 -1.74 39.17 11.26
CA ALA C 516 -0.73 39.76 12.15
C ALA C 516 0.42 38.78 12.42
N ARG C 517 0.12 37.49 12.61
CA ARG C 517 1.13 36.47 13.00
C ARG C 517 1.87 35.94 11.76
N GLY C 518 1.37 36.22 10.56
CA GLY C 518 2.03 35.80 9.31
C GLY C 518 1.69 34.37 8.89
N PHE C 519 0.53 33.83 9.28
CA PHE C 519 0.15 32.46 8.84
C PHE C 519 -0.36 32.48 7.40
N PHE C 520 -0.84 33.63 6.93
CA PHE C 520 -1.34 33.80 5.55
C PHE C 520 -1.52 35.29 5.22
N LYS C 521 -1.87 35.59 3.98
CA LYS C 521 -2.09 36.98 3.55
C LYS C 521 -3.28 37.04 2.60
N LYS C 522 -3.68 38.26 2.25
CA LYS C 522 -4.87 38.52 1.42
C LYS C 522 -4.81 37.70 0.13
N GLY C 523 -5.92 37.03 -0.19
CA GLY C 523 -6.04 36.24 -1.42
C GLY C 523 -5.76 34.75 -1.21
N ASP C 524 -5.24 34.36 -0.05
CA ASP C 524 -5.06 32.94 0.34
C ASP C 524 -6.41 32.25 0.66
N VAL C 525 -6.39 30.93 0.89
CA VAL C 525 -7.62 30.16 1.12
C VAL C 525 -7.60 29.57 2.54
N VAL C 526 -8.70 29.76 3.30
CA VAL C 526 -8.86 29.15 4.64
C VAL C 526 -10.14 28.29 4.69
N ILE C 527 -10.17 27.29 5.59
CA ILE C 527 -11.38 26.46 5.89
C ILE C 527 -12.04 27.02 7.16
N VAL C 528 -13.36 27.18 7.20
CA VAL C 528 -14.03 27.73 8.41
C VAL C 528 -15.07 26.72 8.90
N LEU C 529 -14.98 26.24 10.14
CA LEU C 529 -15.98 25.30 10.71
C LEU C 529 -16.93 26.02 11.66
N THR C 530 -18.25 25.82 11.50
CA THR C 530 -19.26 26.39 12.44
C THR C 530 -20.43 25.41 12.61
N GLY C 531 -21.39 25.78 13.48
CA GLY C 531 -22.61 24.99 13.77
C GLY C 531 -23.88 25.68 13.29
N TRP C 532 -25.02 25.03 13.47
CA TRP C 532 -26.29 25.54 12.86
C TRP C 532 -27.12 26.32 13.88
N ARG C 533 -26.86 26.13 15.18
CA ARG C 533 -27.52 26.87 16.29
C ARG C 533 -26.48 27.08 17.41
N PRO C 534 -26.78 27.95 18.44
CA PRO C 534 -25.91 28.18 19.64
C PRO C 534 -25.83 26.99 20.61
N GLY C 535 -24.80 26.94 21.47
CA GLY C 535 -24.60 25.81 22.42
C GLY C 535 -23.56 24.82 21.92
N SER C 536 -23.10 23.92 22.78
CA SER C 536 -22.11 22.91 22.39
C SER C 536 -22.78 21.78 21.61
N GLY C 537 -22.03 21.16 20.70
CA GLY C 537 -22.36 19.86 20.15
C GLY C 537 -23.07 19.92 18.80
N PHE C 538 -23.08 21.08 18.13
CA PHE C 538 -23.82 21.22 16.84
C PHE C 538 -22.95 21.69 15.68
N THR C 539 -21.64 21.50 15.70
CA THR C 539 -20.77 21.83 14.56
C THR C 539 -21.13 20.95 13.35
N ASN C 540 -21.46 21.53 12.21
CA ASN C 540 -21.95 20.67 11.10
C ASN C 540 -21.65 21.30 9.71
N THR C 541 -21.02 22.47 9.65
CA THR C 541 -20.83 23.24 8.42
C THR C 541 -19.33 23.48 8.18
N MET C 542 -18.86 23.26 6.94
CA MET C 542 -17.48 23.53 6.51
C MET C 542 -17.53 24.45 5.27
N ARG C 543 -16.90 25.64 5.30
CA ARG C 543 -16.80 26.57 4.11
C ARG C 543 -15.33 26.80 3.69
N VAL C 544 -15.10 27.01 2.39
CA VAL C 544 -13.79 27.38 1.88
C VAL C 544 -13.86 28.86 1.46
N VAL C 545 -13.09 29.75 2.08
CA VAL C 545 -13.25 31.20 1.84
C VAL C 545 -11.88 31.85 1.59
N PRO C 546 -11.81 32.84 0.67
CA PRO C 546 -10.60 33.71 0.46
C PRO C 546 -10.38 34.69 1.62
N VAL C 547 -9.12 34.97 1.98
CA VAL C 547 -8.82 35.89 3.08
C VAL C 547 -9.13 37.33 2.61
N PRO C 548 -10.04 38.03 3.32
CA PRO C 548 -10.56 39.34 2.91
C PRO C 548 -9.48 40.44 2.97
N HIS D 36 4.77 -18.35 15.45
CA HIS D 36 5.31 -17.04 14.99
C HIS D 36 4.22 -16.27 14.23
N ALA D 37 3.74 -15.16 14.82
CA ALA D 37 2.68 -14.32 14.23
C ALA D 37 3.27 -13.32 13.22
N ALA D 38 2.46 -13.02 12.19
CA ALA D 38 2.81 -12.07 11.12
C ALA D 38 2.97 -10.64 11.66
N MET D 39 3.76 -9.83 10.95
CA MET D 39 3.94 -8.41 11.24
C MET D 39 2.64 -7.65 10.94
N ALA D 40 2.42 -6.57 11.68
CA ALA D 40 1.28 -5.65 11.51
C ALA D 40 1.18 -5.14 10.05
N ASP D 41 -0.05 -4.82 9.64
CA ASP D 41 -0.36 -4.31 8.28
C ASP D 41 -0.08 -2.83 8.02
N THR D 42 0.03 -2.03 9.08
CA THR D 42 0.37 -0.60 8.96
C THR D 42 1.55 -0.27 9.88
N PHE D 43 2.22 0.83 9.59
CA PHE D 43 3.29 1.39 10.42
C PHE D 43 2.78 1.77 11.82
N LEU D 44 1.59 2.37 11.92
CA LEU D 44 1.05 2.76 13.22
C LEU D 44 0.77 1.53 14.09
N GLU D 45 0.25 0.47 13.49
CA GLU D 45 -0.07 -0.75 14.22
C GLU D 45 1.22 -1.46 14.72
N HIS D 46 2.29 -1.40 13.92
CA HIS D 46 3.61 -1.94 14.24
C HIS D 46 4.17 -1.27 15.49
N MET D 47 4.22 0.07 15.53
CA MET D 47 4.61 0.87 16.72
C MET D 47 3.83 0.40 17.96
N CYS D 48 2.49 0.35 17.89
CA CYS D 48 1.60 0.04 19.05
C CYS D 48 1.93 -1.35 19.63
N ARG D 49 2.62 -2.20 18.87
CA ARG D 49 2.81 -3.59 19.29
C ARG D 49 4.21 -3.84 19.85
N LEU D 50 5.10 -2.83 19.87
CA LEU D 50 6.45 -3.03 20.44
C LEU D 50 6.33 -3.43 21.91
N ASP D 51 7.27 -4.27 22.36
CA ASP D 51 7.21 -4.86 23.70
C ASP D 51 8.56 -4.87 24.44
N ILE D 52 8.58 -4.36 25.66
CA ILE D 52 9.80 -4.30 26.50
C ILE D 52 10.07 -5.66 27.18
N ASP D 53 9.14 -6.61 27.06
CA ASP D 53 9.29 -7.96 27.61
C ASP D 53 9.46 -8.98 26.49
N SER D 54 10.50 -8.80 25.68
CA SER D 54 10.71 -9.58 24.46
C SER D 54 12.21 -9.59 24.13
N PRO D 55 12.92 -10.69 24.49
CA PRO D 55 14.39 -10.72 24.37
C PRO D 55 14.84 -10.66 22.90
N PRO D 56 15.86 -9.81 22.58
CA PRO D 56 16.46 -9.75 21.23
C PRO D 56 17.27 -11.02 20.89
N ILE D 57 17.60 -11.20 19.61
CA ILE D 57 18.50 -12.30 19.21
C ILE D 57 19.95 -11.93 19.54
N THR D 58 20.81 -12.96 19.63
CA THR D 58 22.21 -12.88 20.13
C THR D 58 23.08 -12.05 19.19
N ALA D 59 22.79 -12.08 17.89
CA ALA D 59 23.61 -11.38 16.90
C ALA D 59 23.34 -9.87 16.97
N ARG D 60 24.36 -9.09 16.61
CA ARG D 60 24.28 -7.65 16.52
C ARG D 60 24.77 -7.24 15.13
N ASN D 61 23.86 -6.72 14.31
CA ASN D 61 24.09 -6.44 12.90
C ASN D 61 24.94 -5.17 12.67
N THR D 62 24.79 -4.11 13.46
CA THR D 62 25.47 -2.82 13.18
C THR D 62 26.93 -2.86 13.66
N GLY D 63 27.89 -2.35 12.87
CA GLY D 63 29.32 -2.37 13.28
C GLY D 63 29.69 -1.21 14.20
N ILE D 64 30.70 -1.42 15.07
CA ILE D 64 31.20 -0.41 16.04
C ILE D 64 32.64 0.02 15.69
N ILE D 65 32.81 1.33 15.46
CA ILE D 65 34.12 1.99 15.15
C ILE D 65 34.58 2.80 16.37
N CYS D 66 35.78 2.53 16.90
CA CYS D 66 36.33 3.28 18.08
C CYS D 66 37.59 4.05 17.69
N THR D 67 37.70 5.29 18.19
CA THR D 67 38.93 6.08 18.06
C THR D 67 39.91 5.60 19.13
N ILE D 68 41.16 5.43 18.73
CA ILE D 68 42.24 5.04 19.65
C ILE D 68 43.04 6.30 20.00
N GLY D 69 43.32 6.46 21.29
CA GLY D 69 44.06 7.60 21.83
C GLY D 69 44.62 7.25 23.21
N PRO D 70 45.09 8.24 23.98
CA PRO D 70 45.79 8.01 25.27
C PRO D 70 45.10 7.01 26.21
N ALA D 71 43.76 6.96 26.23
CA ALA D 71 43.00 6.15 27.23
C ALA D 71 42.83 4.68 26.81
N SER D 72 43.29 4.29 25.61
CA SER D 72 42.99 2.96 25.05
C SER D 72 44.07 2.51 24.05
N ARG D 73 45.33 2.88 24.27
CA ARG D 73 46.43 2.52 23.36
C ARG D 73 47.13 1.23 23.80
N SER D 74 46.94 0.83 25.06
CA SER D 74 47.71 -0.26 25.64
C SER D 74 47.18 -1.61 25.12
N VAL D 75 48.03 -2.63 25.10
CA VAL D 75 47.64 -3.97 24.61
C VAL D 75 46.55 -4.55 25.52
N GLU D 76 46.66 -4.32 26.83
CA GLU D 76 45.74 -4.91 27.81
C GLU D 76 44.32 -4.35 27.63
N THR D 77 44.19 -3.04 27.42
CA THR D 77 42.89 -2.35 27.27
C THR D 77 42.25 -2.72 25.91
N LEU D 78 43.05 -2.75 24.85
CA LEU D 78 42.60 -3.15 23.52
C LEU D 78 42.04 -4.58 23.50
N LYS D 79 42.64 -5.52 24.23
CA LYS D 79 42.07 -6.88 24.35
C LYS D 79 40.65 -6.82 24.93
N GLU D 80 40.40 -5.89 25.83
CA GLU D 80 39.11 -5.78 26.49
C GLU D 80 38.09 -5.14 25.52
N MET D 81 38.50 -4.12 24.77
CA MET D 81 37.65 -3.49 23.75
C MET D 81 37.23 -4.52 22.69
N ILE D 82 38.14 -5.40 22.28
CA ILE D 82 37.82 -6.42 21.28
C ILE D 82 36.73 -7.35 21.82
N LYS D 83 36.86 -7.83 23.05
CA LYS D 83 35.85 -8.75 23.63
C LYS D 83 34.52 -8.04 23.88
N SER D 84 34.53 -6.72 24.04
CA SER D 84 33.33 -5.90 24.29
C SER D 84 32.51 -5.66 23.00
N GLY D 85 33.18 -5.59 21.83
CA GLY D 85 32.48 -5.59 20.54
C GLY D 85 33.04 -4.64 19.49
N MET D 86 34.29 -4.18 19.63
CA MET D 86 34.89 -3.28 18.66
C MET D 86 35.28 -4.05 17.39
N ASN D 87 34.96 -3.49 16.21
CA ASN D 87 35.22 -4.14 14.93
C ASN D 87 36.30 -3.39 14.16
N VAL D 88 36.42 -2.08 14.37
CA VAL D 88 37.30 -1.19 13.57
C VAL D 88 38.03 -0.26 14.54
N ALA D 89 39.32 0.00 14.28
CA ALA D 89 40.13 0.93 15.10
C ALA D 89 40.49 2.16 14.27
N ARG D 90 39.99 3.34 14.61
CA ARG D 90 40.29 4.54 13.82
C ARG D 90 41.47 5.32 14.44
N LEU D 91 42.46 5.68 13.60
CA LEU D 91 43.59 6.54 13.99
C LEU D 91 43.37 7.93 13.40
N ASN D 92 43.52 8.95 14.25
CA ASN D 92 43.25 10.34 13.88
C ASN D 92 44.57 11.08 13.64
N PHE D 93 44.87 11.38 12.38
CA PHE D 93 46.15 11.98 11.94
C PHE D 93 46.10 13.52 11.98
N SER D 94 45.29 14.07 12.89
CA SER D 94 45.32 15.51 13.17
C SER D 94 46.52 15.83 14.07
N HIS D 95 46.84 14.88 14.97
CA HIS D 95 47.91 15.03 15.95
C HIS D 95 48.92 13.87 15.80
N GLY D 96 50.02 13.92 16.54
CA GLY D 96 50.98 12.81 16.65
C GLY D 96 51.88 12.68 15.43
N THR D 97 53.07 12.11 15.66
CA THR D 97 54.07 11.84 14.60
C THR D 97 53.77 10.48 13.95
N HIS D 98 54.41 10.20 12.81
CA HIS D 98 54.32 8.88 12.14
C HIS D 98 54.78 7.76 13.07
N GLU D 99 55.76 8.06 13.91
CA GLU D 99 56.40 7.07 14.77
C GLU D 99 55.47 6.70 15.94
N TYR D 100 54.73 7.67 16.46
CA TYR D 100 53.73 7.40 17.51
C TYR D 100 52.58 6.56 16.93
N HIS D 101 52.09 6.90 15.73
CA HIS D 101 51.00 6.16 15.06
C HIS D 101 51.39 4.72 14.74
N ALA D 102 52.63 4.48 14.31
CA ALA D 102 53.10 3.12 13.93
C ALA D 102 53.14 2.21 15.16
N GLU D 103 53.29 2.79 16.34
CA GLU D 103 53.28 2.01 17.56
C GLU D 103 51.84 1.72 18.01
N THR D 104 50.87 2.52 17.56
CA THR D 104 49.47 2.19 17.80
C THR D 104 49.06 0.98 16.93
N ILE D 105 49.41 1.01 15.65
CA ILE D 105 49.06 -0.06 14.70
C ILE D 105 49.62 -1.41 15.19
N LYS D 106 50.88 -1.41 15.66
CA LYS D 106 51.53 -2.60 16.26
C LYS D 106 50.75 -3.13 17.49
N ASN D 107 50.26 -2.27 18.39
CA ASN D 107 49.50 -2.76 19.58
C ASN D 107 48.14 -3.33 19.20
N VAL D 108 47.44 -2.72 18.23
CA VAL D 108 46.12 -3.21 17.77
C VAL D 108 46.30 -4.64 17.19
N ARG D 109 47.33 -4.80 16.33
CA ARG D 109 47.63 -6.09 15.69
C ARG D 109 48.05 -7.16 16.72
N THR D 110 48.82 -6.78 17.76
CA THR D 110 49.21 -7.73 18.80
C THR D 110 47.97 -8.22 19.52
N ALA D 111 47.18 -7.27 20.04
CA ALA D 111 45.89 -7.53 20.69
C ALA D 111 45.01 -8.47 19.84
N THR D 112 44.91 -8.19 18.53
CA THR D 112 44.09 -8.98 17.59
C THR D 112 44.61 -10.42 17.49
N GLU D 113 45.94 -10.61 17.36
CA GLU D 113 46.50 -11.98 17.08
C GLU D 113 46.56 -12.84 18.35
N SER D 114 46.37 -12.22 19.51
CA SER D 114 46.35 -12.90 20.79
C SER D 114 45.20 -13.92 20.84
N PHE D 115 44.21 -13.78 19.94
CA PHE D 115 43.00 -14.63 19.93
C PHE D 115 43.06 -15.67 18.80
N ALA D 116 44.14 -15.68 18.01
CA ALA D 116 44.23 -16.48 16.77
C ALA D 116 44.43 -17.98 17.05
N SER D 117 44.75 -18.34 18.31
CA SER D 117 45.02 -19.73 18.72
C SER D 117 43.82 -20.65 18.48
N ASP D 118 42.60 -20.14 18.73
CA ASP D 118 41.34 -20.87 18.50
C ASP D 118 40.54 -20.29 17.31
N PRO D 119 40.67 -20.92 16.10
CA PRO D 119 40.08 -20.41 14.83
C PRO D 119 38.56 -20.22 14.85
N ILE D 120 37.87 -20.92 15.73
CA ILE D 120 36.40 -20.83 15.83
C ILE D 120 36.00 -19.51 16.51
N LEU D 121 36.82 -18.97 17.42
CA LEU D 121 36.41 -17.78 18.20
C LEU D 121 37.19 -16.50 17.80
N TYR D 122 38.03 -16.57 16.75
CA TYR D 122 38.83 -15.43 16.30
C TYR D 122 37.94 -14.37 15.62
N ARG D 123 38.13 -13.08 15.94
CA ARG D 123 37.41 -11.95 15.28
C ARG D 123 38.41 -11.08 14.52
N PRO D 124 38.26 -10.92 13.20
CA PRO D 124 39.10 -9.93 12.44
C PRO D 124 38.82 -8.49 12.89
N VAL D 125 39.81 -7.62 12.91
CA VAL D 125 39.63 -6.22 13.32
C VAL D 125 40.27 -5.30 12.27
N ALA D 126 39.52 -4.40 11.67
CA ALA D 126 40.08 -3.51 10.63
C ALA D 126 40.80 -2.30 11.27
N VAL D 127 41.70 -1.68 10.51
CA VAL D 127 42.39 -0.42 10.91
C VAL D 127 41.99 0.68 9.92
N ALA D 128 41.64 1.88 10.39
CA ALA D 128 41.23 2.99 9.48
C ALA D 128 42.03 4.26 9.78
N LEU D 129 42.43 4.94 8.71
CA LEU D 129 43.29 6.10 8.77
C LEU D 129 42.45 7.33 8.40
N ASP D 130 42.31 8.26 9.36
CA ASP D 130 41.55 9.50 9.15
C ASP D 130 42.50 10.64 8.84
N THR D 131 42.33 11.30 7.70
CA THR D 131 43.26 12.38 7.27
C THR D 131 43.00 13.66 8.07
N LYS D 132 43.90 14.64 7.94
CA LYS D 132 43.73 15.95 8.59
C LYS D 132 42.78 16.81 7.75
N GLY D 133 43.06 16.90 6.45
CA GLY D 133 42.28 17.71 5.51
C GLY D 133 42.68 19.17 5.52
N PRO D 134 42.10 19.99 4.60
CA PRO D 134 42.28 21.46 4.50
C PRO D 134 41.69 22.20 5.72
N GLU D 135 42.52 22.38 6.76
CA GLU D 135 42.03 22.81 8.08
C GLU D 135 42.79 24.07 8.54
N ILE D 136 42.05 24.99 9.18
CA ILE D 136 42.61 26.23 9.76
C ILE D 136 42.58 26.11 11.30
N ARG D 137 43.73 26.38 11.94
CA ARG D 137 43.86 26.25 13.41
C ARG D 137 44.44 27.52 14.03
N LEU D 235 41.29 26.12 -0.85
CA LEU D 235 42.34 25.18 -0.47
C LEU D 235 42.14 23.85 -1.22
N PRO D 236 43.25 23.17 -1.62
CA PRO D 236 43.20 21.91 -2.42
C PRO D 236 42.68 20.69 -1.64
N ALA D 237 42.27 19.65 -2.37
CA ALA D 237 41.69 18.40 -1.82
C ALA D 237 42.66 17.70 -0.86
N VAL D 238 43.88 17.48 -1.34
CA VAL D 238 44.92 16.74 -0.64
C VAL D 238 46.09 17.70 -0.43
N SER D 239 46.35 18.08 0.83
CA SER D 239 47.50 18.92 1.19
C SER D 239 48.81 18.13 1.12
N GLU D 240 49.94 18.82 1.30
CA GLU D 240 51.26 18.20 1.20
C GLU D 240 51.47 17.19 2.34
N LYS D 241 50.94 17.53 3.53
CA LYS D 241 50.98 16.65 4.72
C LYS D 241 50.16 15.38 4.48
N ASP D 242 49.01 15.52 3.80
CA ASP D 242 48.12 14.39 3.48
C ASP D 242 48.70 13.35 2.50
N ILE D 243 49.48 13.81 1.52
CA ILE D 243 50.31 12.93 0.66
C ILE D 243 51.15 12.00 1.54
N GLN D 244 51.85 12.57 2.54
CA GLN D 244 52.79 11.83 3.36
C GLN D 244 52.03 10.79 4.20
N ASP D 245 50.87 11.20 4.70
CA ASP D 245 49.98 10.36 5.50
C ASP D 245 49.37 9.21 4.70
N LEU D 246 48.85 9.51 3.49
CA LEU D 246 48.27 8.49 2.64
C LEU D 246 49.33 7.45 2.26
N LYS D 247 50.51 7.93 1.85
CA LYS D 247 51.65 7.10 1.43
C LYS D 247 52.15 6.24 2.60
N PHE D 248 52.03 6.76 3.83
CA PHE D 248 52.40 6.02 5.05
C PHE D 248 51.41 4.87 5.31
N GLY D 249 50.13 5.08 4.98
CA GLY D 249 49.06 4.10 5.21
C GLY D 249 49.10 2.93 4.23
N VAL D 250 49.65 3.15 3.02
CA VAL D 250 49.86 2.06 2.05
C VAL D 250 50.95 1.10 2.57
N GLU D 251 52.01 1.65 3.20
CA GLU D 251 53.15 0.88 3.72
C GLU D 251 52.75 0.05 4.95
N GLN D 252 51.82 0.58 5.76
CA GLN D 252 51.38 -0.04 7.03
C GLN D 252 50.21 -1.00 6.79
N ASP D 253 49.73 -1.10 5.55
CA ASP D 253 48.66 -2.03 5.13
C ASP D 253 47.29 -1.79 5.82
N VAL D 254 46.78 -0.55 5.74
CA VAL D 254 45.48 -0.23 6.36
C VAL D 254 44.34 -0.75 5.47
N ASP D 255 43.11 -0.75 5.97
CA ASP D 255 41.99 -1.29 5.21
C ASP D 255 41.14 -0.22 4.57
N MET D 256 41.08 0.96 5.18
CA MET D 256 40.24 2.02 4.65
C MET D 256 40.84 3.38 5.03
N VAL D 257 40.41 4.41 4.31
CA VAL D 257 40.82 5.76 4.49
C VAL D 257 39.54 6.62 4.68
N PHE D 258 39.48 7.46 5.72
CA PHE D 258 38.36 8.44 5.85
C PHE D 258 38.84 9.81 5.38
N ALA D 259 38.44 10.23 4.17
CA ALA D 259 38.99 11.47 3.58
C ALA D 259 38.18 12.67 4.06
N SER D 260 38.83 13.61 4.74
CA SER D 260 38.14 14.79 5.32
C SER D 260 37.82 15.85 4.26
N PHE D 261 36.68 16.54 4.45
CA PHE D 261 36.25 17.76 3.70
C PHE D 261 36.19 17.50 2.18
N ILE D 262 35.36 16.56 1.76
CA ILE D 262 35.15 16.30 0.34
C ILE D 262 34.06 17.26 -0.18
N ARG D 263 34.32 17.96 -1.28
CA ARG D 263 33.36 18.97 -1.82
C ARG D 263 32.82 18.58 -3.20
N LYS D 264 33.56 17.78 -3.98
CA LYS D 264 33.17 17.44 -5.39
C LYS D 264 33.79 16.11 -5.80
N ALA D 265 33.29 15.47 -6.88
CA ALA D 265 33.76 14.12 -7.30
C ALA D 265 35.25 14.11 -7.65
N SER D 266 35.80 15.25 -8.10
CA SER D 266 37.21 15.35 -8.51
C SER D 266 38.16 15.32 -7.29
N ASP D 267 37.63 15.52 -6.07
CA ASP D 267 38.43 15.37 -4.82
C ASP D 267 38.70 13.90 -4.48
N VAL D 268 37.72 13.04 -4.79
CA VAL D 268 37.80 11.59 -4.53
C VAL D 268 38.81 10.99 -5.51
N HIS D 269 38.71 11.38 -6.80
CA HIS D 269 39.65 10.96 -7.87
C HIS D 269 41.11 11.33 -7.54
N GLU D 270 41.31 12.48 -6.90
CA GLU D 270 42.62 12.90 -6.42
C GLU D 270 43.18 11.92 -5.36
N VAL D 271 42.36 11.49 -4.39
CA VAL D 271 42.80 10.59 -3.30
C VAL D 271 43.12 9.19 -3.87
N ARG D 272 42.29 8.71 -4.80
CA ARG D 272 42.46 7.41 -5.48
C ARG D 272 43.80 7.35 -6.24
N LYS D 273 44.31 8.51 -6.67
CA LYS D 273 45.50 8.62 -7.52
C LYS D 273 46.77 8.57 -6.65
N VAL D 274 46.72 9.16 -5.46
CA VAL D 274 47.83 9.15 -4.51
C VAL D 274 48.04 7.75 -3.92
N LEU D 275 46.98 6.95 -3.76
CA LEU D 275 47.14 5.57 -3.24
C LEU D 275 47.78 4.69 -4.32
N GLY D 276 47.53 5.00 -5.58
CA GLY D 276 48.29 4.41 -6.69
C GLY D 276 47.78 3.04 -7.09
N GLU D 277 48.70 2.16 -7.46
CA GLU D 277 48.39 0.76 -7.83
C GLU D 277 48.55 -0.15 -6.61
N LYS D 278 49.51 0.17 -5.74
CA LYS D 278 49.80 -0.61 -4.53
C LYS D 278 48.58 -0.64 -3.59
N GLY D 279 47.86 0.48 -3.48
CA GLY D 279 46.71 0.54 -2.58
C GLY D 279 45.40 0.61 -3.32
N LYS D 280 45.25 -0.17 -4.39
CA LYS D 280 44.03 -0.13 -5.21
C LYS D 280 42.88 -0.90 -4.53
N ASN D 281 43.17 -1.70 -3.49
CA ASN D 281 42.09 -2.40 -2.76
C ASN D 281 41.69 -1.63 -1.49
N ILE D 282 42.40 -0.57 -1.10
CA ILE D 282 41.98 0.24 0.05
C ILE D 282 40.68 1.00 -0.30
N LYS D 283 39.65 0.90 0.57
CA LYS D 283 38.32 1.55 0.38
C LYS D 283 38.40 3.04 0.76
N ILE D 284 37.79 3.92 -0.03
CA ILE D 284 37.70 5.34 0.34
C ILE D 284 36.28 5.67 0.84
N ILE D 285 36.18 6.12 2.10
CA ILE D 285 34.94 6.61 2.73
C ILE D 285 35.02 8.15 2.74
N SER D 286 34.11 8.86 2.06
CA SER D 286 34.14 10.34 1.95
C SER D 286 33.40 11.02 3.13
N LYS D 287 34.05 11.95 3.82
CA LYS D 287 33.46 12.73 4.91
C LYS D 287 32.71 13.96 4.39
N ILE D 288 31.39 14.01 4.62
CA ILE D 288 30.57 15.15 4.19
C ILE D 288 30.49 16.14 5.35
N GLU D 289 31.00 17.38 5.19
CA GLU D 289 31.07 18.30 6.36
C GLU D 289 30.88 19.78 5.99
N ASN D 290 30.21 20.10 4.89
CA ASN D 290 29.83 21.51 4.62
C ASN D 290 28.69 21.57 3.60
N HIS D 291 28.29 22.79 3.30
CA HIS D 291 27.12 23.06 2.48
C HIS D 291 27.34 22.54 1.05
N GLU D 292 28.55 22.75 0.50
CA GLU D 292 28.90 22.35 -0.88
C GLU D 292 28.83 20.83 -1.03
N GLY D 293 29.42 20.11 -0.05
CA GLY D 293 29.30 18.66 0.10
C GLY D 293 27.86 18.18 -0.03
N VAL D 294 26.95 18.71 0.80
CA VAL D 294 25.50 18.32 0.77
C VAL D 294 24.88 18.61 -0.61
N ARG D 295 25.16 19.78 -1.20
CA ARG D 295 24.57 20.15 -2.52
C ARG D 295 25.05 19.21 -3.65
N ARG D 296 26.32 18.82 -3.63
CA ARG D 296 26.87 18.02 -4.74
C ARG D 296 26.92 16.52 -4.36
N PHE D 297 26.03 16.09 -3.44
CA PHE D 297 26.10 14.79 -2.78
C PHE D 297 26.05 13.63 -3.78
N ASP D 298 25.21 13.71 -4.81
CA ASP D 298 24.95 12.54 -5.67
C ASP D 298 26.16 12.10 -6.48
N GLU D 299 26.97 13.08 -6.90
CA GLU D 299 28.18 12.82 -7.70
C GLU D 299 29.30 12.31 -6.79
N ILE D 300 29.36 12.78 -5.54
CA ILE D 300 30.33 12.28 -4.54
C ILE D 300 30.04 10.80 -4.20
N LEU D 301 28.77 10.43 -4.13
CA LEU D 301 28.39 9.07 -3.78
C LEU D 301 28.75 8.10 -4.92
N GLU D 302 28.62 8.54 -6.17
CA GLU D 302 28.95 7.66 -7.31
C GLU D 302 30.47 7.38 -7.35
N ALA D 303 31.29 8.32 -6.89
CA ALA D 303 32.75 8.20 -6.93
C ALA D 303 33.31 7.41 -5.74
N SER D 304 32.62 7.40 -4.59
CA SER D 304 33.17 6.88 -3.31
C SER D 304 32.78 5.42 -3.11
N ASP D 305 33.43 4.76 -2.14
CA ASP D 305 33.08 3.41 -1.73
C ASP D 305 32.03 3.35 -0.59
N GLY D 306 31.74 4.51 0.02
CA GLY D 306 31.01 4.67 1.28
C GLY D 306 31.02 6.14 1.71
N ILE D 307 30.19 6.50 2.70
CA ILE D 307 30.01 7.91 3.09
C ILE D 307 30.07 8.01 4.62
N MET D 308 30.62 9.10 5.16
CA MET D 308 30.51 9.35 6.60
C MET D 308 29.80 10.68 6.84
N VAL D 309 28.73 10.64 7.65
CA VAL D 309 28.04 11.89 8.06
C VAL D 309 28.78 12.48 9.27
N ALA D 310 29.50 13.58 9.06
CA ALA D 310 30.37 14.14 10.10
C ALA D 310 29.63 15.28 10.83
N ARG D 311 28.88 14.94 11.88
CA ARG D 311 27.86 15.86 12.43
C ARG D 311 28.49 17.08 13.12
N GLY D 312 29.63 16.87 13.78
CA GLY D 312 30.33 17.93 14.52
C GLY D 312 30.61 19.14 13.65
N ASP D 313 31.41 18.95 12.60
CA ASP D 313 31.76 20.02 11.68
C ASP D 313 30.55 20.56 10.90
N LEU D 314 29.70 19.66 10.41
CA LEU D 314 28.50 20.00 9.62
C LEU D 314 27.56 20.89 10.43
N GLY D 315 27.49 20.68 11.75
CA GLY D 315 26.63 21.48 12.63
C GLY D 315 27.13 22.89 12.92
N ILE D 316 28.26 23.30 12.33
CA ILE D 316 28.76 24.67 12.45
C ILE D 316 28.52 25.39 11.12
N GLU D 317 28.74 24.68 10.01
CA GLU D 317 28.63 25.27 8.68
C GLU D 317 27.17 25.49 8.30
N ILE D 318 26.28 24.55 8.61
CA ILE D 318 24.82 24.79 8.45
C ILE D 318 24.21 25.02 9.84
N PRO D 319 23.00 25.65 9.94
CA PRO D 319 22.29 25.85 11.24
C PRO D 319 21.99 24.52 11.96
N ALA D 320 22.16 24.47 13.28
CA ALA D 320 22.21 23.20 14.01
C ALA D 320 20.86 22.44 13.97
N GLU D 321 19.75 23.17 13.82
CA GLU D 321 18.42 22.56 13.75
C GLU D 321 18.15 21.92 12.37
N LYS D 322 19.11 21.98 11.44
CA LYS D 322 18.94 21.41 10.10
C LYS D 322 19.79 20.15 9.93
N VAL D 323 20.72 19.90 10.86
CA VAL D 323 21.64 18.73 10.82
C VAL D 323 20.83 17.42 10.70
N PHE D 324 19.76 17.25 11.49
CA PHE D 324 18.95 16.03 11.44
C PHE D 324 18.34 15.80 10.03
N LEU D 325 18.07 16.86 9.26
CA LEU D 325 17.53 16.70 7.91
C LEU D 325 18.61 16.18 6.95
N ALA D 326 19.84 16.73 7.06
CA ALA D 326 20.95 16.33 6.19
C ALA D 326 21.30 14.86 6.46
N GLN D 327 21.23 14.43 7.73
CA GLN D 327 21.53 13.06 8.14
C GLN D 327 20.57 12.05 7.49
N LYS D 328 19.27 12.33 7.51
CA LYS D 328 18.24 11.40 7.02
C LYS D 328 18.22 11.36 5.48
N MET D 329 18.42 12.51 4.84
CA MET D 329 18.57 12.56 3.39
C MET D 329 19.75 11.64 2.98
N MET D 330 20.88 11.76 3.65
CA MET D 330 22.07 11.02 3.26
C MET D 330 21.95 9.52 3.59
N ILE D 331 21.33 9.14 4.72
CA ILE D 331 21.18 7.72 4.97
C ILE D 331 20.24 7.12 3.92
N GLY D 332 19.18 7.86 3.54
CA GLY D 332 18.20 7.40 2.54
C GLY D 332 18.84 7.13 1.19
N ARG D 333 19.63 8.06 0.68
CA ARG D 333 20.28 7.91 -0.63
C ARG D 333 21.30 6.75 -0.65
N CYS D 334 22.06 6.52 0.42
CA CYS D 334 23.00 5.38 0.44
C CYS D 334 22.30 4.00 0.48
N ASN D 335 21.23 3.86 1.28
CA ASN D 335 20.42 2.64 1.30
C ASN D 335 19.88 2.31 -0.11
N ARG D 336 19.43 3.34 -0.83
CA ARG D 336 18.91 3.20 -2.21
C ARG D 336 20.02 2.75 -3.16
N ALA D 337 21.25 3.22 -2.99
CA ALA D 337 22.40 2.86 -3.87
C ALA D 337 23.08 1.56 -3.42
N GLY D 338 22.70 0.97 -2.29
CA GLY D 338 23.43 -0.19 -1.73
C GLY D 338 24.88 0.14 -1.36
N LYS D 339 25.15 1.33 -0.83
CA LYS D 339 26.51 1.68 -0.34
C LYS D 339 26.48 1.93 1.16
N PRO D 340 27.59 1.62 1.89
CA PRO D 340 27.75 1.81 3.35
C PRO D 340 27.68 3.29 3.82
N VAL D 341 26.98 3.56 4.91
CA VAL D 341 26.93 4.91 5.49
C VAL D 341 27.19 4.83 7.00
N ILE D 342 28.08 5.70 7.49
CA ILE D 342 28.54 5.71 8.91
C ILE D 342 28.02 6.99 9.57
N CYS D 343 27.49 6.86 10.78
CA CYS D 343 27.02 8.03 11.54
C CYS D 343 28.01 8.35 12.69
N ALA D 344 28.55 9.57 12.71
CA ALA D 344 29.69 9.92 13.63
C ALA D 344 29.39 11.14 14.50
N THR D 345 30.09 11.25 15.64
CA THR D 345 30.32 12.51 16.44
C THR D 345 29.20 12.79 17.46
N GLN D 346 29.63 12.88 18.72
CA GLN D 346 28.83 13.30 19.90
C GLN D 346 27.66 12.33 20.21
N MET D 347 27.79 11.06 19.85
CA MET D 347 26.69 10.09 20.06
C MET D 347 26.51 9.73 21.54
N LEU D 348 27.58 9.53 22.32
CA LEU D 348 27.50 9.17 23.77
C LEU D 348 28.36 10.14 24.60
N GLU D 349 28.29 11.43 24.31
CA GLU D 349 29.31 12.45 24.71
C GLU D 349 29.43 12.57 26.23
N SER D 350 28.32 12.45 26.95
CA SER D 350 28.33 12.55 28.43
C SER D 350 29.12 11.41 29.11
N MET D 351 29.39 10.30 28.40
CA MET D 351 30.09 9.13 28.99
C MET D 351 31.61 9.37 29.06
N ILE D 352 32.07 10.57 28.69
CA ILE D 352 33.45 11.00 28.96
C ILE D 352 33.66 11.11 30.48
N LYS D 353 32.69 11.71 31.19
CA LYS D 353 32.87 12.04 32.62
C LYS D 353 32.08 11.09 33.53
N LYS D 354 30.95 10.55 33.06
CA LYS D 354 30.05 9.72 33.92
C LYS D 354 29.91 8.32 33.31
N PRO D 355 29.68 7.28 34.16
CA PRO D 355 29.61 5.89 33.61
C PRO D 355 28.27 5.49 32.95
N ARG D 356 27.28 6.38 32.92
CA ARG D 356 25.96 6.11 32.29
C ARG D 356 25.62 7.27 31.34
N PRO D 357 24.93 6.97 30.21
CA PRO D 357 24.55 8.07 29.30
C PRO D 357 23.23 8.77 29.74
N THR D 358 22.99 9.97 29.21
CA THR D 358 21.71 10.67 29.41
C THR D 358 20.60 9.99 28.60
N ARG D 359 19.34 10.29 28.92
CA ARG D 359 18.17 9.75 28.16
C ARG D 359 18.23 10.13 26.67
N ALA D 360 18.65 11.35 26.33
CA ALA D 360 18.75 11.80 24.91
C ALA D 360 19.77 10.95 24.13
N GLU D 361 20.94 10.67 24.72
CA GLU D 361 22.01 9.90 24.06
C GLU D 361 21.55 8.46 23.75
N GLY D 362 20.80 7.84 24.65
CA GLY D 362 20.22 6.53 24.38
C GLY D 362 19.28 6.52 23.18
N SER D 363 18.53 7.61 22.98
CA SER D 363 17.57 7.66 21.88
C SER D 363 18.24 8.05 20.55
N ASP D 364 19.33 8.81 20.58
CA ASP D 364 20.09 9.19 19.38
C ASP D 364 20.82 8.02 18.62
N VAL D 365 21.44 7.12 19.36
CA VAL D 365 22.02 5.87 18.83
C VAL D 365 20.90 4.96 18.26
N ALA D 366 19.79 4.77 18.97
CA ALA D 366 18.68 3.92 18.46
C ALA D 366 18.10 4.47 17.15
N ASN D 367 17.99 5.79 17.03
CA ASN D 367 17.36 6.40 15.88
C ASN D 367 18.27 6.29 14.63
N ALA D 368 19.60 6.35 14.79
CA ALA D 368 20.52 6.14 13.66
C ALA D 368 20.40 4.71 13.11
N VAL D 369 20.32 3.73 14.01
CA VAL D 369 20.10 2.34 13.64
C VAL D 369 18.72 2.17 12.95
N LEU D 370 17.63 2.73 13.47
CA LEU D 370 16.32 2.66 12.77
C LEU D 370 16.28 3.46 11.46
N ASP D 371 17.03 4.55 11.28
CA ASP D 371 17.07 5.20 9.94
C ASP D 371 17.77 4.32 8.88
N GLY D 372 18.78 3.54 9.28
CA GLY D 372 19.44 2.66 8.36
C GLY D 372 20.97 2.79 8.32
N ALA D 373 21.63 3.39 9.31
CA ALA D 373 23.12 3.44 9.38
C ALA D 373 23.70 2.02 9.42
N ASP D 374 24.74 1.78 8.60
CA ASP D 374 25.60 0.58 8.68
C ASP D 374 26.52 0.50 9.91
N CYS D 375 27.14 1.61 10.34
CA CYS D 375 27.98 1.61 11.54
C CYS D 375 27.81 2.91 12.33
N ILE D 376 28.16 2.84 13.60
CA ILE D 376 28.18 4.01 14.48
C ILE D 376 29.61 4.16 15.03
N MET D 377 30.00 5.39 15.36
CA MET D 377 31.39 5.75 15.69
C MET D 377 31.47 6.46 17.06
N LEU D 378 32.41 6.02 17.90
CA LEU D 378 32.79 6.74 19.14
C LEU D 378 34.07 7.56 18.90
N SER D 379 34.13 8.78 19.43
CA SER D 379 35.35 9.63 19.33
C SER D 379 35.98 9.85 20.71
N GLY D 380 35.69 11.01 21.34
CA GLY D 380 36.15 11.36 22.69
C GLY D 380 35.92 10.25 23.71
N GLU D 381 34.79 9.56 23.61
CA GLU D 381 34.35 8.53 24.59
C GLU D 381 35.43 7.44 24.76
N THR D 382 36.15 7.08 23.68
CA THR D 382 37.13 5.97 23.73
C THR D 382 38.57 6.50 23.67
N ALA D 383 38.74 7.71 23.17
CA ALA D 383 40.07 8.30 22.97
C ALA D 383 40.58 8.90 24.28
N LYS D 384 39.75 9.73 24.93
CA LYS D 384 40.23 10.62 25.99
C LYS D 384 39.48 10.38 27.32
N GLY D 385 38.31 9.76 27.26
CA GLY D 385 37.39 9.71 28.42
C GLY D 385 37.82 8.73 29.50
N ASP D 386 37.03 8.65 30.55
CA ASP D 386 37.37 7.87 31.76
C ASP D 386 36.80 6.46 31.80
N TYR D 387 35.92 6.15 30.85
CA TYR D 387 35.14 4.91 30.91
C TYR D 387 35.06 4.23 29.54
N PRO D 388 36.20 4.09 28.79
CA PRO D 388 36.15 3.56 27.38
C PRO D 388 35.39 2.23 27.20
N LEU D 389 35.57 1.26 28.10
CA LEU D 389 34.94 -0.06 27.97
C LEU D 389 33.43 0.02 28.18
N GLU D 390 32.97 0.82 29.14
CA GLU D 390 31.53 0.99 29.42
C GLU D 390 30.83 1.60 28.19
N ALA D 391 31.50 2.54 27.51
CA ALA D 391 30.94 3.18 26.31
C ALA D 391 30.80 2.14 25.18
N VAL D 392 31.83 1.32 24.95
CA VAL D 392 31.71 0.26 23.92
C VAL D 392 30.55 -0.68 24.30
N ARG D 393 30.38 -1.02 25.58
CA ARG D 393 29.34 -2.00 26.00
C ARG D 393 27.92 -1.39 25.87
N MET D 394 27.80 -0.08 26.04
CA MET D 394 26.52 0.61 25.91
C MET D 394 26.05 0.60 24.44
N GLN D 395 26.95 0.88 23.50
CA GLN D 395 26.64 0.85 22.08
C GLN D 395 26.22 -0.56 21.62
N HIS D 396 26.95 -1.58 22.07
CA HIS D 396 26.56 -2.96 21.80
C HIS D 396 25.11 -3.25 22.26
N LEU D 397 24.73 -2.91 23.50
CA LEU D 397 23.37 -3.25 24.03
C LEU D 397 22.27 -2.50 23.29
N ILE D 398 22.44 -1.20 23.03
CA ILE D 398 21.40 -0.35 22.39
C ILE D 398 21.12 -0.86 20.97
N ALA D 399 22.18 -1.09 20.20
CA ALA D 399 22.10 -1.45 18.77
C ALA D 399 21.35 -2.77 18.58
N ARG D 400 21.67 -3.74 19.42
CA ARG D 400 21.00 -5.04 19.44
C ARG D 400 19.48 -4.87 19.66
N GLU D 401 19.08 -4.03 20.62
CA GLU D 401 17.67 -3.77 20.91
C GLU D 401 16.99 -3.04 19.72
N ALA D 402 17.63 -2.03 19.13
CA ALA D 402 16.98 -1.27 18.04
C ALA D 402 16.74 -2.19 16.83
N GLU D 403 17.69 -3.10 16.55
CA GLU D 403 17.56 -4.04 15.39
C GLU D 403 16.30 -4.91 15.47
N ALA D 404 15.79 -5.20 16.66
CA ALA D 404 14.58 -6.05 16.82
C ALA D 404 13.27 -5.26 16.58
N ALA D 405 13.35 -3.94 16.38
CA ALA D 405 12.18 -3.09 16.22
C ALA D 405 12.02 -2.60 14.77
N ILE D 406 12.89 -3.03 13.84
CA ILE D 406 12.80 -2.61 12.42
C ILE D 406 11.51 -3.16 11.79
N TYR D 407 10.83 -2.39 10.95
CA TYR D 407 9.59 -2.86 10.31
C TYR D 407 9.93 -3.51 8.97
N HIS D 408 10.35 -4.79 9.04
CA HIS D 408 11.01 -5.53 7.91
C HIS D 408 10.06 -5.74 6.73
N LEU D 409 8.77 -5.89 7.02
CA LEU D 409 7.75 -6.13 6.02
C LEU D 409 7.71 -4.98 5.01
N GLN D 410 7.69 -3.73 5.49
CA GLN D 410 7.59 -2.58 4.59
C GLN D 410 8.94 -2.29 3.93
N LEU D 411 10.04 -2.47 4.66
CA LEU D 411 11.39 -2.10 4.17
C LEU D 411 11.79 -3.00 2.99
N PHE D 412 11.56 -4.33 3.13
CA PHE D 412 11.87 -5.30 2.08
C PHE D 412 10.98 -5.09 0.85
N GLU D 413 9.68 -4.84 1.04
CA GLU D 413 8.74 -4.49 -0.05
C GLU D 413 9.25 -3.28 -0.87
N GLU D 414 9.77 -2.24 -0.22
CA GLU D 414 10.20 -1.04 -0.92
C GLU D 414 11.51 -1.28 -1.68
N LEU D 415 12.49 -1.96 -1.07
CA LEU D 415 13.80 -2.18 -1.73
C LEU D 415 13.61 -3.06 -2.99
N ARG D 416 12.70 -4.04 -2.93
CA ARG D 416 12.35 -4.86 -4.11
C ARG D 416 11.74 -4.03 -5.24
N ARG D 417 10.71 -3.22 -4.95
CA ARG D 417 9.99 -2.41 -5.96
C ARG D 417 10.95 -1.45 -6.70
N LEU D 418 12.13 -1.26 -6.12
CA LEU D 418 13.02 -0.22 -6.53
C LEU D 418 14.25 -0.83 -7.22
N ALA D 419 14.34 -2.16 -7.15
CA ALA D 419 15.44 -2.93 -7.73
C ALA D 419 15.24 -3.09 -9.25
N PRO D 420 16.31 -2.90 -10.05
CA PRO D 420 16.29 -3.13 -11.52
C PRO D 420 16.09 -4.61 -11.91
N ILE D 421 15.38 -4.84 -13.03
CA ILE D 421 15.40 -6.14 -13.72
C ILE D 421 16.68 -6.19 -14.57
N THR D 422 17.44 -7.27 -14.41
CA THR D 422 18.83 -7.43 -14.91
C THR D 422 19.06 -8.93 -15.17
N SER D 423 19.94 -9.28 -16.11
CA SER D 423 20.17 -10.72 -16.41
C SER D 423 21.28 -11.34 -15.54
N ASP D 424 21.82 -10.57 -14.58
CA ASP D 424 22.86 -11.03 -13.65
C ASP D 424 22.45 -12.16 -12.65
N PRO D 425 23.01 -13.37 -12.82
CA PRO D 425 22.64 -14.51 -11.94
C PRO D 425 22.84 -14.26 -10.44
N THR D 426 23.82 -13.44 -10.07
CA THR D 426 24.21 -13.34 -8.66
C THR D 426 23.18 -12.51 -7.89
N GLU D 427 22.71 -11.43 -8.51
CA GLU D 427 21.62 -10.59 -8.03
C GLU D 427 20.33 -11.41 -7.83
N ALA D 428 19.92 -12.22 -8.82
CA ALA D 428 18.70 -13.07 -8.72
C ALA D 428 18.82 -14.09 -7.58
N THR D 429 20.00 -14.67 -7.38
CA THR D 429 20.21 -15.59 -6.29
C THR D 429 20.09 -14.89 -4.93
N ALA D 430 20.62 -13.66 -4.77
CA ALA D 430 20.62 -12.96 -3.48
C ALA D 430 19.19 -12.62 -3.04
N VAL D 431 18.35 -12.14 -3.98
CA VAL D 431 17.01 -11.77 -3.61
C VAL D 431 16.16 -13.01 -3.30
N GLY D 432 16.29 -14.09 -4.09
CA GLY D 432 15.79 -15.41 -3.69
C GLY D 432 16.16 -15.81 -2.27
N ALA D 433 17.44 -15.70 -1.90
CA ALA D 433 17.92 -16.11 -0.56
C ALA D 433 17.30 -15.28 0.55
N VAL D 434 17.15 -13.97 0.36
CA VAL D 434 16.61 -13.12 1.40
C VAL D 434 15.12 -13.42 1.59
N GLU D 435 14.39 -13.46 0.47
CA GLU D 435 12.99 -13.89 0.47
C GLU D 435 12.81 -15.25 1.18
N ALA D 436 13.58 -16.31 0.86
CA ALA D 436 13.42 -17.58 1.62
C ALA D 436 13.71 -17.43 3.12
N SER D 437 14.65 -16.57 3.52
CA SER D 437 15.01 -16.45 4.95
C SER D 437 13.85 -15.89 5.79
N PHE D 438 12.99 -15.05 5.20
CA PHE D 438 11.81 -14.52 5.90
C PHE D 438 10.75 -15.60 6.08
N LYS D 439 10.51 -16.42 5.05
CA LYS D 439 9.49 -17.46 5.00
C LYS D 439 9.77 -18.59 6.00
N CYS D 440 11.02 -19.00 6.20
CA CYS D 440 11.28 -20.12 7.13
C CYS D 440 11.89 -19.67 8.46
N CYS D 441 11.94 -18.35 8.71
CA CYS D 441 12.56 -17.74 9.94
C CYS D 441 13.92 -18.40 10.24
N SER D 442 14.87 -18.30 9.31
CA SER D 442 16.15 -18.96 9.42
C SER D 442 17.07 -18.25 10.43
N GLY D 443 18.07 -18.99 10.90
CA GLY D 443 18.96 -18.53 11.91
C GLY D 443 20.19 -17.88 11.32
N ALA D 444 20.41 -18.00 9.99
CA ALA D 444 21.59 -17.39 9.34
C ALA D 444 21.56 -17.58 7.81
N ILE D 445 22.34 -16.78 7.09
CA ILE D 445 22.62 -16.99 5.65
C ILE D 445 24.15 -17.19 5.50
N ILE D 446 24.61 -18.33 5.02
CA ILE D 446 26.06 -18.61 4.94
C ILE D 446 26.52 -18.37 3.49
N VAL D 447 27.53 -17.55 3.26
CA VAL D 447 27.94 -17.20 1.88
C VAL D 447 29.44 -17.50 1.78
N LEU D 448 29.88 -18.23 0.75
CA LEU D 448 31.35 -18.33 0.48
C LEU D 448 31.75 -17.19 -0.48
N THR D 449 32.84 -16.48 -0.18
CA THR D 449 33.18 -15.23 -0.91
C THR D 449 34.71 -15.07 -1.06
N LYS D 450 35.22 -14.70 -2.24
CA LYS D 450 36.65 -14.31 -2.40
C LYS D 450 36.82 -12.80 -2.21
N SER D 451 36.13 -12.00 -3.02
CA SER D 451 36.28 -10.56 -3.05
C SER D 451 35.33 -9.86 -2.06
N GLY D 452 34.37 -10.58 -1.49
CA GLY D 452 33.32 -9.98 -0.67
C GLY D 452 32.02 -9.73 -1.44
N ARG D 453 32.07 -9.65 -2.77
CA ARG D 453 30.96 -9.08 -3.56
C ARG D 453 29.60 -9.81 -3.37
N SER D 454 29.61 -11.13 -3.26
CA SER D 454 28.41 -11.94 -3.00
C SER D 454 27.74 -11.61 -1.66
N ALA D 455 28.51 -11.37 -0.60
CA ALA D 455 27.94 -11.01 0.70
C ALA D 455 27.34 -9.60 0.64
N HIS D 456 28.01 -8.66 -0.04
CA HIS D 456 27.50 -7.25 -0.19
C HIS D 456 26.16 -7.23 -0.92
N GLN D 457 25.90 -8.18 -1.81
CA GLN D 457 24.65 -8.23 -2.54
C GLN D 457 23.49 -8.76 -1.67
N VAL D 458 23.76 -9.63 -0.73
CA VAL D 458 22.73 -10.10 0.19
C VAL D 458 22.40 -8.97 1.18
N ALA D 459 23.43 -8.19 1.57
CA ALA D 459 23.30 -7.23 2.68
C ALA D 459 22.44 -6.04 2.26
N ARG D 460 22.41 -5.70 0.98
CA ARG D 460 21.62 -4.55 0.56
C ARG D 460 20.10 -4.80 0.66
N TYR D 461 19.64 -6.04 0.82
CA TYR D 461 18.20 -6.30 1.02
C TYR D 461 17.81 -6.32 2.50
N ARG D 462 18.77 -6.10 3.38
CA ARG D 462 18.52 -5.92 4.81
C ARG D 462 17.74 -7.11 5.41
N PRO D 463 18.25 -8.38 5.31
CA PRO D 463 17.66 -9.54 6.03
C PRO D 463 17.58 -9.36 7.54
N ARG D 464 16.71 -10.12 8.20
CA ARG D 464 16.67 -10.11 9.68
C ARG D 464 17.81 -10.98 10.20
N ALA D 465 18.07 -12.10 9.53
CA ALA D 465 19.09 -13.07 9.92
C ALA D 465 20.51 -12.51 9.68
N PRO D 466 21.52 -12.92 10.50
CA PRO D 466 22.94 -12.61 10.26
C PRO D 466 23.49 -13.29 8.99
N ILE D 467 24.42 -12.63 8.31
CA ILE D 467 25.10 -13.17 7.14
C ILE D 467 26.50 -13.61 7.56
N ILE D 468 26.77 -14.90 7.56
CA ILE D 468 28.10 -15.39 7.92
C ILE D 468 28.91 -15.56 6.63
N ALA D 469 29.89 -14.69 6.37
CA ALA D 469 30.67 -14.78 5.13
C ALA D 469 32.00 -15.54 5.38
N VAL D 470 32.23 -16.66 4.70
CA VAL D 470 33.45 -17.46 4.93
C VAL D 470 34.46 -17.15 3.81
N THR D 471 35.68 -16.81 4.19
CA THR D 471 36.68 -16.38 3.21
C THR D 471 38.07 -16.90 3.63
N ARG D 472 38.99 -16.92 2.67
CA ARG D 472 40.40 -17.24 2.91
C ARG D 472 41.27 -15.99 2.78
N ASN D 473 40.69 -14.90 2.26
CA ASN D 473 41.39 -13.65 2.02
C ASN D 473 41.28 -12.75 3.27
N PRO D 474 42.39 -12.55 4.02
CA PRO D 474 42.30 -11.76 5.29
C PRO D 474 41.86 -10.28 5.15
N GLN D 475 42.19 -9.61 4.06
CA GLN D 475 41.76 -8.22 3.86
C GLN D 475 40.26 -8.13 3.51
N THR D 476 39.72 -9.09 2.75
CA THR D 476 38.28 -9.18 2.52
C THR D 476 37.54 -9.32 3.87
N ALA D 477 38.11 -10.03 4.83
CA ALA D 477 37.43 -10.25 6.10
C ALA D 477 37.44 -8.97 6.96
N ARG D 478 38.45 -8.12 6.87
CA ARG D 478 38.49 -6.87 7.66
C ARG D 478 37.52 -5.84 7.06
N GLN D 479 37.46 -5.72 5.74
CA GLN D 479 36.61 -4.68 5.09
C GLN D 479 35.12 -5.01 5.23
N ALA D 480 34.74 -6.27 5.40
CA ALA D 480 33.31 -6.64 5.47
C ALA D 480 32.61 -6.06 6.72
N HIS D 481 33.34 -5.44 7.64
CA HIS D 481 32.72 -4.79 8.80
C HIS D 481 31.89 -3.56 8.41
N LEU D 482 32.13 -2.95 7.25
CA LEU D 482 31.39 -1.74 6.85
C LEU D 482 29.94 -2.03 6.40
N TYR D 483 29.48 -3.28 6.26
CA TYR D 483 28.12 -3.51 5.74
C TYR D 483 27.24 -4.16 6.81
N ARG D 484 26.00 -3.72 6.89
CA ARG D 484 25.14 -4.06 7.98
C ARG D 484 24.79 -5.54 7.86
N GLY D 485 25.05 -6.29 8.92
CA GLY D 485 24.59 -7.67 8.98
C GLY D 485 25.67 -8.69 8.67
N ILE D 486 26.78 -8.32 8.00
CA ILE D 486 27.85 -9.27 7.65
C ILE D 486 28.73 -9.59 8.88
N PHE D 487 28.79 -10.87 9.27
CA PHE D 487 29.65 -11.40 10.35
C PHE D 487 30.80 -12.20 9.71
N PRO D 488 31.99 -11.60 9.52
CA PRO D 488 32.99 -12.28 8.64
C PRO D 488 33.83 -13.34 9.39
N VAL D 489 34.08 -14.51 8.79
CA VAL D 489 34.96 -15.53 9.44
C VAL D 489 36.11 -15.94 8.51
N LEU D 490 37.30 -16.11 9.08
CA LEU D 490 38.51 -16.39 8.28
C LEU D 490 38.87 -17.87 8.37
N CYS D 491 38.86 -18.55 7.23
CA CYS D 491 39.20 -19.97 7.16
C CYS D 491 40.73 -20.11 7.05
N LYS D 492 41.31 -20.93 7.92
CA LYS D 492 42.76 -21.07 7.99
C LYS D 492 43.22 -22.33 7.27
N ASP D 493 42.37 -23.37 7.29
CA ASP D 493 42.62 -24.70 6.70
C ASP D 493 43.20 -24.69 5.26
N PRO D 494 44.10 -25.65 4.95
CA PRO D 494 44.66 -25.77 3.58
C PRO D 494 43.62 -26.24 2.55
N VAL D 495 43.79 -25.81 1.31
CA VAL D 495 42.92 -26.21 0.18
C VAL D 495 42.98 -27.74 0.00
N GLN D 496 41.80 -28.37 -0.07
CA GLN D 496 41.66 -29.81 -0.36
C GLN D 496 41.88 -30.05 -1.86
N GLU D 497 42.15 -31.30 -2.23
CA GLU D 497 42.45 -31.67 -3.63
C GLU D 497 41.18 -31.62 -4.50
N ALA D 498 40.11 -32.26 -4.03
CA ALA D 498 38.80 -32.26 -4.72
C ALA D 498 38.06 -30.95 -4.38
N TRP D 499 37.58 -30.24 -5.39
CA TRP D 499 37.00 -28.91 -5.19
C TRP D 499 35.67 -28.97 -4.41
N ALA D 500 34.83 -29.96 -4.69
CA ALA D 500 33.56 -30.12 -3.96
C ALA D 500 33.82 -30.46 -2.50
N GLU D 501 35.00 -31.00 -2.21
CA GLU D 501 35.36 -31.40 -0.86
C GLU D 501 35.80 -30.17 -0.05
N ASP D 502 36.59 -29.31 -0.68
CA ASP D 502 36.96 -28.00 -0.17
C ASP D 502 35.75 -27.10 0.18
N VAL D 503 34.69 -27.19 -0.64
CA VAL D 503 33.46 -26.39 -0.43
C VAL D 503 32.71 -26.87 0.82
N ASP D 504 32.54 -28.18 0.99
CA ASP D 504 31.89 -28.75 2.19
C ASP D 504 32.61 -28.45 3.50
N LEU D 505 33.94 -28.39 3.45
CA LEU D 505 34.77 -28.08 4.61
C LEU D 505 34.44 -26.68 5.15
N ARG D 506 34.44 -25.66 4.26
CA ARG D 506 34.14 -24.26 4.60
C ARG D 506 32.68 -24.09 5.07
N VAL D 507 31.71 -24.77 4.46
CA VAL D 507 30.34 -24.74 5.00
C VAL D 507 30.30 -25.31 6.42
N ASN D 508 31.04 -26.40 6.69
CA ASN D 508 31.00 -27.02 8.04
C ASN D 508 31.65 -26.09 9.08
N PHE D 509 32.75 -25.45 8.69
CA PHE D 509 33.41 -24.46 9.51
C PHE D 509 32.42 -23.36 9.95
N ALA D 510 31.67 -22.77 9.00
CA ALA D 510 30.65 -21.73 9.29
C ALA D 510 29.54 -22.24 10.22
N MET D 511 29.14 -23.52 10.12
CA MET D 511 28.13 -24.10 11.06
C MET D 511 28.68 -24.14 12.49
N ASN D 512 29.96 -24.49 12.68
CA ASN D 512 30.55 -24.60 14.02
C ASN D 512 30.64 -23.22 14.69
N VAL D 513 31.03 -22.21 13.92
CA VAL D 513 31.11 -20.83 14.40
C VAL D 513 29.74 -20.36 14.89
N GLY D 514 28.69 -20.57 14.10
CA GLY D 514 27.33 -20.15 14.49
C GLY D 514 26.83 -20.87 15.73
N LYS D 515 27.23 -22.14 15.91
CA LYS D 515 26.89 -22.93 17.12
C LYS D 515 27.61 -22.38 18.38
N ALA D 516 28.92 -22.19 18.30
CA ALA D 516 29.74 -21.64 19.40
C ALA D 516 29.24 -20.25 19.83
N ARG D 517 28.84 -19.40 18.88
CA ARG D 517 28.45 -18.00 19.16
C ARG D 517 26.98 -17.92 19.61
N GLY D 518 26.21 -18.99 19.43
CA GLY D 518 24.80 -19.04 19.86
C GLY D 518 23.83 -18.42 18.86
N PHE D 519 24.16 -18.41 17.56
CA PHE D 519 23.21 -17.88 16.55
C PHE D 519 22.10 -18.90 16.25
N PHE D 520 22.38 -20.19 16.48
CA PHE D 520 21.40 -21.27 16.25
C PHE D 520 21.89 -22.56 16.93
N LYS D 521 21.06 -23.60 16.88
CA LYS D 521 21.43 -24.90 17.47
C LYS D 521 20.91 -26.03 16.57
N LYS D 522 21.30 -27.26 16.91
CA LYS D 522 20.99 -28.45 16.11
C LYS D 522 19.48 -28.54 15.82
N GLY D 523 19.14 -28.78 14.57
CA GLY D 523 17.75 -28.93 14.14
C GLY D 523 17.13 -27.66 13.58
N ASP D 524 17.81 -26.51 13.71
CA ASP D 524 17.41 -25.23 13.08
C ASP D 524 17.64 -25.23 11.56
N VAL D 525 17.19 -24.18 10.85
CA VAL D 525 17.29 -24.12 9.39
C VAL D 525 18.20 -22.96 8.98
N VAL D 526 19.17 -23.21 8.09
CA VAL D 526 20.05 -22.16 7.52
C VAL D 526 19.96 -22.15 5.99
N ILE D 527 20.24 -20.99 5.36
CA ILE D 527 20.35 -20.85 3.87
C ILE D 527 21.85 -20.89 3.51
N VAL D 528 22.26 -21.62 2.48
CA VAL D 528 23.70 -21.69 2.10
C VAL D 528 23.85 -21.23 0.64
N LEU D 529 24.64 -20.20 0.37
CA LEU D 529 24.89 -19.73 -1.01
C LEU D 529 26.26 -20.19 -1.52
N THR D 530 26.32 -20.78 -2.73
CA THR D 530 27.62 -21.17 -3.36
C THR D 530 27.55 -20.97 -4.87
N GLY D 531 28.67 -21.23 -5.56
CA GLY D 531 28.80 -21.12 -7.03
C GLY D 531 29.01 -22.46 -7.71
N TRP D 532 29.11 -22.47 -9.03
CA TRP D 532 29.13 -23.77 -9.78
C TRP D 532 30.55 -24.18 -10.15
N ARG D 533 31.50 -23.24 -10.14
CA ARG D 533 32.93 -23.48 -10.39
C ARG D 533 33.77 -22.53 -9.50
N PRO D 534 35.12 -22.74 -9.36
CA PRO D 534 36.06 -21.85 -8.61
C PRO D 534 36.28 -20.47 -9.25
N GLY D 535 36.75 -19.48 -8.48
CA GLY D 535 36.96 -18.10 -8.98
C GLY D 535 35.83 -17.16 -8.58
N SER D 536 36.02 -15.85 -8.74
CA SER D 536 34.98 -14.88 -8.41
C SER D 536 33.92 -14.82 -9.51
N GLY D 537 32.67 -14.51 -9.12
CA GLY D 537 31.65 -14.06 -10.05
C GLY D 537 30.70 -15.15 -10.51
N PHE D 538 30.70 -16.32 -9.84
CA PHE D 538 29.84 -17.45 -10.30
C PHE D 538 28.90 -17.98 -9.22
N THR D 539 28.53 -17.18 -8.21
CA THR D 539 27.53 -17.61 -7.21
C THR D 539 26.17 -17.81 -7.88
N ASN D 540 25.55 -18.98 -7.76
CA ASN D 540 24.30 -19.20 -8.54
C ASN D 540 23.37 -20.23 -7.84
N THR D 541 23.75 -20.77 -6.69
CA THR D 541 23.03 -21.86 -6.01
C THR D 541 22.62 -21.43 -4.60
N MET D 542 21.36 -21.69 -4.22
CA MET D 542 20.83 -21.44 -2.88
C MET D 542 20.23 -22.76 -2.34
N ARG D 543 20.70 -23.27 -1.18
CA ARG D 543 20.12 -24.50 -0.51
C ARG D 543 19.55 -24.17 0.89
N VAL D 544 18.50 -24.89 1.30
CA VAL D 544 17.95 -24.78 2.65
C VAL D 544 18.33 -26.06 3.40
N VAL D 545 19.12 -25.98 4.47
CA VAL D 545 19.66 -27.20 5.12
C VAL D 545 19.46 -27.12 6.65
N PRO D 546 19.14 -28.25 7.30
CA PRO D 546 19.12 -28.39 8.80
C PRO D 546 20.53 -28.36 9.40
N VAL D 547 20.68 -27.75 10.59
CA VAL D 547 21.99 -27.66 11.24
C VAL D 547 22.37 -29.06 11.78
N PRO D 548 23.51 -29.61 11.33
CA PRO D 548 23.91 -31.00 11.61
C PRO D 548 24.26 -31.21 13.10
#